data_3EGX
#
_entry.id   3EGX
#
_cell.length_a   148.150
_cell.length_b   97.230
_cell.length_c   129.510
_cell.angle_alpha   90.00
_cell.angle_beta   90.01
_cell.angle_gamma   90.00
#
_symmetry.space_group_name_H-M   'C 1 2 1'
#
loop_
_entity.id
_entity.type
_entity.pdbx_description
1 polymer 'Protein transport protein Sec23A'
2 polymer 'Protein transport protein Sec24A'
3 polymer 'Vesicle-trafficking protein SEC22b'
4 polymer '9-residue synthetic peptide from SNARE protein Bet1'
5 non-polymer 'ZINC ION'
#
loop_
_entity_poly.entity_id
_entity_poly.type
_entity_poly.pdbx_seq_one_letter_code
_entity_poly.pdbx_strand_id
1 'polypeptide(L)'
;MTTYLEFIQQNEERDGVRFSWNVWPSSRLEATRMVVPVAALFTPLKERPDLPPIQYEPVLCSRTTCRAVLNPLCQVDYRA
KLWACNFCYQRNQFPPSYAGISELNQPAELLPQFSSIEYVVLRGPQMPLIFLYVVDTCMEDEDLQALKESMQMSLSLLPP
TALVGLITFGRMVQVHELGCEGISKSYVFRGTKDLSAKQLQEMLGLSKVPLTQATRGPQVQQPPPSNRFLQPVQKIDMNL
TDLLGELQRDPWPVPQGKRPLRSSGVALSIAVGLLECTFPNTGARIMMFIGGPATQGPGMVVGDELKTPIRSWHDIDKDN
AKYVKKGTKHFEALANRAATTGHVIDIYACALDQTGLLEMKCCPNLTGGYMVMGDSFNTSLFKQTFQRVFTKDMHGQFKM
GFGGTLEIKTSREIKISGAIGPCVSLNSKGPCVSENEIGTGGTCQWKICGLSPTTTLAIYFEVVNQHNAPIPQGGRGAIQ
FVTQYQHSSGQRRIRVTTIARNWADAQTQIQNIAASFDQEAAAILMARLAIYRAETEEGPDVLRWLDRQLIRLCQKFGEY
HKDDPSSFRFSETFSLYPQFMFHLRRSSFLQVFNNSPDESSYYRHHFMRQDLTQSLIMIQPILYAYSFSGPPEPVLLDSS
SILADRILLMDTFFQILIYHGETIAQWRKSGYQDMPEYENFRHLLQAPVDDAQEILHSRFPMPRYIDTEHGGSQARFLLS
KVNPSQTHNNMYAWGQESGAPILTDDVSLQVFMDHLKKLAVSSA
;
A
2 'polypeptide(L)'
;EGLRVVNLLQERNMLPSTPLKPPVPNLHEDIQKLNCNPELFRCTLTSIPQTQALLNKAKLPLGLLLHPFKDLVQLPVVTS
STIVRCRSCRTYINPFVSFLDQRRWKCNLCYRVNDVPEEFLYNPLTRVYGEPHRRPEVQNATIEFMAPSEYMLRPPQPPV
YLFVFDVSHNAVETGYLNSVCQSLLDNLDLLPGNTRTKIGFITFDSTIHFYGLQESLSQPQMLIVSDIEDVFIPMPENLL
VNLNESKELVQDLLKTLPQMFTKTLETQSALGPALQAAFKLMSPTGGRMSVFQTQLPTLGVGALKPREEPNHRSSAKDIH
MTPSTDFYKKLALDCSGQQVAVDLFLLSGQYSDLASLGCISRYSAGSVYYYPSYHHQHNPVQVQKLQKELQRYLTRKIGF
EAVMRIRCTKGLSIHTFHGNFFVRSTDLLSLPNVNPDAGYAVQMSVEESLTDTQLVSFQSALLYTSSKGERRIRVHTLCL
PVVSTLNDVFLGADVQAISGLLANMAVDRSMTASLSDARDALVNAVIDSLSAYRSSVLSNQQPGLMVPFSLRLFPLFVLA
LLKQKSFQTGTNARLDERIFAMCQVKNQPLVYLMLTTHPSLYRVDNLSDEGALNISDRTIPQPPILQLSVEKLSRDGAFL
MDAGSVLMLWVGKNCTQNFLSQVLGVQNYASIPQPMTDLPELDTPESARIIAFISWLREQRPFFPILYVIADESPMKANF
LQNMIEDRTESALSYYEFLLHIQQQVNK
;
B
3 'polypeptide(L)'
;MVLLTMIARVADGLPLAASMQEDEQSGRDLQQYQSQAKQLFRKLNEQSPTRCTLEAGAMTFHYIIEQGVCYLVLCEAAFP
KKLAFAYLEDLHSEFDEQHGKKVPTVSRPYSFIEFDTFIQKTKKLYIDSRARRNLGSINTELQDVQRIMVANIEEVL
;
C
4 'polypeptide(L)' GYSACEEEN D
#
# COMPACT_ATOMS: atom_id res chain seq x y z
N THR A 3 -41.94 -15.15 53.78
CA THR A 3 -41.42 -16.36 53.06
C THR A 3 -39.93 -16.26 52.73
N TYR A 4 -39.22 -17.38 52.69
CA TYR A 4 -37.80 -17.31 52.34
C TYR A 4 -37.69 -17.18 50.84
N LEU A 5 -38.66 -17.71 50.11
CA LEU A 5 -38.62 -17.58 48.67
C LEU A 5 -38.98 -16.15 48.37
N GLU A 6 -40.10 -15.69 48.92
CA GLU A 6 -40.52 -14.31 48.70
C GLU A 6 -39.34 -13.37 48.97
N PHE A 7 -38.48 -13.76 49.91
CA PHE A 7 -37.31 -12.96 50.27
C PHE A 7 -36.28 -12.93 49.16
N ILE A 8 -35.84 -14.11 48.73
CA ILE A 8 -34.86 -14.19 47.67
C ILE A 8 -35.33 -13.38 46.46
N GLN A 9 -36.57 -13.62 46.04
CA GLN A 9 -37.19 -12.94 44.88
C GLN A 9 -37.18 -11.42 45.00
N GLN A 10 -37.83 -10.90 46.04
CA GLN A 10 -37.91 -9.44 46.25
C GLN A 10 -36.58 -8.73 46.39
N ASN A 11 -35.52 -9.46 46.72
CA ASN A 11 -34.20 -8.86 46.87
C ASN A 11 -33.42 -8.86 45.56
N GLU A 12 -33.65 -9.86 44.71
CA GLU A 12 -32.97 -9.89 43.41
C GLU A 12 -33.66 -8.79 42.62
N GLU A 13 -34.99 -8.80 42.65
CA GLU A 13 -35.78 -7.80 41.96
C GLU A 13 -35.36 -6.37 42.27
N ARG A 14 -35.02 -6.10 43.52
CA ARG A 14 -34.65 -4.76 43.93
C ARG A 14 -33.16 -4.43 43.92
N ASP A 15 -32.34 -5.33 44.46
CA ASP A 15 -30.91 -5.06 44.50
C ASP A 15 -30.16 -5.99 43.59
N GLY A 16 -30.81 -6.46 42.54
CA GLY A 16 -30.16 -7.35 41.61
C GLY A 16 -28.93 -8.02 42.20
N VAL A 17 -29.18 -8.99 43.06
CA VAL A 17 -28.09 -9.71 43.70
C VAL A 17 -28.67 -10.91 44.40
N ARG A 18 -27.91 -11.99 44.46
CA ARG A 18 -28.34 -13.21 45.11
C ARG A 18 -27.14 -13.91 45.73
N PHE A 19 -27.32 -14.33 46.97
CA PHE A 19 -26.25 -15.01 47.67
C PHE A 19 -26.57 -16.48 47.83
N SER A 20 -25.51 -17.25 48.00
CA SER A 20 -25.63 -18.67 48.22
C SER A 20 -26.33 -18.82 49.58
N TRP A 21 -25.96 -17.95 50.53
CA TRP A 21 -26.56 -17.98 51.86
C TRP A 21 -26.99 -16.56 52.28
N ASN A 22 -28.27 -16.39 52.63
CA ASN A 22 -28.75 -15.08 53.04
C ASN A 22 -28.59 -14.81 54.53
N VAL A 23 -28.04 -15.81 55.22
CA VAL A 23 -27.75 -15.72 56.65
C VAL A 23 -26.35 -16.32 56.73
N TRP A 24 -25.41 -15.53 57.23
CA TRP A 24 -24.01 -15.95 57.29
C TRP A 24 -23.51 -16.36 58.67
N PRO A 25 -22.41 -17.12 58.71
CA PRO A 25 -21.76 -17.62 59.93
C PRO A 25 -21.32 -16.48 60.85
N SER A 26 -21.76 -16.55 62.11
CA SER A 26 -21.44 -15.53 63.10
C SER A 26 -20.10 -15.81 63.77
N SER A 27 -19.62 -17.04 63.64
CA SER A 27 -18.35 -17.43 64.24
C SER A 27 -17.33 -17.91 63.23
N ARG A 28 -16.13 -18.16 63.72
CA ARG A 28 -15.01 -18.63 62.90
C ARG A 28 -15.09 -20.15 62.74
N LEU A 29 -15.58 -20.83 63.77
CA LEU A 29 -15.71 -22.29 63.77
C LEU A 29 -16.77 -22.77 62.78
N GLU A 30 -17.45 -21.83 62.16
CA GLU A 30 -18.49 -22.15 61.20
C GLU A 30 -18.17 -21.48 59.88
N ALA A 31 -17.38 -20.41 59.94
CA ALA A 31 -16.97 -19.70 58.75
C ALA A 31 -16.13 -20.66 57.93
N THR A 32 -15.03 -21.12 58.55
CA THR A 32 -14.10 -22.06 57.93
C THR A 32 -14.79 -23.32 57.36
N ARG A 33 -15.74 -23.85 58.11
CA ARG A 33 -16.45 -25.08 57.71
C ARG A 33 -17.54 -24.92 56.67
N MET A 34 -17.65 -23.73 56.08
CA MET A 34 -18.68 -23.48 55.09
C MET A 34 -18.43 -24.24 53.78
N VAL A 35 -19.36 -25.14 53.44
CA VAL A 35 -19.25 -25.96 52.22
C VAL A 35 -19.28 -25.10 50.95
N VAL A 36 -20.42 -24.49 50.67
CA VAL A 36 -20.52 -23.61 49.51
C VAL A 36 -20.20 -22.23 50.04
N PRO A 37 -19.12 -21.62 49.55
CA PRO A 37 -18.70 -20.28 49.99
C PRO A 37 -19.78 -19.21 49.98
N VAL A 38 -19.61 -18.16 50.78
CA VAL A 38 -20.59 -17.07 50.80
C VAL A 38 -20.30 -16.30 49.53
N ALA A 39 -21.25 -16.31 48.60
CA ALA A 39 -21.05 -15.61 47.36
C ALA A 39 -22.35 -15.02 46.88
N ALA A 40 -22.23 -14.01 46.01
CA ALA A 40 -23.40 -13.37 45.45
C ALA A 40 -23.21 -13.27 43.97
N LEU A 41 -24.32 -13.36 43.26
CA LEU A 41 -24.40 -13.26 41.81
C LEU A 41 -24.98 -11.85 41.66
N PHE A 42 -24.11 -10.92 41.32
CA PHE A 42 -24.48 -9.51 41.24
C PHE A 42 -24.57 -8.88 39.85
N THR A 43 -25.71 -8.25 39.57
CA THR A 43 -25.99 -7.57 38.31
C THR A 43 -26.09 -6.07 38.57
N PRO A 44 -24.98 -5.34 38.37
CA PRO A 44 -24.95 -3.90 38.61
C PRO A 44 -25.95 -3.06 37.85
N LEU A 45 -26.48 -3.53 36.74
CA LEU A 45 -27.40 -2.66 36.01
C LEU A 45 -28.80 -3.16 35.75
N LYS A 46 -29.33 -4.00 36.65
CA LYS A 46 -30.67 -4.53 36.47
C LYS A 46 -31.73 -3.44 36.43
N GLU A 47 -32.66 -3.56 35.48
CA GLU A 47 -33.74 -2.61 35.31
C GLU A 47 -34.85 -2.87 36.35
N ARG A 48 -35.77 -1.93 36.50
CA ARG A 48 -36.85 -2.10 37.49
C ARG A 48 -37.97 -1.06 37.32
N PRO A 49 -38.90 -0.96 38.30
CA PRO A 49 -40.00 0.01 38.21
C PRO A 49 -39.56 1.47 38.36
N ASP A 50 -38.94 1.98 37.30
CA ASP A 50 -38.47 3.36 37.22
C ASP A 50 -38.08 4.02 38.55
N LEU A 51 -36.79 3.95 38.89
CA LEU A 51 -36.29 4.58 40.10
C LEU A 51 -35.87 6.00 39.71
N PRO A 52 -36.14 6.99 40.58
CA PRO A 52 -35.76 8.37 40.28
C PRO A 52 -34.24 8.49 40.29
N PRO A 53 -33.62 8.97 39.19
CA PRO A 53 -32.16 9.10 39.17
C PRO A 53 -31.87 10.21 40.14
N ILE A 54 -30.72 10.18 40.80
CA ILE A 54 -30.49 11.25 41.73
C ILE A 54 -29.34 12.16 41.34
N GLN A 55 -29.71 13.32 40.83
CA GLN A 55 -28.80 14.36 40.37
C GLN A 55 -28.19 15.08 41.57
N TYR A 56 -27.72 14.30 42.54
CA TYR A 56 -27.10 14.82 43.75
C TYR A 56 -25.62 14.94 43.58
N GLU A 57 -25.02 14.58 44.70
CA GLU A 57 -23.63 14.48 44.98
C GLU A 57 -23.94 13.39 46.02
N PRO A 58 -23.73 12.13 45.64
CA PRO A 58 -23.97 10.97 46.49
C PRO A 58 -23.94 11.09 48.01
N VAL A 59 -23.02 11.89 48.55
CA VAL A 59 -22.85 12.04 50.01
C VAL A 59 -21.92 10.91 50.39
N LEU A 60 -20.76 11.24 50.95
CA LEU A 60 -19.82 10.20 51.33
C LEU A 60 -19.38 10.32 52.78
N CYS A 61 -19.03 9.20 53.39
CA CYS A 61 -18.56 9.23 54.76
C CYS A 61 -17.23 9.95 54.70
N SER A 62 -16.91 10.66 55.78
CA SER A 62 -15.69 11.43 55.85
C SER A 62 -14.59 10.80 56.68
N ARG A 63 -14.21 9.58 56.33
CA ARG A 63 -13.14 8.89 57.05
C ARG A 63 -12.16 8.29 56.06
N THR A 64 -11.33 9.17 55.48
CA THR A 64 -10.32 8.78 54.49
C THR A 64 -10.39 7.33 54.01
N THR A 65 -10.12 6.38 54.90
CA THR A 65 -10.16 4.95 54.56
C THR A 65 -11.52 4.43 54.10
N CYS A 66 -12.55 4.62 54.91
CA CYS A 66 -13.88 4.13 54.56
C CYS A 66 -14.45 4.81 53.32
N ARG A 67 -15.01 6.00 53.52
CA ARG A 67 -15.58 6.78 52.44
C ARG A 67 -16.77 6.09 51.78
N ALA A 68 -17.47 5.23 52.51
CA ALA A 68 -18.65 4.55 51.94
C ALA A 68 -19.74 5.57 51.63
N VAL A 69 -20.76 5.14 50.89
CA VAL A 69 -21.85 6.03 50.54
C VAL A 69 -22.98 5.96 51.56
N LEU A 70 -23.74 7.05 51.68
CA LEU A 70 -24.85 7.11 52.62
C LEU A 70 -25.92 6.14 52.15
N ASN A 71 -26.22 5.15 52.99
CA ASN A 71 -27.21 4.12 52.69
C ASN A 71 -28.30 4.09 53.76
N PRO A 72 -29.36 3.31 53.54
CA PRO A 72 -30.41 3.26 54.56
C PRO A 72 -29.97 2.58 55.88
N LEU A 73 -28.79 1.98 55.88
CA LEU A 73 -28.30 1.33 57.10
C LEU A 73 -27.59 2.33 57.97
N CYS A 74 -27.37 3.53 57.44
CA CYS A 74 -26.69 4.58 58.18
C CYS A 74 -27.62 5.13 59.26
N GLN A 75 -27.08 5.26 60.47
CA GLN A 75 -27.85 5.77 61.59
C GLN A 75 -27.84 7.29 61.58
N VAL A 76 -29.03 7.88 61.48
CA VAL A 76 -29.17 9.31 61.40
C VAL A 76 -29.57 9.99 62.71
N ASP A 77 -29.57 11.32 62.68
CA ASP A 77 -29.94 12.17 63.82
C ASP A 77 -30.40 13.53 63.26
N TYR A 78 -31.64 13.59 62.78
CA TYR A 78 -32.20 14.81 62.19
C TYR A 78 -32.23 15.99 63.11
N ARG A 79 -31.67 15.84 64.29
CA ARG A 79 -31.61 16.93 65.24
C ARG A 79 -30.19 17.46 65.16
N ALA A 80 -29.23 16.56 65.28
CA ALA A 80 -27.82 16.91 65.24
C ALA A 80 -27.23 17.06 63.83
N LYS A 81 -28.09 16.99 62.82
CA LYS A 81 -27.64 17.08 61.43
C LYS A 81 -26.37 16.23 61.33
N LEU A 82 -26.45 15.03 61.87
CA LEU A 82 -25.34 14.09 61.86
C LEU A 82 -25.82 12.68 61.56
N TRP A 83 -25.02 11.95 60.80
CA TRP A 83 -25.33 10.57 60.47
C TRP A 83 -24.06 9.75 60.74
N ALA A 84 -24.24 8.54 61.26
CA ALA A 84 -23.10 7.70 61.57
C ALA A 84 -22.98 6.54 60.60
N CYS A 85 -21.86 6.52 59.90
CA CYS A 85 -21.53 5.51 58.93
C CYS A 85 -21.61 4.11 59.55
N ASN A 86 -22.34 3.23 58.89
CA ASN A 86 -22.51 1.86 59.37
C ASN A 86 -21.34 0.96 58.99
N PHE A 87 -20.28 1.54 58.43
CA PHE A 87 -19.13 0.73 58.04
C PHE A 87 -17.89 0.92 58.90
N CYS A 88 -17.71 2.12 59.46
CA CYS A 88 -16.56 2.39 60.31
C CYS A 88 -17.04 3.11 61.58
N TYR A 89 -18.35 3.35 61.63
CA TYR A 89 -19.00 4.00 62.75
C TYR A 89 -18.72 5.51 62.78
N GLN A 90 -17.80 5.95 61.92
CA GLN A 90 -17.47 7.38 61.83
C GLN A 90 -18.75 8.18 61.70
N ARG A 91 -18.84 9.28 62.43
CA ARG A 91 -20.03 10.12 62.38
C ARG A 91 -19.79 11.32 61.47
N ASN A 92 -20.73 11.56 60.56
CA ASN A 92 -20.60 12.66 59.62
C ASN A 92 -21.53 13.81 59.84
N GLN A 93 -21.12 14.94 59.29
CA GLN A 93 -21.86 16.18 59.34
C GLN A 93 -22.46 16.34 57.95
N PHE A 94 -23.76 16.55 57.89
CA PHE A 94 -24.40 16.71 56.60
C PHE A 94 -23.80 17.87 55.81
N PRO A 95 -23.77 17.75 54.48
CA PRO A 95 -23.23 18.80 53.62
C PRO A 95 -24.24 19.93 53.50
N PRO A 96 -23.76 21.15 53.22
CA PRO A 96 -24.68 22.28 53.10
C PRO A 96 -26.05 22.01 52.44
N SER A 97 -26.06 21.37 51.29
CA SER A 97 -27.31 21.09 50.60
C SER A 97 -28.31 20.25 51.40
N TYR A 98 -27.82 19.51 52.40
CA TYR A 98 -28.67 18.67 53.22
C TYR A 98 -29.00 19.33 54.55
N ALA A 99 -28.80 20.64 54.62
CA ALA A 99 -29.09 21.36 55.83
C ALA A 99 -30.59 21.35 55.95
N GLY A 100 -31.24 21.39 54.78
CA GLY A 100 -32.68 21.41 54.75
C GLY A 100 -33.42 20.12 55.05
N ILE A 101 -32.72 19.00 55.18
CA ILE A 101 -33.44 17.76 55.45
C ILE A 101 -34.11 17.78 56.81
N SER A 102 -35.26 17.13 56.87
CA SER A 102 -36.04 17.02 58.09
C SER A 102 -36.55 15.59 58.12
N GLU A 103 -37.18 15.19 59.22
CA GLU A 103 -37.70 13.83 59.34
C GLU A 103 -38.82 13.53 58.34
N LEU A 104 -39.75 14.48 58.20
CA LEU A 104 -40.90 14.33 57.30
C LEU A 104 -40.59 14.53 55.82
N ASN A 105 -39.31 14.61 55.50
CA ASN A 105 -38.84 14.80 54.13
C ASN A 105 -37.34 14.57 54.14
N GLN A 106 -36.95 13.31 54.13
CA GLN A 106 -35.54 12.96 54.17
C GLN A 106 -34.98 12.50 52.83
N PRO A 107 -33.65 12.55 52.68
CA PRO A 107 -32.98 12.14 51.45
C PRO A 107 -33.25 10.70 51.06
N ALA A 108 -33.75 10.52 49.84
CA ALA A 108 -34.07 9.20 49.30
C ALA A 108 -33.08 8.09 49.66
N GLU A 109 -31.78 8.36 49.60
CA GLU A 109 -30.79 7.33 49.91
C GLU A 109 -30.94 6.62 51.25
N LEU A 110 -31.92 7.04 52.05
CA LEU A 110 -32.14 6.45 53.37
C LEU A 110 -33.37 5.56 53.44
N LEU A 111 -34.30 5.72 52.51
CA LEU A 111 -35.49 4.90 52.50
C LEU A 111 -35.06 3.49 52.10
N PRO A 112 -35.54 2.47 52.81
CA PRO A 112 -35.17 1.09 52.50
C PRO A 112 -35.60 0.63 51.11
N GLN A 113 -36.43 1.46 50.46
CA GLN A 113 -36.90 1.17 49.11
C GLN A 113 -35.77 1.56 48.17
N PHE A 114 -35.00 2.55 48.60
CA PHE A 114 -33.91 3.08 47.80
C PHE A 114 -32.55 2.60 48.23
N SER A 115 -32.51 1.32 48.60
CA SER A 115 -31.26 0.65 48.92
C SER A 115 -31.05 0.35 47.45
N SER A 116 -29.83 0.47 46.93
CA SER A 116 -29.68 0.24 45.50
C SER A 116 -30.38 1.43 44.77
N ILE A 117 -29.56 2.43 44.48
CA ILE A 117 -30.02 3.64 43.82
C ILE A 117 -28.94 4.09 42.85
N GLU A 118 -29.24 5.09 42.02
CA GLU A 118 -28.26 5.59 41.05
C GLU A 118 -28.14 7.12 41.01
N TYR A 119 -26.96 7.63 41.31
CA TYR A 119 -26.72 9.06 41.31
C TYR A 119 -26.08 9.50 39.99
N VAL A 120 -26.35 10.74 39.59
CA VAL A 120 -25.79 11.28 38.36
C VAL A 120 -24.80 12.37 38.73
N VAL A 121 -23.60 12.32 38.14
CA VAL A 121 -22.58 13.33 38.43
C VAL A 121 -22.34 14.24 37.23
N LEU A 122 -23.00 15.40 37.24
CA LEU A 122 -22.89 16.39 36.18
C LEU A 122 -21.91 17.49 36.57
N ARG A 123 -20.66 17.36 36.11
CA ARG A 123 -19.65 18.38 36.40
C ARG A 123 -18.74 18.66 35.21
N GLY A 124 -18.39 17.62 34.44
CA GLY A 124 -17.52 17.82 33.30
C GLY A 124 -18.18 17.52 31.97
N PRO A 125 -17.91 18.31 30.91
CA PRO A 125 -18.53 18.03 29.62
C PRO A 125 -18.37 16.54 29.27
N GLN A 126 -19.43 15.95 28.74
CA GLN A 126 -19.48 14.54 28.42
C GLN A 126 -18.78 14.14 27.11
N MET A 127 -17.97 13.09 27.17
CA MET A 127 -17.24 12.54 26.02
C MET A 127 -18.20 11.76 25.12
N PRO A 128 -17.98 11.79 23.80
CA PRO A 128 -18.84 11.07 22.88
C PRO A 128 -18.52 9.59 22.76
N LEU A 129 -19.54 8.80 22.41
CA LEU A 129 -19.36 7.36 22.27
C LEU A 129 -18.56 7.11 21.03
N ILE A 130 -17.70 6.11 21.12
CA ILE A 130 -16.81 5.74 20.03
C ILE A 130 -17.04 4.34 19.52
N PHE A 131 -17.46 4.22 18.27
CA PHE A 131 -17.65 2.91 17.67
C PHE A 131 -16.62 2.75 16.57
N LEU A 132 -15.94 1.61 16.56
CA LEU A 132 -14.96 1.33 15.53
C LEU A 132 -15.28 -0.01 14.89
N TYR A 133 -15.66 0.03 13.62
CA TYR A 133 -15.97 -1.18 12.87
C TYR A 133 -14.65 -1.76 12.39
N VAL A 134 -14.50 -3.08 12.46
CA VAL A 134 -13.28 -3.74 12.00
C VAL A 134 -13.68 -4.93 11.17
N VAL A 135 -13.73 -4.71 9.87
CA VAL A 135 -14.21 -5.71 8.94
C VAL A 135 -13.27 -6.59 8.14
N ASP A 136 -13.58 -7.87 8.13
CA ASP A 136 -12.83 -8.85 7.36
C ASP A 136 -13.40 -8.87 5.95
N THR A 137 -12.54 -8.83 4.95
CA THR A 137 -13.04 -8.84 3.58
C THR A 137 -12.93 -10.19 2.87
N CYS A 138 -12.28 -11.15 3.53
CA CYS A 138 -12.13 -12.51 2.99
C CYS A 138 -13.38 -13.32 3.29
N MET A 139 -14.34 -13.30 2.39
CA MET A 139 -15.56 -14.07 2.58
C MET A 139 -16.40 -14.09 1.31
N GLU A 140 -17.35 -15.01 1.22
CA GLU A 140 -18.18 -15.06 0.02
C GLU A 140 -18.88 -13.74 -0.14
N ASP A 141 -19.22 -13.39 -1.38
CA ASP A 141 -19.91 -12.15 -1.67
C ASP A 141 -21.20 -12.03 -0.86
N GLU A 142 -22.09 -13.00 -1.01
CA GLU A 142 -23.35 -12.97 -0.31
C GLU A 142 -23.21 -12.75 1.17
N ASP A 143 -22.11 -13.24 1.76
CA ASP A 143 -21.84 -13.07 3.19
C ASP A 143 -21.37 -11.62 3.46
N LEU A 144 -20.50 -11.13 2.61
CA LEU A 144 -19.98 -9.78 2.80
C LEU A 144 -21.06 -8.72 2.61
N GLN A 145 -21.97 -8.93 1.66
CA GLN A 145 -23.01 -7.96 1.40
C GLN A 145 -23.88 -7.81 2.63
N ALA A 146 -24.24 -8.94 3.22
CA ALA A 146 -25.06 -8.95 4.42
C ALA A 146 -24.35 -8.09 5.44
N LEU A 147 -23.13 -8.49 5.75
CA LEU A 147 -22.30 -7.76 6.70
C LEU A 147 -22.35 -6.26 6.42
N LYS A 148 -22.33 -5.87 5.14
CA LYS A 148 -22.36 -4.46 4.78
C LYS A 148 -23.71 -3.85 5.10
N GLU A 149 -24.76 -4.53 4.66
CA GLU A 149 -26.10 -4.03 4.91
C GLU A 149 -26.29 -3.91 6.42
N SER A 150 -25.69 -4.84 7.16
CA SER A 150 -25.79 -4.86 8.61
C SER A 150 -25.09 -3.66 9.24
N MET A 151 -23.85 -3.43 8.84
CA MET A 151 -23.10 -2.34 9.40
C MET A 151 -23.71 -1.02 8.99
N GLN A 152 -24.28 -1.00 7.80
CA GLN A 152 -24.88 0.22 7.34
C GLN A 152 -26.10 0.58 8.18
N MET A 153 -26.81 -0.42 8.68
CA MET A 153 -27.97 -0.16 9.51
C MET A 153 -27.52 0.24 10.90
N SER A 154 -26.54 -0.47 11.43
CA SER A 154 -26.05 -0.14 12.75
C SER A 154 -25.74 1.35 12.80
N LEU A 155 -25.21 1.88 11.72
CA LEU A 155 -24.87 3.29 11.67
C LEU A 155 -26.08 4.24 11.77
N SER A 156 -27.26 3.80 11.37
CA SER A 156 -28.41 4.69 11.43
C SER A 156 -28.93 4.81 12.85
N LEU A 157 -28.50 3.90 13.72
CA LEU A 157 -28.97 3.92 15.11
C LEU A 157 -28.06 4.68 16.06
N LEU A 158 -26.76 4.75 15.75
CA LEU A 158 -25.79 5.44 16.58
C LEU A 158 -26.13 6.91 16.84
N PRO A 159 -25.69 7.45 17.99
CA PRO A 159 -25.93 8.83 18.37
C PRO A 159 -25.21 9.82 17.49
N PRO A 160 -25.83 10.99 17.24
CA PRO A 160 -25.31 12.08 16.40
C PRO A 160 -23.87 12.44 16.76
N THR A 161 -23.60 12.45 18.05
CA THR A 161 -22.32 12.81 18.57
C THR A 161 -21.29 11.69 18.55
N ALA A 162 -21.76 10.45 18.59
CA ALA A 162 -20.85 9.33 18.58
C ALA A 162 -19.79 9.53 17.50
N LEU A 163 -18.61 8.96 17.70
CA LEU A 163 -17.55 9.06 16.71
C LEU A 163 -17.42 7.69 16.09
N VAL A 164 -17.34 7.65 14.76
CA VAL A 164 -17.20 6.38 14.07
C VAL A 164 -15.84 6.23 13.40
N GLY A 165 -15.49 4.98 13.14
CA GLY A 165 -14.25 4.66 12.49
C GLY A 165 -14.41 3.37 11.71
N LEU A 166 -13.56 3.16 10.70
CA LEU A 166 -13.63 1.94 9.91
C LEU A 166 -12.25 1.43 9.60
N ILE A 167 -12.12 0.12 9.68
CA ILE A 167 -10.88 -0.57 9.40
C ILE A 167 -11.26 -1.91 8.77
N THR A 168 -10.89 -2.11 7.51
CA THR A 168 -11.20 -3.36 6.85
C THR A 168 -9.89 -4.10 6.68
N PHE A 169 -9.94 -5.36 6.26
CA PHE A 169 -8.72 -6.10 6.07
C PHE A 169 -8.87 -7.43 5.36
N GLY A 170 -7.72 -8.09 5.21
CA GLY A 170 -7.63 -9.37 4.54
C GLY A 170 -6.15 -9.69 4.50
N ARG A 171 -5.49 -9.37 3.40
CA ARG A 171 -4.06 -9.61 3.33
C ARG A 171 -3.37 -8.43 3.99
N MET A 172 -4.01 -7.25 3.88
CA MET A 172 -3.48 -6.02 4.46
C MET A 172 -4.48 -5.45 5.48
N VAL A 173 -4.09 -4.37 6.16
CA VAL A 173 -5.00 -3.74 7.10
C VAL A 173 -5.21 -2.31 6.64
N GLN A 174 -6.46 -1.92 6.45
CA GLN A 174 -6.74 -0.56 5.98
C GLN A 174 -7.48 0.32 7.00
N VAL A 175 -6.79 1.34 7.48
CA VAL A 175 -7.38 2.28 8.41
C VAL A 175 -7.89 3.39 7.52
N HIS A 176 -9.20 3.47 7.32
CA HIS A 176 -9.74 4.50 6.44
C HIS A 176 -9.86 5.90 7.05
N GLU A 177 -9.39 6.91 6.33
CA GLU A 177 -9.52 8.28 6.80
C GLU A 177 -10.84 8.69 6.19
N LEU A 178 -11.81 8.97 7.05
CA LEU A 178 -13.15 9.31 6.61
C LEU A 178 -13.41 10.66 5.94
N GLY A 179 -14.35 10.62 4.99
CA GLY A 179 -14.77 11.78 4.22
C GLY A 179 -13.69 12.71 3.69
N CYS A 180 -12.64 12.13 3.12
CA CYS A 180 -11.55 12.95 2.62
C CYS A 180 -11.90 13.81 1.41
N GLU A 181 -13.05 13.58 0.80
CA GLU A 181 -13.52 14.40 -0.32
C GLU A 181 -13.01 14.18 -1.75
N GLY A 182 -13.85 13.54 -2.58
CA GLY A 182 -13.50 13.32 -3.97
C GLY A 182 -12.42 12.32 -4.27
N ILE A 183 -11.90 11.68 -3.23
CA ILE A 183 -10.86 10.69 -3.38
C ILE A 183 -11.14 9.45 -2.53
N SER A 184 -11.09 9.60 -1.22
CA SER A 184 -11.31 8.51 -0.28
C SER A 184 -10.02 7.71 -0.06
N LYS A 185 -9.28 8.09 0.97
CA LYS A 185 -8.04 7.41 1.26
C LYS A 185 -8.11 6.50 2.47
N SER A 186 -7.02 5.77 2.69
CA SER A 186 -6.90 4.84 3.79
C SER A 186 -5.45 4.47 3.88
N TYR A 187 -5.00 4.11 5.07
CA TYR A 187 -3.62 3.71 5.26
C TYR A 187 -3.58 2.22 5.19
N VAL A 188 -2.61 1.70 4.45
CA VAL A 188 -2.47 0.25 4.32
C VAL A 188 -1.31 -0.19 5.19
N PHE A 189 -1.44 -1.37 5.79
CA PHE A 189 -0.39 -1.92 6.65
C PHE A 189 -0.26 -3.43 6.42
N ARG A 190 0.97 -3.94 6.46
CA ARG A 190 1.18 -5.37 6.29
C ARG A 190 0.57 -6.09 7.48
N GLY A 191 -0.18 -7.15 7.21
CA GLY A 191 -0.77 -7.92 8.28
C GLY A 191 0.23 -8.91 8.86
N THR A 192 1.48 -8.80 8.43
CA THR A 192 2.57 -9.67 8.83
C THR A 192 3.31 -9.29 10.11
N LYS A 193 3.19 -8.04 10.51
CA LYS A 193 3.89 -7.61 11.71
C LYS A 193 3.07 -6.65 12.56
N ASP A 194 3.16 -6.88 13.87
CA ASP A 194 2.46 -6.10 14.88
C ASP A 194 3.11 -4.76 15.06
N LEU A 195 2.33 -3.81 15.56
CA LEU A 195 2.78 -2.46 15.82
C LEU A 195 2.37 -2.12 17.26
N SER A 196 3.16 -1.32 17.94
CA SER A 196 2.83 -0.96 19.31
C SER A 196 1.56 -0.11 19.28
N ALA A 197 1.73 1.20 19.27
CA ALA A 197 0.61 2.12 19.25
C ALA A 197 1.29 3.45 19.09
N LYS A 198 2.51 3.52 19.62
CA LYS A 198 3.31 4.72 19.51
C LYS A 198 3.63 4.70 18.01
N GLN A 199 4.11 3.54 17.54
CA GLN A 199 4.43 3.34 16.15
C GLN A 199 3.22 3.76 15.31
N LEU A 200 2.07 3.17 15.61
CA LEU A 200 0.83 3.48 14.89
C LEU A 200 0.46 4.96 15.08
N GLN A 201 0.97 5.56 16.14
CA GLN A 201 0.68 6.97 16.37
C GLN A 201 1.57 7.79 15.45
N GLU A 202 2.87 7.52 15.52
CA GLU A 202 3.85 8.22 14.70
C GLU A 202 3.55 7.99 13.21
N MET A 203 3.20 6.75 12.88
CA MET A 203 2.89 6.38 11.49
C MET A 203 1.66 7.03 10.88
N LEU A 204 0.70 7.41 11.71
CA LEU A 204 -0.53 8.01 11.20
C LEU A 204 -0.63 9.52 11.41
N GLY A 205 0.27 10.06 12.24
CA GLY A 205 0.22 11.49 12.52
C GLY A 205 -0.07 11.81 13.98
N PRO A 225 -14.65 17.07 20.06
CA PRO A 225 -13.44 16.43 19.51
C PRO A 225 -13.71 15.30 18.50
N SER A 226 -12.67 14.95 17.72
CA SER A 226 -12.73 13.90 16.70
C SER A 226 -11.40 13.83 15.93
N ASN A 227 -11.14 12.71 15.25
CA ASN A 227 -9.92 12.53 14.44
C ASN A 227 -10.22 12.50 12.95
N ARG A 228 -9.24 12.11 12.16
CA ARG A 228 -9.47 12.00 10.73
C ARG A 228 -10.14 10.65 10.60
N PHE A 229 -9.83 9.77 11.54
CA PHE A 229 -10.33 8.40 11.55
C PHE A 229 -11.61 8.17 12.33
N LEU A 230 -11.81 8.99 13.37
CA LEU A 230 -12.99 8.90 14.22
C LEU A 230 -13.71 10.22 14.12
N GLN A 231 -14.81 10.24 13.38
CA GLN A 231 -15.53 11.48 13.21
C GLN A 231 -16.98 11.45 13.61
N PRO A 232 -17.50 12.59 14.08
CA PRO A 232 -18.89 12.67 14.50
C PRO A 232 -19.74 11.99 13.45
N VAL A 233 -20.65 11.14 13.89
CA VAL A 233 -21.52 10.42 12.97
C VAL A 233 -22.41 11.37 12.18
N GLN A 234 -23.06 12.30 12.87
CA GLN A 234 -23.95 13.26 12.23
C GLN A 234 -23.22 13.98 11.09
N LYS A 235 -21.90 13.94 11.13
CA LYS A 235 -21.09 14.60 10.11
C LYS A 235 -20.57 13.66 9.02
N ILE A 236 -20.13 12.48 9.43
CA ILE A 236 -19.56 11.49 8.52
C ILE A 236 -20.51 10.43 8.04
N ASP A 237 -21.64 10.29 8.71
CA ASP A 237 -22.58 9.25 8.34
C ASP A 237 -22.79 8.96 6.84
N MET A 238 -23.20 9.92 6.04
CA MET A 238 -23.39 9.59 4.63
C MET A 238 -22.13 9.02 3.99
N ASN A 239 -20.98 9.67 4.19
CA ASN A 239 -19.71 9.22 3.62
C ASN A 239 -19.34 7.77 3.98
N LEU A 240 -19.53 7.41 5.24
CA LEU A 240 -19.23 6.06 5.74
C LEU A 240 -20.26 5.07 5.22
N THR A 241 -21.49 5.52 5.03
CA THR A 241 -22.51 4.62 4.51
C THR A 241 -22.00 4.21 3.14
N ASP A 242 -21.90 5.20 2.25
CA ASP A 242 -21.47 4.94 0.88
C ASP A 242 -20.23 4.09 0.79
N LEU A 243 -19.29 4.33 1.69
CA LEU A 243 -18.04 3.57 1.72
C LEU A 243 -18.29 2.11 2.10
N LEU A 244 -19.19 1.90 3.05
CA LEU A 244 -19.48 0.54 3.47
C LEU A 244 -20.21 -0.17 2.34
N GLY A 245 -20.93 0.60 1.53
CA GLY A 245 -21.69 0.03 0.44
C GLY A 245 -20.82 -0.27 -0.77
N GLU A 246 -19.61 0.27 -0.74
CA GLU A 246 -18.65 0.09 -1.82
C GLU A 246 -17.61 -0.94 -1.48
N LEU A 247 -17.48 -1.32 -0.22
CA LEU A 247 -16.45 -2.30 0.18
C LEU A 247 -16.47 -3.50 -0.73
N GLN A 248 -15.31 -4.12 -0.92
CA GLN A 248 -15.26 -5.33 -1.75
C GLN A 248 -14.25 -6.34 -1.24
N ARG A 249 -14.54 -7.60 -1.54
CA ARG A 249 -13.70 -8.71 -1.16
C ARG A 249 -12.25 -8.29 -1.20
N ASP A 250 -11.43 -8.93 -0.37
CA ASP A 250 -10.01 -8.65 -0.37
C ASP A 250 -9.64 -8.78 -1.85
N PRO A 251 -8.85 -7.85 -2.40
CA PRO A 251 -8.50 -7.98 -3.81
C PRO A 251 -7.53 -9.11 -4.15
N TRP A 252 -6.80 -9.60 -3.15
CA TRP A 252 -5.83 -10.67 -3.37
C TRP A 252 -6.45 -12.03 -3.68
N PRO A 253 -5.98 -12.69 -4.75
CA PRO A 253 -6.48 -14.00 -5.18
C PRO A 253 -6.16 -15.10 -4.20
N VAL A 254 -7.02 -16.11 -4.20
CA VAL A 254 -6.83 -17.25 -3.31
C VAL A 254 -6.61 -18.49 -4.18
N PRO A 255 -5.35 -18.93 -4.28
CA PRO A 255 -4.93 -20.10 -5.06
C PRO A 255 -5.54 -21.41 -4.58
N GLN A 256 -5.75 -22.32 -5.52
CA GLN A 256 -6.34 -23.62 -5.22
C GLN A 256 -5.79 -24.25 -3.94
N GLY A 257 -6.66 -24.97 -3.23
CA GLY A 257 -6.27 -25.62 -1.99
C GLY A 257 -5.72 -24.70 -0.90
N LYS A 258 -6.07 -23.42 -0.94
CA LYS A 258 -5.58 -22.47 0.05
C LYS A 258 -6.73 -21.74 0.74
N ARG A 259 -6.42 -21.11 1.88
CA ARG A 259 -7.39 -20.31 2.62
C ARG A 259 -7.02 -18.84 2.36
N PRO A 260 -8.00 -17.93 2.40
CA PRO A 260 -7.61 -16.56 2.17
C PRO A 260 -6.56 -16.22 3.20
N LEU A 261 -5.65 -15.31 2.87
CA LEU A 261 -4.63 -14.88 3.82
C LEU A 261 -5.28 -13.77 4.61
N ARG A 262 -5.72 -14.10 5.82
CA ARG A 262 -6.44 -13.20 6.73
C ARG A 262 -5.61 -12.78 7.94
N SER A 263 -5.41 -11.47 8.09
CA SER A 263 -4.60 -10.91 9.17
C SER A 263 -5.40 -10.40 10.40
N SER A 264 -6.32 -11.21 10.91
CA SER A 264 -7.14 -10.83 12.06
C SER A 264 -6.31 -10.31 13.24
N GLY A 265 -5.23 -11.03 13.54
CA GLY A 265 -4.37 -10.68 14.65
C GLY A 265 -3.90 -9.23 14.63
N VAL A 266 -3.49 -8.77 13.47
CA VAL A 266 -3.00 -7.41 13.33
C VAL A 266 -4.12 -6.39 13.16
N ALA A 267 -5.18 -6.77 12.44
CA ALA A 267 -6.31 -5.86 12.24
C ALA A 267 -6.75 -5.41 13.61
N LEU A 268 -6.88 -6.36 14.54
CA LEU A 268 -7.30 -6.02 15.88
C LEU A 268 -6.19 -5.25 16.56
N SER A 269 -4.98 -5.78 16.51
CA SER A 269 -3.86 -5.10 17.12
C SER A 269 -3.69 -3.64 16.65
N ILE A 270 -4.25 -3.31 15.47
CA ILE A 270 -4.17 -1.95 14.92
C ILE A 270 -5.38 -1.12 15.36
N ALA A 271 -6.53 -1.78 15.56
CA ALA A 271 -7.72 -1.09 16.02
C ALA A 271 -7.43 -0.74 17.48
N VAL A 272 -6.95 -1.72 18.21
CA VAL A 272 -6.61 -1.52 19.60
C VAL A 272 -5.77 -0.27 19.83
N GLY A 273 -4.59 -0.24 19.20
CA GLY A 273 -3.67 0.88 19.34
C GLY A 273 -4.18 2.25 18.90
N LEU A 274 -4.97 2.27 17.83
CA LEU A 274 -5.50 3.53 17.33
C LEU A 274 -6.25 4.27 18.42
N LEU A 275 -7.24 3.60 19.02
CA LEU A 275 -8.01 4.23 20.09
C LEU A 275 -7.16 4.47 21.32
N GLU A 276 -6.27 3.52 21.61
CA GLU A 276 -5.39 3.66 22.76
C GLU A 276 -4.60 4.95 22.73
N CYS A 277 -4.17 5.35 21.54
CA CYS A 277 -3.39 6.56 21.40
C CYS A 277 -4.27 7.71 20.97
N THR A 278 -5.56 7.47 20.89
CA THR A 278 -6.44 8.54 20.47
C THR A 278 -7.42 8.96 21.55
N PHE A 279 -8.10 7.99 22.15
CA PHE A 279 -9.05 8.30 23.19
C PHE A 279 -8.95 7.32 24.34
N PRO A 280 -7.79 7.27 24.99
CA PRO A 280 -7.63 6.34 26.09
C PRO A 280 -8.53 6.72 27.24
N ASN A 281 -8.98 5.71 27.96
CA ASN A 281 -9.82 5.90 29.14
C ASN A 281 -11.22 6.52 28.96
N THR A 282 -11.92 6.12 27.90
CA THR A 282 -13.28 6.61 27.65
C THR A 282 -14.09 5.63 26.80
N GLY A 283 -15.41 5.73 26.90
CA GLY A 283 -16.29 4.86 26.15
C GLY A 283 -15.92 4.62 24.70
N ALA A 284 -15.69 3.35 24.38
CA ALA A 284 -15.31 2.98 23.04
C ALA A 284 -15.75 1.56 22.76
N ARG A 285 -16.06 1.25 21.51
CA ARG A 285 -16.46 -0.09 21.18
C ARG A 285 -15.80 -0.56 19.89
N ILE A 286 -14.84 -1.48 20.02
CA ILE A 286 -14.15 -2.07 18.85
C ILE A 286 -15.03 -3.25 18.44
N MET A 287 -15.68 -3.15 17.30
CA MET A 287 -16.54 -4.23 16.85
C MET A 287 -15.90 -4.95 15.68
N MET A 288 -15.39 -6.15 15.91
CA MET A 288 -14.72 -6.91 14.86
C MET A 288 -15.58 -8.01 14.26
N PHE A 289 -15.66 -8.03 12.94
CA PHE A 289 -16.47 -9.01 12.23
C PHE A 289 -15.56 -9.95 11.47
N ILE A 290 -15.70 -11.24 11.74
CA ILE A 290 -14.84 -12.18 11.07
C ILE A 290 -15.62 -13.23 10.31
N GLY A 291 -15.06 -13.68 9.18
CA GLY A 291 -15.75 -14.66 8.37
C GLY A 291 -14.84 -15.82 8.13
N GLY A 292 -13.86 -15.97 9.01
CA GLY A 292 -12.92 -17.06 8.86
C GLY A 292 -11.80 -16.82 9.84
N PRO A 293 -10.92 -17.81 10.02
CA PRO A 293 -9.81 -17.69 10.95
C PRO A 293 -8.68 -16.79 10.51
N ALA A 294 -7.85 -16.43 11.48
CA ALA A 294 -6.69 -15.60 11.23
C ALA A 294 -5.62 -16.59 10.78
N THR A 295 -5.20 -16.44 9.53
CA THR A 295 -4.22 -17.31 8.90
C THR A 295 -2.78 -16.74 8.82
N GLN A 296 -2.61 -15.48 9.19
CA GLN A 296 -1.30 -14.84 9.14
C GLN A 296 -0.95 -14.18 10.47
N GLY A 297 -0.26 -14.91 11.34
CA GLY A 297 0.11 -14.38 12.66
C GLY A 297 0.80 -13.05 12.55
N PRO A 298 0.98 -12.30 13.66
CA PRO A 298 0.57 -12.62 15.02
C PRO A 298 -0.88 -13.02 15.19
N GLY A 299 -1.12 -13.96 16.09
CA GLY A 299 -2.45 -14.43 16.34
C GLY A 299 -2.89 -15.39 15.27
N MET A 300 -1.93 -15.97 14.57
CA MET A 300 -2.26 -16.94 13.52
C MET A 300 -2.93 -18.14 14.17
N VAL A 301 -4.10 -18.51 13.67
CA VAL A 301 -4.81 -19.64 14.27
C VAL A 301 -4.62 -20.93 13.50
N VAL A 302 -4.40 -20.82 12.19
CA VAL A 302 -4.19 -22.00 11.38
C VAL A 302 -3.44 -21.62 10.09
N GLY A 303 -2.95 -22.61 9.35
CA GLY A 303 -2.23 -22.33 8.12
C GLY A 303 -3.14 -22.24 6.90
N ASP A 304 -2.60 -21.72 5.79
CA ASP A 304 -3.34 -21.56 4.55
C ASP A 304 -3.57 -22.85 3.74
N GLU A 305 -3.17 -23.99 4.30
CA GLU A 305 -3.32 -25.28 3.62
C GLU A 305 -4.67 -25.95 3.88
N LEU A 306 -5.62 -25.77 2.97
CA LEU A 306 -6.95 -26.37 3.11
C LEU A 306 -6.88 -27.83 3.50
N LYS A 307 -5.90 -28.54 2.94
CA LYS A 307 -5.75 -29.95 3.24
C LYS A 307 -5.74 -30.23 4.74
N THR A 308 -5.15 -29.33 5.53
CA THR A 308 -5.09 -29.48 6.99
C THR A 308 -6.23 -28.72 7.69
N PRO A 309 -6.84 -29.34 8.72
CA PRO A 309 -7.96 -28.79 9.50
C PRO A 309 -7.59 -27.89 10.68
N ILE A 310 -8.56 -27.07 11.11
CA ILE A 310 -8.38 -26.15 12.23
C ILE A 310 -8.33 -27.01 13.47
N ARG A 311 -7.48 -26.66 14.43
CA ARG A 311 -7.38 -27.47 15.64
C ARG A 311 -8.74 -27.80 16.21
N SER A 312 -8.84 -29.00 16.78
CA SER A 312 -10.05 -29.51 17.39
C SER A 312 -9.70 -29.81 18.84
N TRP A 313 -10.67 -30.20 19.66
CA TRP A 313 -10.32 -30.52 21.03
C TRP A 313 -9.42 -31.74 21.02
N HIS A 314 -9.77 -32.72 20.18
CA HIS A 314 -9.01 -33.96 20.07
C HIS A 314 -7.56 -33.62 19.71
N ASP A 315 -7.39 -32.77 18.70
CA ASP A 315 -6.06 -32.36 18.27
C ASP A 315 -5.31 -31.75 19.44
N ILE A 316 -5.98 -30.85 20.16
CA ILE A 316 -5.36 -30.16 21.31
C ILE A 316 -4.76 -31.08 22.35
N ASP A 317 -5.54 -32.05 22.81
CA ASP A 317 -5.06 -32.95 23.83
C ASP A 317 -3.80 -33.70 23.44
N LYS A 318 -3.71 -34.10 22.17
CA LYS A 318 -2.55 -34.85 21.69
C LYS A 318 -1.44 -33.97 21.14
N ASP A 319 -1.42 -32.72 21.60
CA ASP A 319 -0.42 -31.74 21.22
C ASP A 319 -0.17 -31.58 19.72
N ASN A 320 -1.25 -31.54 18.95
CA ASN A 320 -1.17 -31.36 17.51
C ASN A 320 -1.82 -30.00 17.18
N ALA A 321 -1.30 -28.94 17.79
CA ALA A 321 -1.81 -27.59 17.56
C ALA A 321 -0.72 -26.56 17.87
N LYS A 322 0.15 -26.32 16.89
CA LYS A 322 1.26 -25.40 17.04
C LYS A 322 0.91 -23.94 16.97
N TYR A 323 -0.36 -23.62 16.80
CA TYR A 323 -0.76 -22.22 16.70
C TYR A 323 -1.53 -21.72 17.91
N VAL A 324 -2.31 -22.60 18.53
CA VAL A 324 -3.10 -22.23 19.68
C VAL A 324 -2.32 -21.44 20.73
N LYS A 325 -1.57 -22.13 21.59
CA LYS A 325 -0.85 -21.42 22.64
C LYS A 325 -0.28 -20.05 22.28
N LYS A 326 0.53 -19.99 21.24
CA LYS A 326 1.14 -18.72 20.83
C LYS A 326 0.10 -17.72 20.33
N GLY A 327 -0.83 -18.20 19.50
CA GLY A 327 -1.86 -17.33 18.97
C GLY A 327 -2.76 -16.86 20.10
N THR A 328 -2.96 -17.71 21.09
CA THR A 328 -3.79 -17.36 22.22
C THR A 328 -3.14 -16.24 23.02
N LYS A 329 -1.85 -16.38 23.26
CA LYS A 329 -1.08 -15.39 24.00
C LYS A 329 -1.28 -14.00 23.38
N HIS A 330 -1.22 -13.93 22.06
CA HIS A 330 -1.37 -12.66 21.34
C HIS A 330 -2.62 -11.90 21.71
N PHE A 331 -3.78 -12.49 21.49
CA PHE A 331 -5.04 -11.82 21.80
C PHE A 331 -5.18 -11.48 23.28
N GLU A 332 -4.69 -12.37 24.14
CA GLU A 332 -4.75 -12.18 25.58
C GLU A 332 -4.04 -10.90 26.01
N ALA A 333 -2.81 -10.71 25.55
CA ALA A 333 -2.08 -9.49 25.88
C ALA A 333 -2.89 -8.32 25.30
N LEU A 334 -3.58 -8.58 24.19
CA LEU A 334 -4.40 -7.57 23.52
C LEU A 334 -5.56 -7.14 24.39
N ALA A 335 -6.36 -8.11 24.82
CA ALA A 335 -7.50 -7.79 25.67
C ALA A 335 -7.02 -6.94 26.84
N ASN A 336 -5.93 -7.35 27.47
CA ASN A 336 -5.40 -6.60 28.59
C ASN A 336 -5.11 -5.16 28.23
N ARG A 337 -4.63 -4.94 27.00
CA ARG A 337 -4.34 -3.59 26.55
C ARG A 337 -5.64 -2.81 26.33
N ALA A 338 -6.68 -3.50 25.87
CA ALA A 338 -7.95 -2.84 25.62
C ALA A 338 -8.69 -2.58 26.92
N ALA A 339 -8.57 -3.50 27.87
CA ALA A 339 -9.24 -3.34 29.15
C ALA A 339 -8.52 -2.30 30.00
N THR A 340 -7.20 -2.30 29.94
CA THR A 340 -6.41 -1.35 30.71
C THR A 340 -6.76 0.06 30.26
N THR A 341 -6.85 0.24 28.95
CA THR A 341 -7.17 1.53 28.37
C THR A 341 -8.66 1.83 28.55
N GLY A 342 -9.45 0.80 28.84
CA GLY A 342 -10.88 0.99 29.07
C GLY A 342 -11.78 0.83 27.86
N HIS A 343 -11.31 0.10 26.85
CA HIS A 343 -12.06 -0.11 25.62
C HIS A 343 -12.63 -1.50 25.42
N VAL A 344 -13.86 -1.55 24.92
CA VAL A 344 -14.60 -2.77 24.68
C VAL A 344 -14.44 -3.36 23.26
N ILE A 345 -14.16 -4.66 23.23
CA ILE A 345 -13.96 -5.39 21.99
C ILE A 345 -15.06 -6.43 21.72
N ASP A 346 -15.72 -6.33 20.57
CA ASP A 346 -16.74 -7.30 20.23
C ASP A 346 -16.20 -8.15 19.10
N ILE A 347 -16.44 -9.46 19.13
CA ILE A 347 -15.98 -10.35 18.05
C ILE A 347 -17.22 -10.93 17.41
N TYR A 348 -17.45 -10.63 16.14
CA TYR A 348 -18.62 -11.16 15.47
C TYR A 348 -18.24 -12.21 14.43
N ALA A 349 -18.21 -13.48 14.85
CA ALA A 349 -17.81 -14.57 13.98
C ALA A 349 -18.88 -15.36 13.21
N CYS A 350 -18.72 -15.43 11.90
CA CYS A 350 -19.65 -16.18 11.06
C CYS A 350 -18.97 -16.83 9.87
N ALA A 351 -18.69 -18.11 10.03
CA ALA A 351 -18.05 -18.92 9.01
C ALA A 351 -18.52 -20.37 9.17
N LEU A 352 -18.60 -21.10 8.07
CA LEU A 352 -19.02 -22.46 8.15
C LEU A 352 -18.03 -23.25 9.02
N ASP A 353 -16.74 -23.12 8.75
CA ASP A 353 -15.77 -23.84 9.56
C ASP A 353 -15.47 -23.02 10.81
N GLN A 354 -14.68 -23.59 11.73
CA GLN A 354 -14.33 -22.89 12.96
C GLN A 354 -13.70 -21.56 12.62
N THR A 355 -13.62 -20.66 13.58
CA THR A 355 -13.12 -19.33 13.28
C THR A 355 -11.95 -18.81 14.10
N GLY A 356 -11.69 -19.45 15.24
CA GLY A 356 -10.58 -19.03 16.07
C GLY A 356 -10.96 -18.37 17.37
N LEU A 357 -12.18 -18.62 17.82
CA LEU A 357 -12.62 -18.02 19.07
C LEU A 357 -11.85 -18.55 20.28
N LEU A 358 -11.49 -19.82 20.25
CA LEU A 358 -10.72 -20.38 21.35
C LEU A 358 -9.54 -19.49 21.74
N GLU A 359 -8.91 -18.87 20.74
CA GLU A 359 -7.73 -18.01 20.97
C GLU A 359 -8.10 -16.57 21.29
N MET A 360 -9.18 -16.10 20.69
CA MET A 360 -9.64 -14.73 20.89
C MET A 360 -10.54 -14.51 22.11
N LYS A 361 -11.10 -15.58 22.67
CA LYS A 361 -11.99 -15.46 23.81
C LYS A 361 -11.61 -14.38 24.83
N CYS A 362 -10.36 -14.33 25.27
CA CYS A 362 -9.99 -13.33 26.26
C CYS A 362 -10.29 -11.87 25.91
N CYS A 363 -10.58 -11.57 24.65
CA CYS A 363 -10.89 -10.18 24.31
C CYS A 363 -12.30 -9.80 24.70
N PRO A 364 -13.30 -10.50 24.17
CA PRO A 364 -14.63 -10.12 24.58
C PRO A 364 -14.86 -10.41 26.06
N ASN A 365 -14.12 -11.39 26.57
CA ASN A 365 -14.25 -11.80 27.96
C ASN A 365 -13.74 -10.79 29.00
N LEU A 366 -12.45 -10.45 28.96
CA LEU A 366 -11.96 -9.50 29.94
C LEU A 366 -12.73 -8.19 29.89
N THR A 367 -12.91 -7.64 28.70
CA THR A 367 -13.66 -6.41 28.56
C THR A 367 -15.12 -6.84 28.54
N GLY A 368 -16.04 -5.91 28.39
CA GLY A 368 -17.44 -6.32 28.35
C GLY A 368 -17.91 -6.68 26.95
N GLY A 369 -16.96 -6.87 26.04
CA GLY A 369 -17.28 -7.17 24.67
C GLY A 369 -18.22 -8.34 24.44
N TYR A 370 -18.96 -8.28 23.35
CA TYR A 370 -19.88 -9.32 22.99
C TYR A 370 -19.17 -10.43 22.23
N MET A 371 -19.85 -11.56 22.07
CA MET A 371 -19.29 -12.66 21.31
C MET A 371 -20.45 -13.30 20.59
N VAL A 372 -20.54 -13.07 19.29
CA VAL A 372 -21.62 -13.62 18.49
C VAL A 372 -21.03 -14.63 17.53
N MET A 373 -21.68 -15.77 17.42
CA MET A 373 -21.22 -16.81 16.53
C MET A 373 -22.40 -17.33 15.71
N GLY A 374 -22.13 -17.68 14.45
CA GLY A 374 -23.16 -18.19 13.58
C GLY A 374 -22.47 -18.81 12.38
N ASP A 375 -23.23 -19.30 11.39
CA ASP A 375 -22.64 -19.90 10.19
C ASP A 375 -22.24 -18.88 9.12
N SER A 376 -23.13 -17.92 8.85
CA SER A 376 -22.85 -16.89 7.85
C SER A 376 -23.60 -15.61 8.19
N PHE A 377 -23.01 -14.47 7.87
CA PHE A 377 -23.65 -13.20 8.15
C PHE A 377 -24.96 -12.99 7.38
N ASN A 378 -25.25 -13.85 6.39
CA ASN A 378 -26.47 -13.68 5.58
C ASN A 378 -27.72 -14.40 6.09
N THR A 379 -27.74 -14.69 7.39
CA THR A 379 -28.85 -15.38 8.04
C THR A 379 -29.70 -14.43 8.90
N SER A 380 -30.93 -14.81 9.17
CA SER A 380 -31.81 -14.00 9.99
C SER A 380 -31.19 -13.98 11.37
N LEU A 381 -30.71 -15.14 11.79
CA LEU A 381 -30.06 -15.29 13.09
C LEU A 381 -29.04 -14.18 13.35
N PHE A 382 -28.06 -14.03 12.48
CA PHE A 382 -27.07 -13.00 12.69
C PHE A 382 -27.70 -11.61 12.55
N LYS A 383 -28.27 -11.31 11.39
CA LYS A 383 -28.85 -9.99 11.19
C LYS A 383 -29.55 -9.47 12.44
N GLN A 384 -30.49 -10.24 12.96
CA GLN A 384 -31.22 -9.82 14.15
C GLN A 384 -30.37 -9.69 15.41
N THR A 385 -29.61 -10.73 15.77
CA THR A 385 -28.74 -10.65 16.93
C THR A 385 -27.91 -9.37 16.91
N PHE A 386 -27.41 -9.00 15.74
CA PHE A 386 -26.58 -7.80 15.62
C PHE A 386 -27.32 -6.53 15.89
N GLN A 387 -28.56 -6.43 15.43
CA GLN A 387 -29.28 -5.20 15.68
C GLN A 387 -29.83 -5.19 17.11
N ARG A 388 -29.68 -6.29 17.82
CA ARG A 388 -30.13 -6.34 19.19
C ARG A 388 -29.06 -5.65 20.03
N VAL A 389 -27.89 -5.46 19.44
CA VAL A 389 -26.75 -4.82 20.11
C VAL A 389 -27.09 -3.36 20.33
N PHE A 390 -28.03 -2.86 19.52
CA PHE A 390 -28.38 -1.46 19.62
C PHE A 390 -29.82 -1.28 20.03
N THR A 391 -30.22 -2.09 20.99
CA THR A 391 -31.57 -2.00 21.52
C THR A 391 -31.52 -0.74 22.36
N LYS A 392 -32.63 -0.01 22.40
CA LYS A 392 -32.70 1.21 23.17
C LYS A 392 -33.76 1.16 24.25
N ASP A 393 -33.65 2.07 25.22
CA ASP A 393 -34.60 2.14 26.32
C ASP A 393 -35.64 3.22 26.09
N MET A 394 -36.56 3.35 27.04
CA MET A 394 -37.65 4.32 26.94
C MET A 394 -37.28 5.75 26.58
N HIS A 395 -35.98 6.03 26.45
CA HIS A 395 -35.51 7.37 26.11
C HIS A 395 -34.82 7.45 24.75
N GLY A 396 -34.66 6.29 24.11
CA GLY A 396 -34.02 6.25 22.82
C GLY A 396 -32.52 6.11 22.97
N GLN A 397 -32.08 5.39 23.98
CA GLN A 397 -30.66 5.20 24.19
C GLN A 397 -30.22 3.76 24.40
N PHE A 398 -29.00 3.48 23.96
CA PHE A 398 -28.42 2.16 24.08
C PHE A 398 -28.43 1.64 25.50
N LYS A 399 -28.58 0.33 25.63
CA LYS A 399 -28.60 -0.31 26.94
C LYS A 399 -27.22 -0.84 27.21
N MET A 400 -26.25 0.05 27.09
CA MET A 400 -24.87 -0.32 27.35
C MET A 400 -24.20 0.78 28.17
N GLY A 401 -23.06 0.44 28.75
CA GLY A 401 -22.33 1.39 29.55
C GLY A 401 -20.85 1.15 29.32
N PHE A 402 -20.01 2.10 29.68
CA PHE A 402 -18.60 1.90 29.42
C PHE A 402 -17.71 2.30 30.59
N GLY A 403 -16.56 1.63 30.70
CA GLY A 403 -15.59 1.92 31.75
C GLY A 403 -16.11 1.89 33.18
N GLY A 404 -16.92 0.89 33.48
CA GLY A 404 -17.49 0.77 34.81
C GLY A 404 -16.50 0.29 35.84
N THR A 405 -16.39 1.05 36.92
CA THR A 405 -15.49 0.65 37.98
C THR A 405 -16.34 0.13 39.14
N LEU A 406 -16.08 -1.11 39.53
CA LEU A 406 -16.81 -1.76 40.60
C LEU A 406 -16.01 -1.78 41.88
N GLU A 407 -16.61 -1.27 42.95
CA GLU A 407 -15.96 -1.22 44.26
C GLU A 407 -16.92 -1.79 45.29
N ILE A 408 -16.47 -2.78 46.04
CA ILE A 408 -17.29 -3.43 47.06
C ILE A 408 -16.77 -3.22 48.46
N LYS A 409 -17.55 -2.51 49.27
CA LYS A 409 -17.17 -2.23 50.65
C LYS A 409 -17.89 -3.21 51.57
N THR A 410 -17.21 -3.66 52.61
CA THR A 410 -17.81 -4.62 53.52
C THR A 410 -17.61 -4.31 55.00
N SER A 411 -18.39 -4.98 55.86
CA SER A 411 -18.30 -4.82 57.31
C SER A 411 -16.95 -5.35 57.74
N ARG A 412 -16.34 -4.76 58.76
CA ARG A 412 -15.03 -5.22 59.18
C ARG A 412 -14.94 -6.73 59.32
N GLU A 413 -16.09 -7.41 59.31
CA GLU A 413 -16.13 -8.86 59.45
C GLU A 413 -16.02 -9.66 58.14
N ILE A 414 -16.21 -9.00 56.99
CA ILE A 414 -16.17 -9.66 55.68
C ILE A 414 -15.04 -9.26 54.75
N LYS A 415 -14.45 -10.24 54.09
CA LYS A 415 -13.37 -10.01 53.14
C LYS A 415 -13.76 -10.56 51.77
N ILE A 416 -13.13 -10.06 50.71
CA ILE A 416 -13.40 -10.48 49.33
C ILE A 416 -12.35 -11.34 48.67
N SER A 417 -12.74 -12.57 48.36
CA SER A 417 -11.86 -13.54 47.73
C SER A 417 -11.61 -13.28 46.26
N GLY A 418 -12.63 -12.79 45.57
CA GLY A 418 -12.50 -12.50 44.16
C GLY A 418 -13.80 -12.59 43.42
N ALA A 419 -13.78 -12.12 42.18
CA ALA A 419 -14.97 -12.14 41.32
C ALA A 419 -14.75 -13.04 40.11
N ILE A 420 -15.86 -13.59 39.60
CA ILE A 420 -15.84 -14.44 38.43
C ILE A 420 -16.89 -13.89 37.47
N GLY A 421 -16.42 -13.28 36.39
CA GLY A 421 -17.34 -12.73 35.42
C GLY A 421 -16.56 -11.80 34.53
N PRO A 422 -17.26 -11.07 33.65
CA PRO A 422 -16.60 -10.12 32.73
C PRO A 422 -15.94 -8.95 33.47
N CYS A 423 -14.63 -8.99 33.66
CA CYS A 423 -13.96 -7.91 34.36
C CYS A 423 -12.46 -8.09 34.52
N VAL A 424 -11.83 -7.05 35.04
CA VAL A 424 -10.41 -7.04 35.28
C VAL A 424 -10.13 -6.31 36.58
N SER A 425 -9.10 -6.76 37.29
CA SER A 425 -8.74 -6.15 38.56
C SER A 425 -8.00 -4.83 38.38
N LEU A 426 -8.32 -3.86 39.24
CA LEU A 426 -7.66 -2.57 39.22
C LEU A 426 -6.52 -2.72 40.22
N ASN A 427 -6.40 -3.93 40.74
CA ASN A 427 -5.36 -4.26 41.69
C ASN A 427 -5.20 -3.18 42.74
N SER A 428 -6.26 -2.94 43.51
CA SER A 428 -6.21 -1.96 44.57
C SER A 428 -6.34 -2.78 45.86
N LYS A 429 -5.54 -2.44 46.87
CA LYS A 429 -5.52 -3.17 48.14
C LYS A 429 -6.28 -2.50 49.29
N GLY A 430 -6.28 -3.19 50.42
CA GLY A 430 -6.95 -2.70 51.62
C GLY A 430 -7.25 -3.80 52.62
N PRO A 431 -8.19 -3.59 53.57
CA PRO A 431 -8.53 -4.60 54.56
C PRO A 431 -9.66 -5.55 54.08
N CYS A 432 -10.27 -5.22 52.95
CA CYS A 432 -11.34 -6.02 52.36
C CYS A 432 -10.77 -7.22 51.62
N VAL A 433 -9.55 -7.08 51.14
CA VAL A 433 -8.90 -8.15 50.39
C VAL A 433 -8.48 -9.32 51.26
N SER A 434 -8.95 -10.52 50.91
CA SER A 434 -8.59 -11.72 51.65
C SER A 434 -7.36 -12.37 51.02
N GLU A 435 -6.71 -13.28 51.75
CA GLU A 435 -5.53 -13.97 51.25
C GLU A 435 -5.88 -15.14 50.34
N ASN A 436 -7.13 -15.58 50.42
CA ASN A 436 -7.61 -16.67 49.57
C ASN A 436 -8.25 -15.95 48.39
N GLU A 437 -7.55 -15.89 47.26
CA GLU A 437 -8.11 -15.20 46.11
C GLU A 437 -8.80 -16.15 45.14
N ILE A 438 -10.01 -15.78 44.74
CA ILE A 438 -10.82 -16.56 43.79
C ILE A 438 -11.00 -15.76 42.51
N GLY A 439 -10.77 -16.40 41.37
CA GLY A 439 -10.90 -15.73 40.09
C GLY A 439 -10.06 -14.47 40.03
N THR A 440 -10.59 -13.42 39.40
CA THR A 440 -9.87 -12.15 39.33
C THR A 440 -9.95 -11.59 40.74
N GLY A 441 -9.00 -11.96 41.57
CA GLY A 441 -9.01 -11.50 42.94
C GLY A 441 -7.84 -10.66 43.37
N GLY A 442 -7.85 -10.33 44.66
CA GLY A 442 -6.80 -9.51 45.22
C GLY A 442 -7.19 -8.07 44.98
N THR A 443 -8.49 -7.79 45.17
CA THR A 443 -9.00 -6.44 44.97
C THR A 443 -10.40 -6.21 45.51
N CYS A 444 -10.70 -4.94 45.72
CA CYS A 444 -12.00 -4.49 46.21
C CYS A 444 -12.56 -3.62 45.09
N GLN A 445 -11.78 -3.52 44.01
CA GLN A 445 -12.15 -2.73 42.82
C GLN A 445 -11.94 -3.55 41.53
N TRP A 446 -12.78 -3.28 40.54
CA TRP A 446 -12.72 -3.98 39.26
C TRP A 446 -13.17 -3.04 38.17
N LYS A 447 -12.54 -3.12 37.01
CA LYS A 447 -12.96 -2.29 35.91
C LYS A 447 -13.77 -3.22 35.06
N ILE A 448 -14.82 -2.68 34.45
CA ILE A 448 -15.70 -3.45 33.60
C ILE A 448 -15.93 -2.58 32.38
N CYS A 449 -14.98 -2.58 31.45
CA CYS A 449 -15.13 -1.74 30.28
C CYS A 449 -16.56 -1.63 29.76
N GLY A 450 -17.20 -2.74 29.39
CA GLY A 450 -18.58 -2.64 28.89
C GLY A 450 -19.65 -3.40 29.67
N LEU A 451 -20.82 -2.82 29.85
CA LEU A 451 -21.86 -3.52 30.59
C LEU A 451 -23.28 -3.20 30.20
N SER A 452 -24.19 -4.12 30.50
CA SER A 452 -25.61 -3.99 30.18
C SER A 452 -26.51 -4.33 31.36
N PRO A 453 -27.82 -4.17 31.18
CA PRO A 453 -28.75 -4.48 32.26
C PRO A 453 -28.82 -5.97 32.58
N THR A 454 -27.92 -6.76 31.97
CA THR A 454 -27.91 -8.20 32.20
C THR A 454 -26.52 -8.70 32.51
N THR A 455 -25.58 -7.79 32.70
CA THR A 455 -24.22 -8.19 33.00
C THR A 455 -24.19 -8.66 34.45
N THR A 456 -23.67 -9.86 34.68
CA THR A 456 -23.65 -10.41 36.02
C THR A 456 -22.36 -11.05 36.49
N LEU A 457 -21.74 -10.45 37.51
CA LEU A 457 -20.51 -10.95 38.12
C LEU A 457 -20.87 -11.83 39.31
N ALA A 458 -19.93 -12.66 39.70
CA ALA A 458 -20.13 -13.48 40.86
C ALA A 458 -19.06 -12.90 41.75
N ILE A 459 -19.42 -12.56 42.98
CA ILE A 459 -18.46 -11.98 43.92
C ILE A 459 -18.36 -12.93 45.08
N TYR A 460 -17.17 -13.49 45.28
CA TYR A 460 -16.98 -14.43 46.37
C TYR A 460 -16.46 -13.76 47.65
N PHE A 461 -17.22 -13.91 48.73
CA PHE A 461 -16.85 -13.32 50.00
C PHE A 461 -16.40 -14.36 51.04
N GLU A 462 -15.74 -13.86 52.08
CA GLU A 462 -15.26 -14.68 53.18
C GLU A 462 -15.42 -13.96 54.52
N VAL A 463 -15.47 -14.74 55.60
CA VAL A 463 -15.60 -14.19 56.95
C VAL A 463 -14.37 -14.53 57.79
N VAL A 464 -13.85 -13.52 58.47
CA VAL A 464 -12.67 -13.68 59.30
C VAL A 464 -12.97 -13.21 60.70
N GLY A 475 -27.67 -8.47 64.89
CA GLY A 475 -26.68 -8.92 63.91
C GLY A 475 -26.61 -7.99 62.72
N ARG A 476 -26.63 -8.57 61.51
CA ARG A 476 -26.57 -7.80 60.27
C ARG A 476 -25.16 -7.46 59.80
N GLY A 477 -24.73 -8.12 58.72
CA GLY A 477 -23.42 -7.87 58.14
C GLY A 477 -23.77 -7.26 56.80
N ALA A 478 -23.01 -6.28 56.32
CA ALA A 478 -23.35 -5.64 55.07
C ALA A 478 -22.26 -5.47 54.03
N ILE A 479 -22.68 -5.43 52.77
CA ILE A 479 -21.77 -5.26 51.64
C ILE A 479 -22.41 -4.20 50.75
N GLN A 480 -21.60 -3.24 50.32
CA GLN A 480 -22.09 -2.18 49.44
C GLN A 480 -21.40 -2.28 48.09
N PHE A 481 -22.18 -2.04 47.03
CA PHE A 481 -21.66 -2.12 45.68
C PHE A 481 -21.70 -0.77 44.94
N VAL A 482 -20.52 -0.25 44.62
CA VAL A 482 -20.42 1.01 43.93
C VAL A 482 -19.94 0.79 42.50
N THR A 483 -20.80 1.12 41.53
CA THR A 483 -20.52 0.93 40.12
C THR A 483 -20.58 2.23 39.32
N GLN A 484 -19.42 2.82 39.07
CA GLN A 484 -19.31 4.07 38.32
C GLN A 484 -19.10 3.78 36.84
N TYR A 485 -20.02 4.23 36.01
CA TYR A 485 -19.88 4.02 34.58
C TYR A 485 -20.23 5.23 33.72
N GLN A 486 -20.07 5.06 32.40
CA GLN A 486 -20.35 6.10 31.40
C GLN A 486 -21.57 5.64 30.66
N HIS A 487 -22.62 6.41 30.77
CA HIS A 487 -23.88 6.06 30.14
C HIS A 487 -23.83 6.35 28.65
N SER A 488 -24.64 5.62 27.89
CA SER A 488 -24.72 5.80 26.44
C SER A 488 -25.11 7.24 26.08
N SER A 489 -25.69 7.94 27.04
CA SER A 489 -26.10 9.32 26.86
C SER A 489 -24.88 10.20 26.98
N GLY A 490 -23.92 9.69 27.76
CA GLY A 490 -22.70 10.41 27.99
C GLY A 490 -22.62 10.79 29.47
N GLN A 491 -23.74 10.75 30.17
CA GLN A 491 -23.78 11.11 31.58
C GLN A 491 -22.97 10.12 32.40
N ARG A 492 -22.11 10.62 33.29
CA ARG A 492 -21.32 9.77 34.18
C ARG A 492 -22.27 9.45 35.33
N ARG A 493 -22.39 8.19 35.71
CA ARG A 493 -23.32 7.79 36.79
C ARG A 493 -22.75 6.79 37.78
N ILE A 494 -23.24 6.83 39.01
CA ILE A 494 -22.79 5.88 40.02
C ILE A 494 -23.96 5.09 40.55
N ARG A 495 -23.95 3.80 40.30
CA ARG A 495 -25.02 2.95 40.78
C ARG A 495 -24.53 2.44 42.12
N VAL A 496 -25.40 2.56 43.12
CA VAL A 496 -25.06 2.10 44.45
C VAL A 496 -26.14 1.15 44.92
N THR A 497 -25.73 0.09 45.59
CA THR A 497 -26.64 -0.91 46.13
C THR A 497 -25.98 -1.41 47.39
N THR A 498 -26.63 -1.17 48.52
CA THR A 498 -26.10 -1.62 49.81
C THR A 498 -27.05 -2.69 50.31
N ILE A 499 -26.52 -3.84 50.71
CA ILE A 499 -27.35 -4.92 51.23
C ILE A 499 -26.94 -5.33 52.66
N ALA A 500 -27.90 -5.85 53.42
CA ALA A 500 -27.68 -6.30 54.80
C ALA A 500 -28.21 -7.72 54.93
N ARG A 501 -27.48 -8.57 55.63
CA ARG A 501 -27.90 -9.95 55.82
C ARG A 501 -27.66 -10.34 57.27
N ASN A 502 -28.61 -11.07 57.86
CA ASN A 502 -28.50 -11.46 59.26
C ASN A 502 -27.30 -12.30 59.66
N TRP A 503 -26.77 -11.97 60.84
CA TRP A 503 -25.65 -12.68 61.43
C TRP A 503 -26.26 -13.88 62.15
N ALA A 504 -25.65 -15.04 61.95
CA ALA A 504 -26.11 -16.29 62.56
C ALA A 504 -26.36 -16.17 64.07
N ASP A 505 -27.49 -16.69 64.55
CA ASP A 505 -27.77 -16.67 65.99
C ASP A 505 -27.03 -17.86 66.59
N ALA A 506 -25.99 -17.56 67.37
CA ALA A 506 -25.13 -18.57 68.01
C ALA A 506 -25.80 -19.78 68.68
N GLN A 507 -26.98 -19.56 69.27
CA GLN A 507 -27.71 -20.64 69.94
C GLN A 507 -28.54 -21.47 68.97
N THR A 508 -28.41 -21.14 67.69
CA THR A 508 -29.14 -21.81 66.61
C THR A 508 -28.43 -21.56 65.28
N GLN A 509 -27.10 -21.64 65.27
CA GLN A 509 -26.35 -21.39 64.05
C GLN A 509 -26.78 -22.19 62.82
N ILE A 510 -26.16 -23.36 62.65
CA ILE A 510 -26.42 -24.22 61.50
C ILE A 510 -27.88 -24.44 61.10
N GLN A 511 -28.81 -24.12 61.98
CA GLN A 511 -30.22 -24.31 61.68
C GLN A 511 -30.83 -23.14 60.89
N ASN A 512 -30.37 -21.92 61.17
CA ASN A 512 -30.84 -20.72 60.49
C ASN A 512 -30.13 -20.63 59.13
N ILE A 513 -28.83 -20.88 59.14
CA ILE A 513 -27.97 -20.85 57.95
C ILE A 513 -28.51 -21.75 56.85
N ALA A 514 -28.77 -22.99 57.22
CA ALA A 514 -29.28 -23.97 56.27
C ALA A 514 -30.60 -23.52 55.63
N ALA A 515 -31.44 -22.84 56.40
CA ALA A 515 -32.72 -22.40 55.87
C ALA A 515 -32.68 -21.15 54.99
N SER A 516 -31.53 -20.47 54.93
CA SER A 516 -31.39 -19.26 54.11
C SER A 516 -30.72 -19.60 52.78
N PHE A 517 -30.43 -20.88 52.59
CA PHE A 517 -29.77 -21.36 51.40
C PHE A 517 -30.52 -21.13 50.09
N ASP A 518 -29.76 -20.89 49.04
CA ASP A 518 -30.27 -20.63 47.70
C ASP A 518 -29.67 -21.63 46.70
N GLN A 519 -30.16 -22.87 46.74
CA GLN A 519 -29.64 -23.92 45.86
C GLN A 519 -29.38 -23.41 44.46
N GLU A 520 -30.38 -22.79 43.85
CA GLU A 520 -30.23 -22.25 42.51
C GLU A 520 -28.97 -21.37 42.41
N ALA A 521 -28.91 -20.33 43.22
CA ALA A 521 -27.79 -19.41 43.22
C ALA A 521 -26.49 -20.15 43.55
N ALA A 522 -26.53 -20.97 44.57
CA ALA A 522 -25.33 -21.69 44.94
C ALA A 522 -24.86 -22.50 43.75
N ALA A 523 -25.78 -23.28 43.18
CA ALA A 523 -25.48 -24.12 42.03
C ALA A 523 -24.64 -23.39 41.02
N ILE A 524 -25.18 -22.26 40.57
CA ILE A 524 -24.50 -21.45 39.57
C ILE A 524 -23.23 -20.80 40.07
N LEU A 525 -23.19 -20.45 41.35
CA LEU A 525 -21.99 -19.84 41.89
C LEU A 525 -20.94 -20.93 41.99
N MET A 526 -21.39 -22.13 42.28
CA MET A 526 -20.51 -23.28 42.39
C MET A 526 -20.07 -23.70 41.00
N ALA A 527 -21.00 -23.59 40.07
CA ALA A 527 -20.73 -23.94 38.69
C ALA A 527 -19.63 -23.01 38.21
N ARG A 528 -19.94 -21.72 38.21
CA ARG A 528 -19.02 -20.68 37.81
C ARG A 528 -17.58 -21.05 38.20
N LEU A 529 -17.37 -21.29 39.50
CA LEU A 529 -16.07 -21.65 40.05
C LEU A 529 -15.41 -22.78 39.30
N ALA A 530 -16.15 -23.85 39.10
CA ALA A 530 -15.63 -25.00 38.39
C ALA A 530 -15.20 -24.54 37.02
N ILE A 531 -16.16 -24.12 36.21
CA ILE A 531 -15.84 -23.68 34.85
C ILE A 531 -14.61 -22.79 34.80
N TYR A 532 -14.49 -21.89 35.75
CA TYR A 532 -13.35 -20.99 35.79
C TYR A 532 -12.06 -21.78 35.90
N ARG A 533 -12.11 -22.91 36.59
CA ARG A 533 -10.90 -23.69 36.75
C ARG A 533 -10.59 -24.46 35.49
N ALA A 534 -11.62 -24.99 34.84
CA ALA A 534 -11.44 -25.73 33.61
C ALA A 534 -10.79 -24.86 32.56
N GLU A 535 -11.42 -23.73 32.29
CA GLU A 535 -10.93 -22.80 31.29
C GLU A 535 -9.55 -22.26 31.61
N THR A 536 -8.99 -22.70 32.72
CA THR A 536 -7.65 -22.28 33.13
C THR A 536 -6.98 -23.46 33.83
N GLU A 537 -7.30 -24.66 33.35
CA GLU A 537 -6.77 -25.92 33.87
C GLU A 537 -5.40 -25.73 34.47
N ASP A 541 -8.93 -33.62 38.39
CA ASP A 541 -10.14 -33.44 37.61
C ASP A 541 -11.06 -32.48 38.34
N VAL A 542 -11.81 -31.65 37.60
CA VAL A 542 -12.74 -30.69 38.21
C VAL A 542 -13.97 -31.39 38.77
N LEU A 543 -14.56 -32.26 37.97
CA LEU A 543 -15.73 -33.00 38.42
C LEU A 543 -15.46 -33.53 39.82
N ARG A 544 -14.22 -33.95 40.03
CA ARG A 544 -13.81 -34.49 41.32
C ARG A 544 -14.04 -33.46 42.42
N TRP A 545 -13.75 -32.19 42.15
CA TRP A 545 -13.98 -31.15 43.15
C TRP A 545 -15.49 -30.92 43.29
N LEU A 546 -16.18 -30.91 42.16
CA LEU A 546 -17.60 -30.69 42.15
C LEU A 546 -18.32 -31.75 42.98
N ASP A 547 -17.91 -33.01 42.80
CA ASP A 547 -18.51 -34.13 43.53
C ASP A 547 -18.23 -34.14 45.03
N ARG A 548 -16.98 -33.90 45.40
CA ARG A 548 -16.63 -33.89 46.80
C ARG A 548 -17.54 -33.00 47.64
N GLN A 549 -17.76 -31.77 47.19
CA GLN A 549 -18.61 -30.85 47.94
C GLN A 549 -20.09 -31.28 47.92
N LEU A 550 -20.60 -31.71 46.78
CA LEU A 550 -21.98 -32.16 46.71
C LEU A 550 -22.15 -33.16 47.85
N ILE A 551 -21.12 -33.97 48.04
CA ILE A 551 -21.07 -34.99 49.09
C ILE A 551 -21.18 -34.33 50.45
N ARG A 552 -20.23 -33.44 50.71
CA ARG A 552 -20.17 -32.71 51.97
C ARG A 552 -21.49 -31.98 52.22
N LEU A 553 -21.95 -31.26 51.21
CA LEU A 553 -23.19 -30.51 51.32
C LEU A 553 -24.35 -31.42 51.68
N CYS A 554 -24.16 -32.72 51.50
CA CYS A 554 -25.23 -33.64 51.83
C CYS A 554 -25.10 -34.08 53.27
N GLN A 555 -23.86 -34.24 53.69
CA GLN A 555 -23.58 -34.68 55.03
C GLN A 555 -23.75 -33.62 56.10
N LYS A 556 -23.77 -32.34 55.72
CA LYS A 556 -23.90 -31.34 56.75
C LYS A 556 -25.31 -30.78 56.92
N PHE A 557 -26.15 -30.91 55.89
CA PHE A 557 -27.50 -30.39 55.97
C PHE A 557 -28.53 -31.43 55.58
N GLY A 558 -28.06 -32.65 55.29
CA GLY A 558 -28.94 -33.74 54.92
C GLY A 558 -29.38 -34.53 56.13
N GLU A 559 -30.44 -35.31 55.96
CA GLU A 559 -30.98 -36.13 57.03
C GLU A 559 -30.78 -37.62 56.74
N TYR A 560 -30.26 -38.36 57.71
CA TYR A 560 -30.00 -39.78 57.48
C TYR A 560 -29.51 -40.60 58.68
N HIS A 561 -29.42 -41.91 58.47
CA HIS A 561 -28.92 -42.87 59.46
C HIS A 561 -27.66 -43.37 58.77
N LYS A 562 -26.51 -43.19 59.39
CA LYS A 562 -25.28 -43.66 58.76
C LYS A 562 -25.46 -45.01 58.08
N ASP A 563 -24.68 -45.24 57.03
CA ASP A 563 -24.72 -46.50 56.28
C ASP A 563 -26.10 -46.99 55.82
N ASP A 564 -27.12 -46.15 55.96
CA ASP A 564 -28.45 -46.52 55.51
C ASP A 564 -28.86 -45.57 54.40
N PRO A 565 -28.37 -45.80 53.17
CA PRO A 565 -28.70 -44.95 52.03
C PRO A 565 -30.18 -44.56 51.98
N SER A 566 -31.03 -45.57 51.83
CA SER A 566 -32.47 -45.36 51.74
C SER A 566 -32.98 -44.18 52.56
N SER A 567 -32.41 -44.02 53.75
CA SER A 567 -32.81 -42.96 54.66
C SER A 567 -32.63 -41.52 54.20
N PHE A 568 -31.59 -41.26 53.39
CA PHE A 568 -31.30 -39.90 52.94
C PHE A 568 -32.43 -39.11 52.30
N ARG A 569 -32.49 -37.83 52.66
CA ARG A 569 -33.49 -36.91 52.16
C ARG A 569 -32.86 -35.51 52.21
N PHE A 570 -33.57 -34.51 51.71
CA PHE A 570 -33.07 -33.12 51.75
C PHE A 570 -34.20 -32.14 51.97
N SER A 571 -33.90 -31.05 52.66
CA SER A 571 -34.91 -30.05 52.90
C SER A 571 -35.46 -29.65 51.55
N GLU A 572 -36.68 -29.14 51.53
CA GLU A 572 -37.25 -28.66 50.29
C GLU A 572 -36.25 -27.58 49.84
N THR A 573 -35.37 -27.23 50.78
CA THR A 573 -34.37 -26.21 50.59
C THR A 573 -33.15 -26.71 49.84
N PHE A 574 -32.92 -28.02 49.87
CA PHE A 574 -31.77 -28.58 49.19
C PHE A 574 -32.07 -29.61 48.11
N SER A 575 -33.30 -30.13 48.14
CA SER A 575 -33.73 -31.13 47.16
C SER A 575 -33.04 -31.06 45.80
N LEU A 576 -33.27 -29.96 45.07
CA LEU A 576 -32.74 -29.76 43.74
C LEU A 576 -31.24 -29.65 43.58
N TYR A 577 -30.57 -29.04 44.54
CA TYR A 577 -29.12 -28.89 44.40
C TYR A 577 -28.43 -30.09 43.76
N PRO A 578 -28.80 -31.31 44.18
CA PRO A 578 -28.21 -32.53 43.63
C PRO A 578 -28.45 -32.65 42.12
N GLN A 579 -29.71 -32.60 41.73
CA GLN A 579 -30.06 -32.72 40.33
C GLN A 579 -29.32 -31.63 39.55
N PHE A 580 -29.38 -30.40 40.04
CA PHE A 580 -28.69 -29.34 39.38
C PHE A 580 -27.26 -29.74 39.13
N MET A 581 -26.65 -30.34 40.14
CA MET A 581 -25.25 -30.78 40.06
C MET A 581 -25.10 -31.85 38.99
N PHE A 582 -26.10 -32.71 38.90
CA PHE A 582 -26.10 -33.77 37.91
C PHE A 582 -25.85 -33.16 36.54
N HIS A 583 -26.75 -32.27 36.14
CA HIS A 583 -26.70 -31.59 34.85
C HIS A 583 -25.43 -30.79 34.55
N LEU A 584 -24.94 -30.03 35.53
CA LEU A 584 -23.75 -29.22 35.33
C LEU A 584 -22.50 -30.06 35.07
N ARG A 585 -22.47 -31.27 35.61
CA ARG A 585 -21.31 -32.12 35.41
C ARG A 585 -21.40 -32.88 34.09
N ARG A 586 -22.56 -32.88 33.48
CA ARG A 586 -22.73 -33.60 32.22
C ARG A 586 -22.89 -32.64 31.04
N SER A 587 -22.97 -31.35 31.34
CA SER A 587 -23.14 -30.31 30.32
C SER A 587 -21.92 -30.13 29.45
N SER A 588 -22.09 -29.34 28.38
CA SER A 588 -21.00 -29.05 27.47
C SER A 588 -20.13 -27.95 28.03
N PHE A 589 -20.36 -27.58 29.29
CA PHE A 589 -19.58 -26.54 29.93
C PHE A 589 -18.34 -27.16 30.56
N LEU A 590 -18.34 -28.47 30.76
CA LEU A 590 -17.20 -29.17 31.37
C LEU A 590 -16.85 -30.45 30.58
N GLN A 591 -17.76 -30.85 29.70
CA GLN A 591 -17.57 -32.03 28.87
C GLN A 591 -17.32 -31.54 27.46
N VAL A 592 -16.22 -30.82 27.31
CA VAL A 592 -15.80 -30.23 26.05
C VAL A 592 -16.00 -31.11 24.83
N PHE A 593 -15.22 -32.17 24.70
CA PHE A 593 -15.32 -33.07 23.55
C PHE A 593 -16.76 -33.23 23.08
N ASN A 594 -16.94 -33.49 21.79
CA ASN A 594 -18.25 -33.62 21.16
C ASN A 594 -18.74 -32.22 20.79
N ASN A 595 -17.78 -31.30 20.84
CA ASN A 595 -17.97 -29.88 20.51
C ASN A 595 -16.65 -29.29 20.00
N SER A 596 -16.75 -28.24 19.20
CA SER A 596 -15.57 -27.58 18.66
C SER A 596 -15.05 -26.58 19.66
N PRO A 597 -13.74 -26.57 19.90
CA PRO A 597 -13.15 -25.63 20.87
C PRO A 597 -13.88 -24.30 20.85
N ASP A 598 -14.18 -23.83 19.64
CA ASP A 598 -14.90 -22.58 19.47
C ASP A 598 -16.30 -22.66 20.10
N GLU A 599 -17.09 -23.66 19.73
CA GLU A 599 -18.42 -23.78 20.32
C GLU A 599 -18.28 -23.80 21.81
N SER A 600 -17.26 -24.52 22.28
CA SER A 600 -17.03 -24.61 23.71
C SER A 600 -16.88 -23.21 24.31
N SER A 601 -15.95 -22.44 23.77
CA SER A 601 -15.68 -21.10 24.26
C SER A 601 -16.91 -20.20 24.23
N TYR A 602 -17.63 -20.23 23.11
CA TYR A 602 -18.84 -19.41 22.97
C TYR A 602 -19.82 -19.70 24.13
N TYR A 603 -20.05 -20.97 24.39
CA TYR A 603 -20.95 -21.37 25.45
C TYR A 603 -20.51 -20.76 26.77
N ARG A 604 -19.34 -21.16 27.26
CA ARG A 604 -18.81 -20.66 28.52
C ARG A 604 -18.95 -19.14 28.62
N HIS A 605 -18.51 -18.44 27.58
CA HIS A 605 -18.57 -16.98 27.52
C HIS A 605 -19.91 -16.46 28.05
N HIS A 606 -21.00 -16.87 27.42
CA HIS A 606 -22.33 -16.43 27.81
C HIS A 606 -22.78 -16.91 29.16
N PHE A 607 -22.17 -17.98 29.65
CA PHE A 607 -22.60 -18.46 30.94
C PHE A 607 -22.06 -17.51 31.98
N MET A 608 -20.75 -17.28 31.92
CA MET A 608 -20.08 -16.43 32.88
C MET A 608 -20.50 -14.96 32.89
N ARG A 609 -21.62 -14.61 32.27
CA ARG A 609 -22.06 -13.21 32.23
C ARG A 609 -23.53 -13.05 32.52
N GLN A 610 -24.28 -14.12 32.31
CA GLN A 610 -25.72 -14.13 32.50
C GLN A 610 -26.14 -14.10 33.97
N ASP A 611 -27.39 -13.71 34.20
CA ASP A 611 -27.96 -13.63 35.52
C ASP A 611 -28.28 -15.04 36.01
N LEU A 612 -28.93 -15.16 37.15
CA LEU A 612 -29.23 -16.49 37.63
C LEU A 612 -30.20 -17.19 36.70
N THR A 613 -31.40 -16.63 36.55
CA THR A 613 -32.41 -17.24 35.72
C THR A 613 -31.77 -17.85 34.48
N GLN A 614 -31.46 -17.03 33.49
CA GLN A 614 -30.86 -17.52 32.25
C GLN A 614 -29.83 -18.64 32.47
N SER A 615 -29.05 -18.51 33.54
CA SER A 615 -28.04 -19.51 33.85
C SER A 615 -28.67 -20.86 34.10
N LEU A 616 -29.70 -20.90 34.93
CA LEU A 616 -30.35 -22.18 35.22
C LEU A 616 -30.73 -22.84 33.91
N ILE A 617 -31.36 -22.08 33.01
CA ILE A 617 -31.78 -22.61 31.71
C ILE A 617 -30.64 -23.30 31.02
N MET A 618 -29.48 -22.66 31.00
CA MET A 618 -28.31 -23.25 30.38
C MET A 618 -28.06 -24.61 31.01
N ILE A 619 -27.67 -24.59 32.27
CA ILE A 619 -27.41 -25.81 33.04
C ILE A 619 -28.43 -26.90 32.74
N GLN A 620 -29.69 -26.64 33.08
CA GLN A 620 -30.75 -27.59 32.88
C GLN A 620 -31.88 -26.99 32.06
N PRO A 621 -31.88 -27.20 30.73
CA PRO A 621 -32.90 -26.68 29.82
C PRO A 621 -34.31 -27.03 30.27
N ILE A 622 -35.20 -26.06 30.21
CA ILE A 622 -36.57 -26.33 30.61
C ILE A 622 -37.17 -27.03 29.41
N LEU A 623 -38.33 -27.66 29.59
CA LEU A 623 -38.96 -28.39 28.52
C LEU A 623 -40.48 -28.36 28.67
N TYR A 624 -41.20 -28.24 27.55
CA TYR A 624 -42.66 -28.21 27.61
C TYR A 624 -43.34 -29.22 26.69
N ALA A 625 -44.56 -29.64 27.06
CA ALA A 625 -45.32 -30.61 26.27
C ALA A 625 -46.63 -30.01 25.75
N TYR A 626 -47.03 -30.44 24.58
CA TYR A 626 -48.25 -29.94 23.95
C TYR A 626 -49.04 -31.08 23.32
N SER A 627 -50.27 -31.31 23.79
CA SER A 627 -51.14 -32.35 23.24
C SER A 627 -52.59 -31.92 23.42
N PHE A 628 -53.54 -32.73 22.97
CA PHE A 628 -54.97 -32.36 23.09
C PHE A 628 -55.44 -32.52 24.54
N SER A 629 -54.73 -33.38 25.27
CA SER A 629 -55.03 -33.68 26.67
C SER A 629 -54.57 -32.57 27.63
N GLY A 630 -55.02 -31.34 27.37
CA GLY A 630 -54.65 -30.23 28.22
C GLY A 630 -53.75 -29.21 27.56
N PRO A 631 -53.57 -28.03 28.18
CA PRO A 631 -52.72 -26.98 27.63
C PRO A 631 -51.25 -27.26 27.98
N PRO A 632 -50.35 -26.40 27.51
CA PRO A 632 -48.92 -26.57 27.79
C PRO A 632 -48.63 -26.81 29.26
N GLU A 633 -47.64 -27.65 29.52
CA GLU A 633 -47.21 -27.97 30.89
C GLU A 633 -45.75 -28.35 30.87
N PRO A 634 -44.95 -27.81 31.81
CA PRO A 634 -43.53 -28.17 31.83
C PRO A 634 -43.43 -29.61 32.25
N VAL A 635 -42.43 -30.34 31.76
CA VAL A 635 -42.24 -31.74 32.14
C VAL A 635 -40.78 -31.96 32.42
N LEU A 636 -40.47 -33.12 32.96
CA LEU A 636 -39.10 -33.43 33.28
C LEU A 636 -38.27 -33.68 32.01
N LEU A 637 -36.97 -33.44 32.13
CA LEU A 637 -36.05 -33.71 31.03
C LEU A 637 -35.69 -35.19 31.15
N ASP A 638 -36.53 -36.06 30.59
CA ASP A 638 -36.26 -37.49 30.66
C ASP A 638 -36.93 -38.21 29.49
N SER A 639 -36.28 -39.27 29.02
CA SER A 639 -36.80 -40.06 27.89
C SER A 639 -38.28 -40.24 28.08
N SER A 640 -38.64 -40.65 29.29
CA SER A 640 -40.02 -40.89 29.70
C SER A 640 -40.99 -39.74 29.43
N SER A 641 -40.45 -38.57 29.09
CA SER A 641 -41.27 -37.40 28.80
C SER A 641 -41.52 -37.23 27.31
N ILE A 642 -40.70 -37.90 26.50
CA ILE A 642 -40.86 -37.83 25.06
C ILE A 642 -41.99 -38.77 24.68
N LEU A 643 -43.17 -38.22 24.45
CA LEU A 643 -44.28 -39.06 24.07
C LEU A 643 -44.57 -38.87 22.58
N ALA A 644 -45.19 -39.87 21.99
CA ALA A 644 -45.52 -39.86 20.58
C ALA A 644 -46.61 -38.84 20.25
N ASP A 645 -47.64 -38.76 21.08
CA ASP A 645 -48.74 -37.83 20.81
C ASP A 645 -48.53 -36.45 21.44
N ARG A 646 -47.26 -36.10 21.65
CA ARG A 646 -46.88 -34.82 22.26
C ARG A 646 -45.75 -33.99 21.59
N ILE A 647 -45.95 -32.67 21.53
CA ILE A 647 -44.98 -31.75 20.96
C ILE A 647 -44.15 -31.04 22.02
N LEU A 648 -42.85 -31.29 22.03
CA LEU A 648 -41.98 -30.68 23.02
C LEU A 648 -41.32 -29.38 22.58
N LEU A 649 -40.95 -28.57 23.56
CA LEU A 649 -40.27 -27.32 23.31
C LEU A 649 -39.14 -27.17 24.30
N MET A 650 -37.98 -27.71 23.97
CA MET A 650 -36.85 -27.61 24.87
C MET A 650 -36.20 -26.26 24.68
N ASP A 651 -36.02 -25.57 25.78
CA ASP A 651 -35.41 -24.26 25.75
C ASP A 651 -34.03 -24.27 26.38
N THR A 652 -33.01 -24.48 25.55
CA THR A 652 -31.63 -24.41 26.00
C THR A 652 -31.47 -22.91 26.02
N PHE A 653 -30.46 -22.36 26.68
CA PHE A 653 -30.39 -20.92 26.61
C PHE A 653 -30.08 -20.60 25.15
N PHE A 654 -29.31 -21.48 24.52
CA PHE A 654 -28.85 -21.33 23.14
C PHE A 654 -29.66 -22.02 22.07
N GLN A 655 -30.77 -22.65 22.44
CA GLN A 655 -31.56 -23.38 21.46
C GLN A 655 -33.04 -23.62 21.75
N ILE A 656 -33.89 -23.08 20.91
CA ILE A 656 -35.31 -23.31 21.07
C ILE A 656 -35.58 -24.47 20.13
N LEU A 657 -36.06 -25.58 20.66
CA LEU A 657 -36.30 -26.72 19.81
C LEU A 657 -37.73 -27.19 20.00
N ILE A 658 -38.38 -27.56 18.90
CA ILE A 658 -39.75 -28.07 18.90
C ILE A 658 -39.66 -29.51 18.40
N TYR A 659 -40.14 -30.45 19.23
CA TYR A 659 -40.12 -31.87 18.87
C TYR A 659 -41.50 -32.41 18.54
N HIS A 660 -41.59 -33.20 17.47
CA HIS A 660 -42.85 -33.80 17.07
C HIS A 660 -42.70 -35.30 17.23
N GLY A 661 -43.47 -35.89 18.13
CA GLY A 661 -43.39 -37.32 18.32
C GLY A 661 -43.77 -38.06 17.04
N GLU A 662 -43.57 -39.38 17.05
CA GLU A 662 -43.90 -40.18 15.88
C GLU A 662 -45.31 -39.90 15.41
N THR A 663 -46.30 -40.21 16.24
CA THR A 663 -47.70 -39.99 15.88
C THR A 663 -48.05 -38.58 15.40
N ILE A 664 -47.63 -37.55 16.12
CA ILE A 664 -47.96 -36.20 15.67
C ILE A 664 -47.24 -35.89 14.39
N ALA A 665 -46.04 -36.43 14.27
CA ALA A 665 -45.26 -36.25 13.05
C ALA A 665 -46.11 -36.83 11.93
N GLN A 666 -46.71 -38.00 12.19
CA GLN A 666 -47.57 -38.67 11.21
C GLN A 666 -48.80 -37.81 10.87
N TRP A 667 -49.64 -37.53 11.85
CA TRP A 667 -50.83 -36.72 11.60
C TRP A 667 -50.44 -35.45 10.86
N ARG A 668 -49.17 -35.07 11.01
CA ARG A 668 -48.63 -33.88 10.37
C ARG A 668 -48.25 -34.17 8.93
N LYS A 669 -47.45 -35.22 8.72
CA LYS A 669 -47.01 -35.62 7.38
C LYS A 669 -48.24 -35.95 6.53
N SER A 670 -49.29 -36.42 7.20
CA SER A 670 -50.53 -36.80 6.55
C SER A 670 -51.16 -35.59 5.86
N GLY A 671 -51.23 -34.48 6.57
CA GLY A 671 -51.79 -33.26 6.01
C GLY A 671 -53.07 -32.83 6.70
N TYR A 672 -53.50 -33.61 7.69
CA TYR A 672 -54.72 -33.33 8.45
C TYR A 672 -54.83 -31.87 8.88
N GLN A 673 -53.70 -31.21 9.10
CA GLN A 673 -53.70 -29.81 9.54
C GLN A 673 -54.57 -28.94 8.64
N ASP A 674 -54.26 -28.96 7.35
CA ASP A 674 -54.99 -28.14 6.38
C ASP A 674 -56.50 -28.26 6.51
N MET A 675 -57.00 -29.48 6.65
CA MET A 675 -58.44 -29.73 6.76
C MET A 675 -59.13 -28.84 7.82
N PRO A 676 -60.30 -28.29 7.48
CA PRO A 676 -61.11 -27.42 8.35
C PRO A 676 -61.81 -28.24 9.43
N GLU A 677 -61.59 -29.56 9.36
CA GLU A 677 -62.17 -30.51 10.28
C GLU A 677 -61.31 -30.57 11.53
N TYR A 678 -60.00 -30.33 11.35
CA TYR A 678 -59.05 -30.37 12.44
C TYR A 678 -58.43 -29.02 12.82
N GLU A 679 -59.29 -28.02 13.05
CA GLU A 679 -58.85 -26.67 13.46
C GLU A 679 -58.22 -26.80 14.84
N ASN A 680 -58.27 -28.00 15.39
CA ASN A 680 -57.70 -28.27 16.71
C ASN A 680 -56.27 -28.77 16.55
N PHE A 681 -56.00 -29.43 15.42
CA PHE A 681 -54.67 -29.94 15.17
C PHE A 681 -53.71 -28.79 14.86
N ARG A 682 -54.25 -27.62 14.50
CA ARG A 682 -53.41 -26.46 14.22
C ARG A 682 -53.00 -25.80 15.53
N HIS A 683 -53.98 -25.34 16.30
CA HIS A 683 -53.73 -24.69 17.61
C HIS A 683 -52.62 -25.43 18.32
N LEU A 684 -52.50 -26.71 18.05
CA LEU A 684 -51.49 -27.56 18.65
C LEU A 684 -50.17 -27.45 17.89
N LEU A 685 -50.23 -27.66 16.58
CA LEU A 685 -49.02 -27.58 15.78
C LEU A 685 -48.32 -26.24 15.96
N GLN A 686 -49.10 -25.19 16.18
CA GLN A 686 -48.52 -23.87 16.31
C GLN A 686 -48.34 -23.35 17.74
N ALA A 687 -48.91 -24.04 18.72
CA ALA A 687 -48.78 -23.60 20.10
C ALA A 687 -47.30 -23.39 20.45
N PRO A 688 -46.47 -24.43 20.28
CA PRO A 688 -45.05 -24.26 20.60
C PRO A 688 -44.37 -23.22 19.72
N VAL A 689 -44.86 -23.05 18.49
CA VAL A 689 -44.29 -22.09 17.56
C VAL A 689 -44.64 -20.69 18.08
N ASP A 690 -45.90 -20.51 18.50
CA ASP A 690 -46.34 -19.24 19.03
C ASP A 690 -45.54 -18.92 20.28
N ASP A 691 -45.49 -19.88 21.21
CA ASP A 691 -44.76 -19.71 22.45
C ASP A 691 -43.28 -19.41 22.18
N ALA A 692 -42.74 -20.07 21.16
CA ALA A 692 -41.34 -19.90 20.77
C ALA A 692 -40.98 -18.47 20.35
N GLN A 693 -41.76 -17.91 19.43
CA GLN A 693 -41.49 -16.57 18.94
C GLN A 693 -41.18 -15.59 20.09
N GLU A 694 -42.10 -15.51 21.05
CA GLU A 694 -41.96 -14.63 22.20
C GLU A 694 -40.57 -14.52 22.82
N ILE A 695 -40.11 -15.61 23.39
CA ILE A 695 -38.80 -15.65 24.03
C ILE A 695 -37.71 -15.54 22.97
N LEU A 696 -38.01 -16.06 21.78
CA LEU A 696 -37.10 -16.06 20.64
C LEU A 696 -36.96 -14.64 20.09
N HIS A 697 -36.77 -13.68 20.99
CA HIS A 697 -36.59 -12.28 20.63
C HIS A 697 -36.04 -11.53 21.83
N SER A 698 -36.67 -11.71 22.97
CA SER A 698 -36.24 -11.06 24.20
C SER A 698 -34.75 -11.36 24.47
N ARG A 699 -34.43 -12.66 24.48
CA ARG A 699 -33.08 -13.17 24.72
C ARG A 699 -32.06 -12.55 23.79
N PHE A 700 -30.84 -12.29 24.29
CA PHE A 700 -29.87 -11.69 23.42
C PHE A 700 -29.38 -12.60 22.31
N PRO A 701 -28.26 -13.31 22.51
CA PRO A 701 -27.88 -14.14 21.36
C PRO A 701 -29.11 -14.93 20.92
N MET A 702 -29.75 -14.46 19.85
CA MET A 702 -30.94 -15.13 19.37
C MET A 702 -30.64 -16.59 19.28
N PRO A 703 -31.28 -17.39 20.14
CA PRO A 703 -31.06 -18.83 20.14
C PRO A 703 -31.47 -19.47 18.81
N ARG A 704 -30.68 -20.44 18.36
CA ARG A 704 -30.95 -21.14 17.12
C ARG A 704 -32.31 -21.86 17.25
N TYR A 705 -33.09 -21.90 16.16
CA TYR A 705 -34.40 -22.55 16.14
C TYR A 705 -34.33 -23.90 15.43
N ILE A 706 -35.11 -24.86 15.90
CA ILE A 706 -35.11 -26.20 15.34
C ILE A 706 -36.51 -26.80 15.26
N ASP A 707 -36.85 -27.35 14.11
CA ASP A 707 -38.15 -27.97 13.92
C ASP A 707 -37.87 -29.38 13.44
N THR A 708 -37.85 -30.33 14.38
CA THR A 708 -37.57 -31.72 14.04
C THR A 708 -38.67 -32.65 14.54
N GLU A 709 -38.46 -33.95 14.42
CA GLU A 709 -39.44 -34.95 14.86
C GLU A 709 -38.80 -36.32 15.09
N HIS A 710 -39.56 -37.28 15.62
CA HIS A 710 -39.02 -38.62 15.83
C HIS A 710 -38.41 -39.08 14.52
N GLY A 711 -37.10 -39.25 14.51
CA GLY A 711 -36.43 -39.68 13.31
C GLY A 711 -35.46 -38.61 12.82
N GLY A 712 -35.97 -37.41 12.57
CA GLY A 712 -35.13 -36.32 12.10
C GLY A 712 -33.71 -36.43 12.64
N SER A 713 -32.75 -35.93 11.88
CA SER A 713 -31.35 -35.98 12.29
C SER A 713 -31.05 -34.90 13.33
N GLN A 714 -31.99 -33.99 13.54
CA GLN A 714 -31.82 -32.92 14.51
C GLN A 714 -32.38 -33.30 15.88
N ALA A 715 -33.07 -34.43 15.95
CA ALA A 715 -33.63 -34.87 17.20
C ALA A 715 -32.50 -35.08 18.21
N ARG A 716 -31.33 -35.43 17.71
CA ARG A 716 -30.15 -35.68 18.53
C ARG A 716 -29.94 -34.67 19.65
N PHE A 717 -30.33 -33.42 19.45
CA PHE A 717 -30.15 -32.39 20.47
C PHE A 717 -31.09 -32.56 21.67
N LEU A 718 -32.31 -33.05 21.40
CA LEU A 718 -33.27 -33.28 22.48
C LEU A 718 -32.80 -34.49 23.26
N LEU A 719 -32.42 -35.55 22.54
CA LEU A 719 -31.98 -36.79 23.15
C LEU A 719 -30.69 -36.73 23.99
N SER A 720 -29.80 -35.80 23.67
CA SER A 720 -28.55 -35.70 24.42
C SER A 720 -28.60 -34.78 25.65
N LYS A 721 -29.69 -34.02 25.79
CA LYS A 721 -29.87 -33.13 26.93
C LYS A 721 -30.72 -33.83 28.00
N VAL A 722 -31.77 -34.49 27.53
CA VAL A 722 -32.75 -35.24 28.33
C VAL A 722 -32.20 -36.19 29.41
N ASN A 723 -33.01 -37.18 29.80
CA ASN A 723 -32.65 -38.15 30.81
C ASN A 723 -32.34 -37.51 32.16
N ASP A 746 -22.35 -40.25 36.54
CA ASP A 746 -22.05 -41.46 35.80
C ASP A 746 -22.95 -41.67 34.58
N VAL A 747 -24.12 -42.27 34.80
CA VAL A 747 -25.07 -42.58 33.74
C VAL A 747 -26.29 -41.68 33.78
N SER A 748 -27.37 -42.19 34.36
CA SER A 748 -28.62 -41.46 34.50
C SER A 748 -28.75 -40.94 35.92
N LEU A 749 -29.56 -39.90 36.10
CA LEU A 749 -29.76 -39.28 37.39
C LEU A 749 -30.12 -40.29 38.48
N GLN A 750 -31.00 -41.23 38.15
CA GLN A 750 -31.43 -42.26 39.08
C GLN A 750 -30.23 -42.89 39.77
N VAL A 751 -29.29 -43.36 38.97
CA VAL A 751 -28.10 -43.98 39.48
C VAL A 751 -27.17 -42.96 40.13
N PHE A 752 -27.15 -41.76 39.58
CA PHE A 752 -26.32 -40.67 40.11
C PHE A 752 -26.69 -40.44 41.56
N MET A 753 -27.99 -40.27 41.80
CA MET A 753 -28.48 -40.07 43.14
C MET A 753 -28.05 -41.25 44.00
N ASP A 754 -28.38 -42.46 43.53
CA ASP A 754 -28.01 -43.65 44.27
C ASP A 754 -26.56 -43.57 44.74
N HIS A 755 -25.62 -43.63 43.80
CA HIS A 755 -24.20 -43.57 44.14
C HIS A 755 -23.89 -42.43 45.13
N LEU A 756 -24.59 -41.32 44.97
CA LEU A 756 -24.41 -40.17 45.84
C LEU A 756 -24.88 -40.53 47.25
N LYS A 757 -26.08 -41.11 47.33
CA LYS A 757 -26.63 -41.50 48.61
C LYS A 757 -25.68 -42.48 49.28
N LYS A 758 -25.31 -43.54 48.56
CA LYS A 758 -24.41 -44.56 49.10
C LYS A 758 -23.14 -43.98 49.69
N LEU A 759 -22.82 -42.74 49.33
CA LEU A 759 -21.63 -42.07 49.84
C LEU A 759 -22.02 -41.01 50.85
N ALA A 760 -23.25 -40.52 50.76
CA ALA A 760 -23.70 -39.51 51.71
C ALA A 760 -23.76 -40.10 53.12
N VAL A 761 -24.22 -41.34 53.22
CA VAL A 761 -24.37 -42.04 54.51
C VAL A 761 -23.12 -42.74 55.03
N SER A 762 -22.09 -42.85 54.21
CA SER A 762 -20.88 -43.52 54.67
C SER A 762 -19.91 -42.56 55.38
N SER A 763 -18.62 -42.91 55.36
CA SER A 763 -17.60 -42.11 56.02
C SER A 763 -17.59 -40.61 55.72
N ALA A 764 -17.06 -39.85 56.67
CA ALA A 764 -16.96 -38.41 56.58
C ALA A 764 -15.54 -38.02 56.18
N GLU B 1 37.07 26.50 -48.66
CA GLU B 1 38.01 25.44 -48.17
C GLU B 1 39.36 26.05 -47.75
N GLY B 2 40.44 25.27 -47.87
CA GLY B 2 41.74 25.79 -47.52
C GLY B 2 42.63 25.04 -46.54
N LEU B 3 43.90 24.91 -46.92
CA LEU B 3 44.94 24.28 -46.12
C LEU B 3 45.81 25.45 -45.64
N ARG B 4 45.15 26.50 -45.16
CA ARG B 4 45.87 27.67 -44.71
C ARG B 4 46.14 27.76 -43.22
N VAL B 5 47.24 28.41 -42.89
CA VAL B 5 47.62 28.62 -41.51
C VAL B 5 46.98 29.94 -41.14
N VAL B 6 46.71 30.14 -39.85
CA VAL B 6 46.06 31.36 -39.41
C VAL B 6 46.67 31.91 -38.15
N ASN B 7 46.79 33.23 -38.11
CA ASN B 7 47.33 33.91 -36.93
C ASN B 7 46.15 34.45 -36.20
N LEU B 8 45.83 33.82 -35.07
CA LEU B 8 44.69 34.19 -34.27
C LEU B 8 44.77 35.59 -33.70
N LEU B 9 45.98 36.11 -33.58
CA LEU B 9 46.19 37.44 -33.03
C LEU B 9 45.84 38.60 -33.96
N GLN B 10 45.88 38.39 -35.27
CA GLN B 10 45.58 39.47 -36.20
C GLN B 10 44.17 39.44 -36.76
N GLU B 11 43.59 38.24 -36.87
CA GLU B 11 42.23 38.11 -37.41
C GLU B 11 41.22 38.69 -36.41
N ARG B 12 40.96 37.93 -35.35
CA ARG B 12 40.05 38.35 -34.30
C ARG B 12 38.60 38.48 -34.81
N ASN B 13 38.32 37.92 -35.98
CA ASN B 13 36.96 37.93 -36.57
C ASN B 13 36.73 36.63 -37.35
N MET B 14 37.44 35.58 -36.97
CA MET B 14 37.36 34.28 -37.63
C MET B 14 35.99 33.61 -37.72
N LEU B 15 35.15 33.77 -36.71
CA LEU B 15 33.82 33.16 -36.72
C LEU B 15 32.95 33.63 -37.88
N PRO B 16 32.55 32.69 -38.75
CA PRO B 16 31.70 32.90 -39.92
C PRO B 16 30.27 33.34 -39.62
N SER B 17 29.70 34.08 -40.58
CA SER B 17 28.34 34.60 -40.48
C SER B 17 27.30 33.52 -40.78
N THR B 18 27.74 32.39 -41.30
CA THR B 18 26.82 31.30 -41.61
C THR B 18 27.08 30.17 -40.63
N PRO B 19 26.07 29.32 -40.41
CA PRO B 19 26.25 28.21 -39.48
C PRO B 19 27.50 27.47 -39.89
N LEU B 20 28.10 26.75 -38.96
CA LEU B 20 29.29 25.99 -39.29
C LEU B 20 28.84 24.66 -39.80
N LYS B 21 29.48 24.17 -40.85
CA LYS B 21 29.09 22.87 -41.37
C LYS B 21 30.12 21.82 -40.97
N PRO B 22 29.65 20.63 -40.58
CA PRO B 22 30.52 19.52 -40.15
C PRO B 22 31.48 19.10 -41.27
N PRO B 23 32.77 18.90 -40.94
CA PRO B 23 33.75 18.49 -41.93
C PRO B 23 33.26 17.34 -42.77
N VAL B 24 33.92 17.14 -43.92
CA VAL B 24 33.58 16.08 -44.84
C VAL B 24 34.77 15.13 -44.94
N PRO B 25 34.65 13.91 -44.41
CA PRO B 25 35.76 12.97 -44.47
C PRO B 25 36.36 12.93 -45.87
N ASN B 26 37.69 12.97 -45.94
CA ASN B 26 38.38 12.94 -47.22
C ASN B 26 38.20 11.54 -47.77
N LEU B 27 37.09 11.33 -48.47
CA LEU B 27 36.78 10.01 -49.01
C LEU B 27 36.27 10.01 -50.44
N HIS B 28 36.61 8.96 -51.16
CA HIS B 28 36.18 8.77 -52.54
C HIS B 28 34.74 9.23 -52.68
N GLU B 29 34.52 10.08 -53.68
CA GLU B 29 33.21 10.63 -53.98
C GLU B 29 32.02 9.67 -53.76
N ASP B 30 32.21 8.38 -54.05
CA ASP B 30 31.11 7.41 -53.93
C ASP B 30 30.87 6.85 -52.54
N ILE B 31 31.87 6.87 -51.69
CA ILE B 31 31.72 6.34 -50.34
C ILE B 31 31.16 7.41 -49.46
N GLN B 32 31.71 8.61 -49.59
CA GLN B 32 31.24 9.71 -48.79
C GLN B 32 29.77 9.90 -49.06
N LYS B 33 29.35 9.65 -50.29
CA LYS B 33 27.95 9.84 -50.63
C LYS B 33 27.00 8.86 -49.91
N LEU B 34 27.52 7.78 -49.37
CA LEU B 34 26.67 6.83 -48.68
C LEU B 34 26.97 6.91 -47.22
N ASN B 35 27.91 7.77 -46.86
CA ASN B 35 28.30 7.93 -45.47
C ASN B 35 27.12 8.33 -44.59
N CYS B 36 27.16 7.85 -43.36
CA CYS B 36 26.15 8.13 -42.36
C CYS B 36 25.93 9.65 -42.23
N ASN B 37 24.81 10.07 -41.65
CA ASN B 37 24.54 11.48 -41.44
C ASN B 37 25.35 11.96 -40.23
N PRO B 38 26.10 13.07 -40.38
CA PRO B 38 26.91 13.57 -39.26
C PRO B 38 26.09 13.97 -38.03
N GLU B 39 24.84 14.36 -38.24
CA GLU B 39 23.97 14.75 -37.14
C GLU B 39 23.69 13.54 -36.27
N LEU B 40 24.04 12.35 -36.75
CA LEU B 40 23.77 11.12 -36.03
C LEU B 40 25.02 10.44 -35.55
N PHE B 41 26.04 10.45 -36.40
CA PHE B 41 27.28 9.78 -36.06
C PHE B 41 28.41 10.65 -36.53
N ARG B 42 29.34 10.98 -35.64
CA ARG B 42 30.46 11.81 -36.05
C ARG B 42 31.70 11.61 -35.21
N CYS B 43 32.85 11.86 -35.83
CA CYS B 43 34.15 11.68 -35.20
C CYS B 43 34.92 13.00 -35.07
N THR B 44 35.79 13.07 -34.07
CA THR B 44 36.60 14.26 -33.82
C THR B 44 37.70 14.39 -34.85
N LEU B 45 38.18 13.25 -35.30
CA LEU B 45 39.22 13.19 -36.31
C LEU B 45 38.70 12.43 -37.52
N THR B 46 38.17 13.16 -38.49
CA THR B 46 37.61 12.56 -39.69
C THR B 46 38.75 11.83 -40.35
N SER B 47 39.96 12.23 -40.01
CA SER B 47 41.13 11.58 -40.55
C SER B 47 41.78 10.84 -39.40
N ILE B 48 41.57 9.52 -39.38
CA ILE B 48 42.10 8.66 -38.32
C ILE B 48 43.59 8.38 -38.38
N PRO B 49 44.29 8.67 -37.28
CA PRO B 49 45.73 8.49 -37.08
C PRO B 49 46.06 7.02 -37.30
N GLN B 50 46.97 6.72 -38.22
CA GLN B 50 47.31 5.34 -38.49
C GLN B 50 47.83 4.66 -37.23
N THR B 51 48.55 5.42 -36.43
CA THR B 51 49.10 4.87 -35.20
C THR B 51 48.75 5.73 -34.00
N GLN B 52 48.82 5.14 -32.82
CA GLN B 52 48.54 5.84 -31.59
C GLN B 52 49.57 6.98 -31.45
N ALA B 53 50.83 6.63 -31.69
CA ALA B 53 51.92 7.59 -31.59
C ALA B 53 51.52 8.84 -32.35
N LEU B 54 51.05 8.63 -33.57
CA LEU B 54 50.62 9.74 -34.39
C LEU B 54 49.39 10.38 -33.71
N LEU B 55 48.54 9.57 -33.10
CA LEU B 55 47.37 10.10 -32.44
C LEU B 55 47.78 11.01 -31.31
N ASN B 56 48.75 10.60 -30.50
CA ASN B 56 49.20 11.43 -29.39
C ASN B 56 49.89 12.69 -29.90
N LYS B 57 50.89 12.51 -30.75
CA LYS B 57 51.64 13.64 -31.29
C LYS B 57 50.74 14.80 -31.63
N ALA B 58 49.49 14.51 -31.98
CA ALA B 58 48.54 15.55 -32.33
C ALA B 58 48.01 16.22 -31.07
N LYS B 59 47.89 15.43 -30.01
CA LYS B 59 47.40 15.93 -28.75
C LYS B 59 45.92 16.31 -28.81
N LEU B 60 45.22 15.67 -29.74
CA LEU B 60 43.79 15.86 -29.86
C LEU B 60 43.20 14.52 -29.41
N PRO B 61 42.00 14.56 -28.81
CA PRO B 61 41.33 13.37 -28.32
C PRO B 61 40.61 12.68 -29.44
N LEU B 62 40.71 11.36 -29.50
CA LEU B 62 40.03 10.61 -30.55
C LEU B 62 38.79 9.93 -29.98
N GLY B 63 37.62 10.34 -30.46
CA GLY B 63 36.37 9.77 -29.97
C GLY B 63 35.21 10.04 -30.91
N LEU B 64 34.05 9.47 -30.59
CA LEU B 64 32.83 9.62 -31.40
C LEU B 64 31.67 10.26 -30.66
N LEU B 65 30.80 10.90 -31.44
CA LEU B 65 29.64 11.56 -30.88
C LEU B 65 28.44 11.06 -31.65
N LEU B 66 27.50 10.39 -30.98
CA LEU B 66 26.32 9.88 -31.67
C LEU B 66 25.01 10.27 -31.03
N HIS B 67 23.98 10.28 -31.87
CA HIS B 67 22.61 10.64 -31.50
C HIS B 67 21.69 9.67 -32.30
N PRO B 68 21.88 8.36 -32.10
CA PRO B 68 21.20 7.21 -32.69
C PRO B 68 19.69 7.12 -32.82
N PHE B 69 18.95 7.55 -31.82
CA PHE B 69 17.51 7.45 -31.88
C PHE B 69 16.88 8.72 -32.34
N LYS B 70 17.73 9.64 -32.80
CA LYS B 70 17.28 10.94 -33.27
C LYS B 70 16.11 10.82 -34.25
N ASP B 71 15.21 11.81 -34.26
CA ASP B 71 14.08 11.78 -35.17
C ASP B 71 14.56 11.96 -36.62
N LEU B 72 14.17 11.04 -37.50
CA LEU B 72 14.57 11.10 -38.91
C LEU B 72 13.39 11.42 -39.81
N VAL B 73 13.68 11.90 -41.02
CA VAL B 73 12.66 12.23 -42.01
C VAL B 73 12.27 10.98 -42.82
N GLN B 74 13.27 10.25 -43.31
CA GLN B 74 13.03 9.04 -44.09
C GLN B 74 13.85 7.85 -43.55
N LEU B 75 13.18 6.92 -42.88
CA LEU B 75 13.88 5.77 -42.33
C LEU B 75 13.56 4.45 -42.99
N PRO B 76 14.56 3.85 -43.66
CA PRO B 76 14.45 2.56 -44.36
C PRO B 76 14.20 1.45 -43.35
N VAL B 77 13.21 0.61 -43.62
CA VAL B 77 12.90 -0.48 -42.70
C VAL B 77 12.96 -1.85 -43.35
N VAL B 78 14.05 -2.56 -43.07
CA VAL B 78 14.27 -3.89 -43.59
C VAL B 78 13.55 -4.91 -42.73
N THR B 79 12.72 -5.72 -43.39
CA THR B 79 11.95 -6.76 -42.72
C THR B 79 12.49 -8.14 -43.12
N SER B 80 13.74 -8.17 -43.56
CA SER B 80 14.41 -9.40 -44.00
C SER B 80 14.12 -10.56 -43.08
N SER B 81 13.65 -11.67 -43.67
CA SER B 81 13.33 -12.88 -42.92
C SER B 81 14.54 -13.30 -42.09
N THR B 82 15.71 -12.78 -42.46
CA THR B 82 16.95 -13.07 -41.75
C THR B 82 17.82 -11.81 -41.86
N ILE B 83 18.62 -11.55 -40.84
CA ILE B 83 19.49 -10.38 -40.86
C ILE B 83 20.89 -10.84 -41.22
N VAL B 84 21.43 -10.24 -42.30
CA VAL B 84 22.77 -10.55 -42.79
C VAL B 84 23.85 -9.97 -41.89
N ARG B 85 24.64 -10.82 -41.23
CA ARG B 85 25.69 -10.36 -40.31
C ARG B 85 26.96 -11.22 -40.28
N CYS B 86 28.13 -10.59 -40.22
CA CYS B 86 29.41 -11.32 -40.20
C CYS B 86 29.49 -12.40 -39.11
N ARG B 87 29.85 -13.62 -39.50
CA ARG B 87 29.95 -14.76 -38.57
C ARG B 87 31.08 -14.68 -37.52
N SER B 88 31.86 -13.60 -37.55
CA SER B 88 32.96 -13.47 -36.61
C SER B 88 32.75 -12.38 -35.57
N CYS B 89 32.47 -11.16 -36.03
CA CYS B 89 32.28 -10.03 -35.11
C CYS B 89 30.85 -9.54 -35.07
N ARG B 90 29.98 -10.19 -35.82
CA ARG B 90 28.56 -9.86 -35.85
C ARG B 90 28.20 -8.43 -36.27
N THR B 91 28.91 -7.92 -37.25
CA THR B 91 28.68 -6.58 -37.79
C THR B 91 27.53 -6.63 -38.81
N TYR B 92 26.69 -5.61 -38.80
CA TYR B 92 25.59 -5.59 -39.75
C TYR B 92 26.07 -5.24 -41.13
N ILE B 93 25.89 -6.16 -42.08
CA ILE B 93 26.30 -5.92 -43.44
C ILE B 93 25.90 -4.49 -43.76
N ASN B 94 26.88 -3.68 -44.09
CA ASN B 94 26.64 -2.27 -44.33
C ASN B 94 27.18 -1.77 -45.66
N PRO B 95 26.88 -0.51 -46.00
CA PRO B 95 27.31 0.11 -47.24
C PRO B 95 28.81 0.07 -47.51
N PHE B 96 29.59 -0.12 -46.47
CA PHE B 96 31.04 -0.11 -46.62
C PHE B 96 31.72 -1.45 -46.54
N VAL B 97 30.98 -2.48 -46.98
CA VAL B 97 31.50 -3.84 -47.03
C VAL B 97 32.19 -3.93 -48.38
N SER B 98 33.06 -4.91 -48.55
CA SER B 98 33.75 -5.05 -49.82
C SER B 98 33.30 -6.32 -50.51
N PHE B 99 32.56 -6.16 -51.62
CA PHE B 99 32.08 -7.31 -52.35
C PHE B 99 33.05 -7.80 -53.39
N LEU B 100 33.32 -9.11 -53.37
CA LEU B 100 34.24 -9.69 -54.33
C LEU B 100 33.59 -10.80 -55.17
N ASP B 101 33.67 -12.04 -54.69
CA ASP B 101 33.13 -13.19 -55.38
C ASP B 101 31.63 -13.05 -55.65
N GLN B 102 31.11 -11.83 -55.49
CA GLN B 102 29.69 -11.52 -55.69
C GLN B 102 28.73 -12.51 -55.04
N ARG B 103 29.27 -13.37 -54.19
CA ARG B 103 28.49 -14.35 -53.45
C ARG B 103 29.21 -14.50 -52.11
N ARG B 104 30.14 -13.58 -51.88
CA ARG B 104 30.91 -13.52 -50.64
C ARG B 104 31.20 -12.04 -50.35
N TRP B 105 31.31 -11.69 -49.07
CA TRP B 105 31.60 -10.31 -48.69
C TRP B 105 32.60 -10.21 -47.56
N LYS B 106 33.55 -9.30 -47.71
CA LYS B 106 34.60 -9.06 -46.73
C LYS B 106 34.13 -8.08 -45.68
N CYS B 107 34.04 -8.56 -44.44
CA CYS B 107 33.61 -7.72 -43.32
C CYS B 107 34.53 -6.53 -43.18
N ASN B 108 34.00 -5.32 -43.32
CA ASN B 108 34.83 -4.15 -43.21
C ASN B 108 35.32 -3.89 -41.79
N LEU B 109 34.81 -4.64 -40.82
CA LEU B 109 35.25 -4.41 -39.44
C LEU B 109 36.29 -5.40 -38.89
N CYS B 110 36.19 -6.68 -39.25
CA CYS B 110 37.18 -7.67 -38.80
C CYS B 110 37.69 -8.50 -39.97
N TYR B 111 37.59 -7.90 -41.16
CA TYR B 111 38.05 -8.47 -42.41
C TYR B 111 37.69 -9.90 -42.82
N ARG B 112 37.06 -10.66 -41.93
CA ARG B 112 36.68 -12.02 -42.33
C ARG B 112 35.80 -11.94 -43.58
N VAL B 113 35.70 -13.05 -44.29
CA VAL B 113 34.90 -13.15 -45.52
C VAL B 113 33.67 -14.02 -45.29
N ASN B 114 32.49 -13.44 -45.49
CA ASN B 114 31.22 -14.14 -45.31
C ASN B 114 30.58 -14.58 -46.62
N ASP B 115 29.73 -15.62 -46.52
CA ASP B 115 29.03 -16.17 -47.67
C ASP B 115 27.65 -15.53 -47.81
N VAL B 116 27.41 -14.80 -48.88
CA VAL B 116 26.12 -14.15 -49.08
C VAL B 116 25.05 -15.21 -49.24
N PRO B 117 24.12 -15.32 -48.28
CA PRO B 117 23.07 -16.33 -48.37
C PRO B 117 22.10 -16.09 -49.52
N GLU B 118 21.60 -17.18 -50.09
CA GLU B 118 20.64 -17.12 -51.21
C GLU B 118 19.33 -16.55 -50.68
N GLU B 119 19.34 -15.26 -50.36
CA GLU B 119 18.18 -14.54 -49.86
C GLU B 119 18.32 -13.05 -50.14
N GLU B 131 22.13 -8.93 -58.32
CA GLU B 131 22.89 -7.81 -57.80
C GLU B 131 22.69 -7.67 -56.29
N PRO B 132 23.51 -8.35 -55.47
CA PRO B 132 23.35 -8.23 -54.02
C PRO B 132 23.71 -6.86 -53.46
N HIS B 133 24.64 -6.17 -54.12
CA HIS B 133 25.08 -4.85 -53.68
C HIS B 133 24.06 -3.74 -53.92
N ARG B 134 22.89 -4.12 -54.42
CA ARG B 134 21.82 -3.16 -54.68
C ARG B 134 20.79 -3.26 -53.56
N ARG B 135 20.97 -4.26 -52.71
CA ARG B 135 20.11 -4.53 -51.55
C ARG B 135 20.17 -3.30 -50.63
N PRO B 136 19.00 -2.84 -50.15
CA PRO B 136 18.91 -1.68 -49.27
C PRO B 136 19.90 -1.64 -48.09
N GLU B 137 20.24 -2.83 -47.57
CA GLU B 137 21.16 -2.92 -46.45
C GLU B 137 22.49 -2.27 -46.76
N VAL B 138 22.86 -2.27 -48.04
CA VAL B 138 24.13 -1.71 -48.47
C VAL B 138 24.01 -0.42 -49.26
N GLN B 139 22.87 0.24 -49.15
CA GLN B 139 22.66 1.51 -49.85
C GLN B 139 22.25 2.59 -48.86
N ASN B 140 22.08 2.17 -47.61
CA ASN B 140 21.67 3.04 -46.52
C ASN B 140 22.55 2.91 -45.31
N ALA B 141 23.17 4.02 -44.92
CA ALA B 141 24.05 4.01 -43.76
C ALA B 141 23.19 3.89 -42.50
N THR B 142 22.04 4.57 -42.52
CA THR B 142 21.11 4.57 -41.41
C THR B 142 19.96 3.72 -41.89
N ILE B 143 19.76 2.60 -41.20
CA ILE B 143 18.68 1.67 -41.53
C ILE B 143 18.10 1.16 -40.19
N GLU B 144 17.02 0.37 -40.28
CA GLU B 144 16.40 -0.21 -39.09
C GLU B 144 15.85 -1.60 -39.38
N PHE B 145 16.43 -2.60 -38.73
CA PHE B 145 16.02 -3.98 -38.93
C PHE B 145 14.93 -4.44 -37.97
N MET B 146 14.17 -5.44 -38.41
CA MET B 146 13.13 -6.06 -37.61
C MET B 146 13.81 -7.18 -36.86
N ALA B 147 13.81 -7.14 -35.54
CA ALA B 147 14.45 -8.17 -34.74
C ALA B 147 13.67 -9.49 -34.84
N PRO B 148 14.40 -10.61 -34.90
CA PRO B 148 13.84 -11.97 -34.99
C PRO B 148 13.62 -12.53 -33.59
N SER B 149 12.85 -13.60 -33.49
CA SER B 149 12.56 -14.19 -32.19
C SER B 149 13.74 -14.44 -31.25
N GLU B 150 14.95 -14.55 -31.80
CA GLU B 150 16.14 -14.80 -30.96
C GLU B 150 16.61 -13.53 -30.26
N TYR B 151 16.30 -12.40 -30.88
CA TYR B 151 16.70 -11.10 -30.38
C TYR B 151 15.88 -10.52 -29.23
N MET B 152 15.21 -11.38 -28.46
CA MET B 152 14.44 -10.89 -27.34
C MET B 152 14.46 -11.93 -26.24
N LEU B 153 14.57 -11.46 -25.02
CA LEU B 153 14.63 -12.33 -23.86
C LEU B 153 13.26 -12.49 -23.25
N ARG B 154 12.25 -11.87 -23.84
CA ARG B 154 10.89 -11.97 -23.31
C ARG B 154 9.92 -11.24 -24.21
N PRO B 155 8.64 -11.65 -24.17
CA PRO B 155 7.63 -11.01 -25.01
C PRO B 155 7.84 -9.51 -24.96
N PRO B 156 7.62 -8.84 -26.09
CA PRO B 156 7.82 -7.40 -26.04
C PRO B 156 6.98 -6.78 -24.92
N GLN B 157 7.66 -6.17 -23.95
CA GLN B 157 6.98 -5.54 -22.82
C GLN B 157 6.11 -4.39 -23.28
N PRO B 158 4.96 -4.18 -22.62
CA PRO B 158 4.08 -3.08 -23.03
C PRO B 158 4.55 -1.75 -22.47
N PRO B 159 3.93 -0.65 -22.91
CA PRO B 159 4.30 0.68 -22.44
C PRO B 159 3.69 0.95 -21.08
N VAL B 160 4.53 1.27 -20.11
CA VAL B 160 4.05 1.56 -18.76
C VAL B 160 4.60 2.90 -18.31
N TYR B 161 3.71 3.85 -18.01
CA TYR B 161 4.15 5.16 -17.56
C TYR B 161 3.73 5.45 -16.12
N LEU B 162 4.69 5.47 -15.20
CA LEU B 162 4.37 5.77 -13.82
C LEU B 162 4.94 7.10 -13.39
N PHE B 163 4.05 8.03 -13.07
CA PHE B 163 4.45 9.34 -12.61
C PHE B 163 4.47 9.33 -11.08
N VAL B 164 5.50 9.98 -10.52
CA VAL B 164 5.69 10.02 -9.08
C VAL B 164 5.85 11.47 -8.64
N PHE B 165 4.79 12.06 -8.10
CA PHE B 165 4.81 13.44 -7.65
C PHE B 165 5.13 13.62 -6.18
N ASP B 166 5.86 14.67 -5.87
CA ASP B 166 6.23 15.03 -4.49
C ASP B 166 5.24 16.09 -4.08
N VAL B 167 4.34 15.75 -3.15
CA VAL B 167 3.30 16.66 -2.70
C VAL B 167 3.46 17.34 -1.34
N SER B 168 4.69 17.66 -0.98
CA SER B 168 4.97 18.33 0.29
C SER B 168 4.50 19.78 0.25
N HIS B 169 4.69 20.50 1.36
CA HIS B 169 4.30 21.90 1.47
C HIS B 169 4.97 22.73 0.38
N ASN B 170 6.29 22.78 0.44
CA ASN B 170 7.06 23.52 -0.56
C ASN B 170 6.52 23.17 -1.94
N ALA B 171 6.49 21.86 -2.22
CA ALA B 171 6.01 21.31 -3.48
C ALA B 171 4.60 21.77 -3.82
N VAL B 172 3.79 22.03 -2.79
CA VAL B 172 2.45 22.50 -3.05
C VAL B 172 2.50 23.99 -3.30
N GLU B 173 3.50 24.67 -2.75
CA GLU B 173 3.62 26.10 -2.93
C GLU B 173 4.08 26.46 -4.34
N THR B 174 4.97 25.67 -4.92
CA THR B 174 5.46 25.97 -6.26
C THR B 174 4.32 25.84 -7.25
N GLY B 175 3.38 24.96 -6.95
CA GLY B 175 2.24 24.76 -7.83
C GLY B 175 2.57 24.20 -9.21
N TYR B 176 3.51 23.27 -9.28
CA TYR B 176 3.87 22.68 -10.56
C TYR B 176 2.82 21.62 -10.82
N LEU B 177 2.54 20.82 -9.81
CA LEU B 177 1.57 19.75 -9.92
C LEU B 177 0.40 20.09 -10.83
N ASN B 178 -0.07 21.31 -10.75
CA ASN B 178 -1.20 21.72 -11.57
C ASN B 178 -0.93 21.57 -13.06
N SER B 179 0.10 22.25 -13.56
CA SER B 179 0.42 22.19 -14.98
C SER B 179 0.75 20.76 -15.40
N VAL B 180 1.65 20.10 -14.68
CA VAL B 180 2.02 18.73 -14.99
C VAL B 180 0.76 17.90 -15.28
N CYS B 181 -0.25 18.07 -14.44
CA CYS B 181 -1.48 17.32 -14.65
C CYS B 181 -2.28 17.75 -15.86
N GLN B 182 -2.22 19.03 -16.21
CA GLN B 182 -2.96 19.54 -17.35
C GLN B 182 -2.31 19.01 -18.60
N SER B 183 -0.99 18.87 -18.56
CA SER B 183 -0.23 18.37 -19.70
C SER B 183 -0.65 16.94 -19.96
N LEU B 184 -0.47 16.07 -18.97
CA LEU B 184 -0.88 14.69 -19.11
C LEU B 184 -2.26 14.65 -19.74
N LEU B 185 -3.18 15.42 -19.17
CA LEU B 185 -4.55 15.49 -19.67
C LEU B 185 -4.66 15.86 -21.14
N ASP B 186 -4.08 17.00 -21.51
CA ASP B 186 -4.13 17.46 -22.91
C ASP B 186 -3.43 16.47 -23.84
N ASN B 187 -2.47 15.72 -23.31
CA ASN B 187 -1.69 14.76 -24.08
C ASN B 187 -1.87 13.30 -23.66
N LEU B 188 -3.01 12.97 -23.08
CA LEU B 188 -3.21 11.60 -22.65
C LEU B 188 -3.27 10.72 -23.90
N ASP B 189 -4.02 11.16 -24.90
CA ASP B 189 -4.16 10.43 -26.14
C ASP B 189 -2.89 10.34 -26.94
N LEU B 190 -2.04 11.36 -26.80
CA LEU B 190 -0.81 11.38 -27.56
C LEU B 190 0.36 10.61 -26.98
N LEU B 191 0.14 9.86 -25.91
CA LEU B 191 1.24 9.07 -25.34
C LEU B 191 1.55 7.89 -26.27
N PRO B 192 2.84 7.63 -26.52
CA PRO B 192 3.28 6.53 -27.39
C PRO B 192 2.79 5.19 -26.85
N GLY B 193 2.20 4.37 -27.73
CA GLY B 193 1.70 3.08 -27.29
C GLY B 193 0.42 2.59 -27.96
N ASN B 194 0.31 1.27 -28.03
CA ASN B 194 -0.85 0.61 -28.62
C ASN B 194 -2.00 0.56 -27.62
N THR B 195 -2.71 -0.55 -27.56
CA THR B 195 -3.81 -0.67 -26.61
C THR B 195 -3.26 -1.28 -25.33
N ARG B 196 -2.06 -1.85 -25.41
CA ARG B 196 -1.42 -2.48 -24.27
C ARG B 196 -0.84 -1.48 -23.30
N THR B 197 -1.11 -0.20 -23.50
CA THR B 197 -0.55 0.82 -22.62
C THR B 197 -1.01 0.85 -21.17
N LYS B 198 -0.05 0.87 -20.26
CA LYS B 198 -0.35 0.93 -18.85
C LYS B 198 0.17 2.24 -18.25
N ILE B 199 -0.60 2.79 -17.32
CA ILE B 199 -0.25 4.05 -16.67
C ILE B 199 -0.47 3.95 -15.16
N GLY B 200 0.28 4.75 -14.40
CA GLY B 200 0.19 4.74 -12.95
C GLY B 200 0.57 6.04 -12.24
N PHE B 201 0.21 6.12 -10.96
CA PHE B 201 0.49 7.31 -10.16
C PHE B 201 0.78 7.05 -8.67
N ILE B 202 1.64 7.90 -8.12
CA ILE B 202 2.07 7.84 -6.73
C ILE B 202 2.50 9.23 -6.27
N THR B 203 1.98 9.66 -5.12
CA THR B 203 2.35 10.96 -4.54
C THR B 203 3.09 10.64 -3.23
N PHE B 204 3.75 11.64 -2.65
CA PHE B 204 4.50 11.35 -1.43
C PHE B 204 5.05 12.58 -0.70
N ASP B 205 5.10 12.48 0.61
CA ASP B 205 5.65 13.52 1.45
C ASP B 205 6.42 12.78 2.52
N SER B 206 5.74 12.40 3.57
CA SER B 206 6.37 11.64 4.63
C SER B 206 5.96 10.20 4.40
N THR B 207 4.95 10.03 3.54
CA THR B 207 4.39 8.72 3.21
C THR B 207 4.25 8.51 1.70
N ILE B 208 4.13 7.25 1.28
CA ILE B 208 3.98 6.92 -0.14
C ILE B 208 2.50 6.78 -0.45
N HIS B 209 2.02 7.58 -1.39
CA HIS B 209 0.61 7.56 -1.77
C HIS B 209 0.28 6.87 -3.10
N PHE B 210 -0.17 5.63 -3.05
CA PHE B 210 -0.55 4.86 -4.23
C PHE B 210 -1.97 5.20 -4.59
N TYR B 211 -2.39 4.94 -5.82
CA TYR B 211 -3.77 5.22 -6.22
C TYR B 211 -4.29 4.12 -7.12
N GLY B 212 -5.39 3.48 -6.71
CA GLY B 212 -5.97 2.42 -7.52
C GLY B 212 -7.08 3.01 -8.37
N LEU B 213 -7.46 2.34 -9.46
CA LEU B 213 -8.52 2.88 -10.30
C LEU B 213 -9.35 1.79 -10.95
N GLN B 214 -10.49 1.49 -10.34
CA GLN B 214 -11.39 0.47 -10.84
C GLN B 214 -12.63 1.18 -11.34
N GLU B 215 -13.26 0.67 -12.40
CA GLU B 215 -14.48 1.29 -12.94
C GLU B 215 -15.68 0.88 -12.11
N SER B 216 -15.42 0.06 -11.10
CA SER B 216 -16.45 -0.42 -10.21
C SER B 216 -16.67 0.51 -9.02
N LEU B 217 -15.68 1.36 -8.72
CA LEU B 217 -15.77 2.29 -7.59
C LEU B 217 -16.05 3.75 -7.99
N SER B 218 -16.86 4.44 -7.20
CA SER B 218 -17.25 5.84 -7.46
C SER B 218 -16.12 6.87 -7.56
N GLN B 219 -14.95 6.54 -7.03
CA GLN B 219 -13.82 7.46 -7.07
C GLN B 219 -12.51 6.76 -6.74
N PRO B 220 -11.38 7.23 -7.30
CA PRO B 220 -10.05 6.65 -7.08
C PRO B 220 -9.74 6.40 -5.62
N GLN B 221 -8.85 5.45 -5.34
CA GLN B 221 -8.52 5.18 -3.97
C GLN B 221 -7.05 5.40 -3.67
N MET B 222 -6.80 6.33 -2.77
CA MET B 222 -5.45 6.69 -2.36
C MET B 222 -5.00 5.70 -1.27
N LEU B 223 -4.12 4.79 -1.65
CA LEU B 223 -3.63 3.79 -0.72
C LEU B 223 -2.29 4.28 -0.21
N ILE B 224 -2.19 4.43 1.11
CA ILE B 224 -1.00 4.98 1.76
C ILE B 224 -0.06 4.07 2.53
N VAL B 225 1.20 4.02 2.12
CA VAL B 225 2.18 3.21 2.84
C VAL B 225 2.96 4.13 3.78
N SER B 226 2.95 3.80 5.06
CA SER B 226 3.62 4.61 6.08
C SER B 226 4.88 3.98 6.67
N ASP B 227 5.07 2.68 6.46
CA ASP B 227 6.27 2.02 6.96
C ASP B 227 7.33 2.38 5.92
N ILE B 228 8.10 3.42 6.23
CA ILE B 228 9.13 3.93 5.36
C ILE B 228 10.36 3.05 5.26
N GLU B 229 10.62 2.25 6.29
CA GLU B 229 11.77 1.38 6.26
C GLU B 229 11.48 0.04 5.63
N ASP B 230 10.27 -0.13 5.11
CA ASP B 230 9.86 -1.40 4.52
C ASP B 230 8.60 -1.26 3.67
N VAL B 231 8.77 -0.73 2.48
CA VAL B 231 7.65 -0.51 1.56
C VAL B 231 7.16 -1.82 0.98
N PHE B 232 6.07 -1.74 0.21
CA PHE B 232 5.44 -2.90 -0.43
C PHE B 232 4.28 -2.38 -1.26
N ILE B 233 3.72 -3.24 -2.12
CA ILE B 233 2.59 -2.82 -2.93
C ILE B 233 1.32 -3.21 -2.17
N PRO B 234 0.36 -2.28 -2.05
CA PRO B 234 -0.91 -2.47 -1.34
C PRO B 234 -2.01 -3.24 -2.07
N MET B 235 -1.88 -3.35 -3.39
CA MET B 235 -2.88 -4.05 -4.18
C MET B 235 -2.20 -4.60 -5.43
N PRO B 236 -2.55 -5.83 -5.80
CA PRO B 236 -1.98 -6.51 -6.97
C PRO B 236 -2.43 -5.90 -8.28
N GLU B 237 -3.71 -5.64 -8.35
CA GLU B 237 -4.31 -5.08 -9.56
C GLU B 237 -4.67 -3.62 -9.35
N ASN B 238 -5.04 -2.98 -10.45
CA ASN B 238 -5.48 -1.59 -10.45
C ASN B 238 -4.51 -0.45 -10.19
N LEU B 239 -3.34 -0.73 -9.64
CA LEU B 239 -2.44 0.38 -9.40
C LEU B 239 -1.84 0.88 -10.70
N LEU B 240 -1.53 -0.05 -11.59
CA LEU B 240 -1.01 0.29 -12.90
C LEU B 240 -2.12 -0.13 -13.83
N VAL B 241 -2.94 0.84 -14.19
CA VAL B 241 -4.09 0.58 -15.03
C VAL B 241 -3.86 0.66 -16.52
N ASN B 242 -4.83 0.15 -17.26
CA ASN B 242 -4.82 0.12 -18.71
C ASN B 242 -5.43 1.40 -19.22
N LEU B 243 -4.59 2.32 -19.68
CA LEU B 243 -5.04 3.60 -20.17
C LEU B 243 -6.28 3.47 -21.05
N ASN B 244 -6.15 2.78 -22.18
CA ASN B 244 -7.29 2.62 -23.10
C ASN B 244 -8.61 2.41 -22.36
N GLU B 245 -8.73 1.27 -21.70
CA GLU B 245 -9.95 0.97 -20.95
C GLU B 245 -10.26 2.06 -19.92
N SER B 246 -9.33 2.31 -19.00
CA SER B 246 -9.52 3.29 -17.93
C SER B 246 -9.37 4.79 -18.22
N LYS B 247 -9.46 5.21 -19.47
CA LYS B 247 -9.31 6.63 -19.83
C LYS B 247 -10.07 7.58 -18.90
N GLU B 248 -11.40 7.45 -18.87
CA GLU B 248 -12.26 8.29 -18.04
C GLU B 248 -11.78 8.30 -16.59
N LEU B 249 -11.41 7.14 -16.09
CA LEU B 249 -10.94 6.99 -14.71
C LEU B 249 -9.74 7.86 -14.39
N VAL B 250 -8.68 7.71 -15.17
CA VAL B 250 -7.45 8.48 -14.98
C VAL B 250 -7.70 9.96 -15.16
N GLN B 251 -8.44 10.29 -16.22
CA GLN B 251 -8.77 11.67 -16.53
C GLN B 251 -9.28 12.41 -15.28
N ASP B 252 -10.08 11.74 -14.46
CA ASP B 252 -10.62 12.34 -13.24
C ASP B 252 -9.52 12.54 -12.23
N LEU B 253 -8.68 11.53 -12.09
CA LEU B 253 -7.60 11.60 -11.13
C LEU B 253 -6.73 12.81 -11.37
N LEU B 254 -6.50 13.10 -12.65
CA LEU B 254 -5.67 14.24 -12.96
C LEU B 254 -6.38 15.52 -12.56
N LYS B 255 -7.69 15.57 -12.77
CA LYS B 255 -8.48 16.75 -12.42
C LYS B 255 -8.64 16.93 -10.90
N THR B 256 -8.27 15.92 -10.13
CA THR B 256 -8.41 15.98 -8.68
C THR B 256 -7.11 16.27 -7.93
N LEU B 257 -6.13 15.41 -8.10
CA LEU B 257 -4.83 15.56 -7.44
C LEU B 257 -4.35 16.96 -7.02
N PRO B 258 -4.25 17.88 -7.99
CA PRO B 258 -3.78 19.23 -7.67
C PRO B 258 -4.54 19.85 -6.51
N GLN B 259 -5.76 19.37 -6.30
CA GLN B 259 -6.65 19.90 -5.27
C GLN B 259 -6.61 19.19 -3.92
N MET B 260 -6.10 17.97 -3.90
CA MET B 260 -6.03 17.19 -2.66
C MET B 260 -4.99 17.62 -1.62
N PHE B 261 -4.11 18.55 -1.97
CA PHE B 261 -3.07 18.92 -1.02
C PHE B 261 -2.82 20.41 -0.79
N THR B 262 -3.81 21.25 -1.05
CA THR B 262 -3.58 22.69 -0.91
C THR B 262 -3.26 23.23 0.49
N LYS B 263 -3.83 22.61 1.51
CA LYS B 263 -3.62 23.03 2.90
C LYS B 263 -2.70 22.04 3.63
N THR B 264 -1.72 21.51 2.90
CA THR B 264 -0.78 20.54 3.45
C THR B 264 0.24 21.18 4.39
N LEU B 265 0.64 20.43 5.41
CA LEU B 265 1.62 20.90 6.38
C LEU B 265 2.86 20.00 6.44
N GLU B 266 3.01 19.14 5.45
CA GLU B 266 4.13 18.21 5.37
C GLU B 266 5.37 18.92 4.85
N THR B 267 6.40 19.07 5.69
CA THR B 267 7.62 19.73 5.24
C THR B 267 8.63 18.71 4.70
N GLN B 268 8.72 17.58 5.39
CA GLN B 268 9.66 16.53 5.02
C GLN B 268 9.18 15.76 3.79
N SER B 269 10.15 15.15 3.09
CA SER B 269 9.88 14.38 1.88
C SER B 269 10.82 13.18 1.79
N ALA B 270 10.26 11.97 1.86
CA ALA B 270 11.06 10.75 1.81
C ALA B 270 11.22 10.15 0.42
N LEU B 271 11.79 10.92 -0.49
CA LEU B 271 12.00 10.50 -1.87
C LEU B 271 12.52 9.09 -2.07
N GLY B 272 13.48 8.68 -1.24
CA GLY B 272 14.05 7.34 -1.38
C GLY B 272 12.96 6.28 -1.37
N PRO B 273 12.35 6.06 -0.21
CA PRO B 273 11.27 5.07 -0.08
C PRO B 273 10.33 5.19 -1.26
N ALA B 274 9.86 6.40 -1.52
CA ALA B 274 8.95 6.65 -2.63
C ALA B 274 9.46 5.96 -3.87
N LEU B 275 10.71 6.25 -4.24
CA LEU B 275 11.31 5.63 -5.42
C LEU B 275 11.39 4.12 -5.24
N GLN B 276 11.82 3.67 -4.06
CA GLN B 276 11.87 2.23 -3.81
C GLN B 276 10.50 1.58 -4.03
N ALA B 277 9.42 2.31 -3.73
CA ALA B 277 8.11 1.74 -3.97
C ALA B 277 7.88 1.94 -5.47
N ALA B 278 8.21 3.12 -5.96
CA ALA B 278 8.04 3.38 -7.36
C ALA B 278 8.61 2.19 -8.13
N PHE B 279 9.81 1.75 -7.76
CA PHE B 279 10.47 0.63 -8.40
C PHE B 279 9.74 -0.71 -8.39
N LYS B 280 9.36 -1.14 -7.19
CA LYS B 280 8.67 -2.41 -7.01
C LYS B 280 7.40 -2.50 -7.84
N LEU B 281 6.72 -1.38 -8.02
CA LEU B 281 5.47 -1.39 -8.77
C LEU B 281 5.78 -1.70 -10.21
N MET B 282 6.89 -1.15 -10.70
CA MET B 282 7.29 -1.36 -12.08
C MET B 282 8.08 -2.62 -12.33
N SER B 283 8.94 -2.95 -11.38
CA SER B 283 9.79 -4.13 -11.44
C SER B 283 9.36 -5.24 -12.43
N PRO B 284 8.11 -5.72 -12.36
CA PRO B 284 7.60 -6.77 -13.24
C PRO B 284 7.58 -6.50 -14.75
N THR B 285 7.26 -5.27 -15.14
CA THR B 285 7.18 -4.93 -16.55
C THR B 285 8.28 -4.01 -17.03
N GLY B 286 8.81 -3.19 -16.14
CA GLY B 286 9.79 -2.24 -16.59
C GLY B 286 8.92 -1.18 -17.24
N GLY B 287 9.49 0.00 -17.51
CA GLY B 287 8.72 1.07 -18.13
C GLY B 287 9.36 2.39 -17.77
N ARG B 288 8.66 3.51 -18.00
CA ARG B 288 9.23 4.82 -17.67
C ARG B 288 8.67 5.50 -16.42
N MET B 289 9.58 5.77 -15.47
CA MET B 289 9.23 6.42 -14.20
C MET B 289 9.52 7.92 -14.15
N SER B 290 8.49 8.71 -14.37
CA SER B 290 8.60 10.15 -14.38
C SER B 290 8.49 10.69 -12.97
N VAL B 291 9.61 11.09 -12.40
CA VAL B 291 9.67 11.63 -11.04
C VAL B 291 9.81 13.17 -10.97
N PHE B 292 8.96 13.80 -10.16
CA PHE B 292 8.97 15.25 -9.97
C PHE B 292 9.27 15.58 -8.51
N GLN B 293 10.36 16.30 -8.28
CA GLN B 293 10.77 16.66 -6.93
C GLN B 293 11.02 18.16 -6.83
N THR B 294 10.90 18.70 -5.62
CA THR B 294 11.08 20.14 -5.44
C THR B 294 11.94 20.62 -4.27
N GLN B 295 12.55 19.70 -3.55
CA GLN B 295 13.39 20.08 -2.41
C GLN B 295 14.38 18.99 -2.04
N LEU B 296 15.21 19.30 -1.04
CA LEU B 296 16.18 18.34 -0.55
C LEU B 296 15.46 17.20 0.19
N PRO B 297 15.89 15.94 -0.03
CA PRO B 297 15.37 14.70 0.57
C PRO B 297 15.76 14.64 2.05
N THR B 298 14.78 14.63 2.94
CA THR B 298 15.10 14.61 4.35
C THR B 298 14.54 13.52 5.25
N LEU B 299 13.74 12.60 4.68
CA LEU B 299 13.15 11.50 5.44
C LEU B 299 13.45 10.12 4.85
N GLY B 300 13.59 9.13 5.72
CA GLY B 300 13.88 7.77 5.29
C GLY B 300 15.24 7.63 4.64
N VAL B 301 15.44 6.56 3.87
CA VAL B 301 16.72 6.38 3.19
C VAL B 301 16.76 7.34 2.01
N GLY B 302 17.95 7.59 1.51
CA GLY B 302 18.11 8.51 0.39
C GLY B 302 18.24 9.94 0.90
N ALA B 303 18.12 10.10 2.20
CA ALA B 303 18.20 11.39 2.86
C ALA B 303 19.57 12.02 2.67
N LEU B 304 19.56 13.31 2.31
CA LEU B 304 20.77 14.05 2.07
C LEU B 304 20.85 15.23 3.04
N LYS B 305 22.07 15.59 3.46
CA LYS B 305 22.27 16.71 4.38
C LYS B 305 22.30 18.02 3.59
N PRO B 306 21.80 19.12 4.19
CA PRO B 306 21.82 20.40 3.46
C PRO B 306 23.26 20.81 3.20
N ARG B 307 23.43 21.80 2.34
CA ARG B 307 24.77 22.30 2.02
C ARG B 307 24.70 23.80 1.80
N GLU B 308 25.83 24.47 2.01
CA GLU B 308 25.88 25.92 1.85
C GLU B 308 26.37 26.34 0.45
N GLU B 309 25.53 27.10 -0.26
CA GLU B 309 25.84 27.57 -1.61
C GLU B 309 27.05 28.48 -1.69
N PRO B 310 27.95 28.22 -2.66
CA PRO B 310 29.16 29.03 -2.82
C PRO B 310 28.84 30.39 -3.42
N ASN B 311 29.78 31.32 -3.25
CA ASN B 311 29.67 32.68 -3.78
C ASN B 311 30.85 32.90 -4.72
N HIS B 312 30.87 34.03 -5.41
CA HIS B 312 31.94 34.33 -6.35
C HIS B 312 33.32 34.35 -5.72
N ARG B 313 33.38 34.24 -4.40
CA ARG B 313 34.65 34.29 -3.68
C ARG B 313 35.36 32.94 -3.55
N SER B 314 34.69 31.93 -3.01
CA SER B 314 35.28 30.60 -2.86
C SER B 314 35.96 30.12 -4.14
N SER B 315 37.10 29.47 -4.00
CA SER B 315 37.86 28.97 -5.16
C SER B 315 37.30 27.71 -5.78
N ALA B 316 38.17 26.92 -6.40
CA ALA B 316 37.75 25.68 -7.04
C ALA B 316 37.94 24.46 -6.12
N LYS B 317 37.45 24.59 -4.89
CA LYS B 317 37.55 23.51 -3.89
C LYS B 317 36.18 22.91 -3.53
N MET B 321 30.10 18.85 -5.96
CA MET B 321 30.38 18.11 -7.20
C MET B 321 29.90 16.66 -7.15
N THR B 322 30.68 15.83 -6.44
CA THR B 322 30.41 14.42 -6.27
C THR B 322 29.12 14.15 -5.48
N PRO B 323 28.70 12.87 -5.43
CA PRO B 323 27.48 12.55 -4.69
C PRO B 323 27.75 12.39 -3.20
N SER B 324 26.76 12.76 -2.39
CA SER B 324 26.85 12.68 -0.93
C SER B 324 26.75 11.23 -0.48
N THR B 325 25.99 10.44 -1.23
CA THR B 325 25.79 9.02 -0.96
C THR B 325 25.60 8.27 -2.25
N ASP B 326 25.72 6.95 -2.18
CA ASP B 326 25.56 6.09 -3.34
C ASP B 326 24.12 5.60 -3.58
N PHE B 327 23.29 5.65 -2.55
CA PHE B 327 21.88 5.20 -2.63
C PHE B 327 21.17 5.32 -3.99
N TYR B 328 21.07 6.54 -4.50
CA TYR B 328 20.40 6.78 -5.76
C TYR B 328 21.05 6.08 -6.93
N LYS B 329 22.36 5.84 -6.83
CA LYS B 329 23.08 5.13 -7.89
C LYS B 329 22.68 3.66 -7.77
N LYS B 330 22.85 3.09 -6.58
CA LYS B 330 22.51 1.70 -6.34
C LYS B 330 21.09 1.41 -6.78
N LEU B 331 20.15 2.26 -6.38
CA LEU B 331 18.75 2.07 -6.76
C LEU B 331 18.59 2.08 -8.27
N ALA B 332 19.44 2.86 -8.94
CA ALA B 332 19.40 2.97 -10.40
C ALA B 332 19.72 1.67 -11.12
N LEU B 333 20.80 1.00 -10.73
CA LEU B 333 21.15 -0.25 -11.38
C LEU B 333 20.00 -1.20 -11.24
N ASP B 334 19.34 -1.17 -10.09
CA ASP B 334 18.21 -2.05 -9.84
C ASP B 334 17.10 -1.80 -10.87
N CYS B 335 16.74 -0.55 -11.10
CA CYS B 335 15.72 -0.22 -12.09
C CYS B 335 16.23 -0.73 -13.44
N SER B 336 17.49 -0.41 -13.70
CA SER B 336 18.13 -0.81 -14.93
C SER B 336 17.94 -2.30 -15.22
N GLY B 337 18.18 -3.12 -14.20
CA GLY B 337 18.05 -4.55 -14.39
C GLY B 337 16.63 -4.99 -14.61
N GLN B 338 15.72 -4.03 -14.54
CA GLN B 338 14.30 -4.32 -14.71
C GLN B 338 13.76 -3.52 -15.89
N GLN B 339 14.68 -2.94 -16.64
CA GLN B 339 14.31 -2.14 -17.80
C GLN B 339 13.42 -1.01 -17.35
N VAL B 340 13.74 -0.47 -16.17
CA VAL B 340 13.02 0.66 -15.59
C VAL B 340 13.99 1.86 -15.70
N ALA B 341 13.45 2.99 -16.16
CA ALA B 341 14.24 4.20 -16.34
C ALA B 341 13.61 5.31 -15.51
N VAL B 342 14.47 6.16 -14.95
CA VAL B 342 13.99 7.27 -14.13
C VAL B 342 14.40 8.64 -14.64
N ASP B 343 13.40 9.48 -14.92
CA ASP B 343 13.64 10.81 -15.42
C ASP B 343 13.35 11.77 -14.28
N LEU B 344 14.34 12.59 -13.93
CA LEU B 344 14.20 13.52 -12.82
C LEU B 344 13.80 14.92 -13.19
N PHE B 345 12.69 15.38 -12.61
CA PHE B 345 12.19 16.73 -12.83
C PHE B 345 12.34 17.42 -11.50
N LEU B 346 13.31 18.33 -11.42
CA LEU B 346 13.56 19.07 -10.20
C LEU B 346 13.06 20.47 -10.39
N LEU B 347 12.21 20.92 -9.47
CA LEU B 347 11.66 22.26 -9.51
C LEU B 347 11.92 22.88 -8.14
N SER B 348 13.16 22.68 -7.66
CA SER B 348 13.56 23.18 -6.36
C SER B 348 13.95 24.65 -6.35
N GLY B 349 13.68 25.30 -5.23
CA GLY B 349 14.03 26.70 -5.05
C GLY B 349 15.31 26.87 -4.22
N GLN B 350 15.73 25.79 -3.56
CA GLN B 350 16.93 25.78 -2.74
C GLN B 350 17.75 24.53 -3.08
N TYR B 351 19.01 24.50 -2.66
CA TYR B 351 19.89 23.36 -2.88
C TYR B 351 19.08 22.09 -2.72
N SER B 352 19.44 21.04 -3.43
CA SER B 352 18.66 19.82 -3.29
C SER B 352 19.56 18.63 -3.49
N ASP B 353 20.83 18.91 -3.69
CA ASP B 353 21.83 17.87 -3.89
C ASP B 353 21.64 17.04 -5.16
N LEU B 354 21.52 17.73 -6.30
CA LEU B 354 21.37 17.04 -7.58
C LEU B 354 22.65 16.27 -7.87
N ALA B 355 23.78 16.78 -7.40
CA ALA B 355 25.07 16.11 -7.58
C ALA B 355 24.90 14.66 -7.19
N SER B 356 23.85 14.38 -6.40
CA SER B 356 23.56 13.04 -5.95
C SER B 356 22.21 12.56 -6.44
N LEU B 357 21.26 13.46 -6.59
CA LEU B 357 19.96 13.03 -7.09
C LEU B 357 20.11 12.56 -8.54
N GLY B 358 20.81 13.34 -9.34
CA GLY B 358 21.00 12.99 -10.72
C GLY B 358 21.30 11.52 -10.94
N CYS B 359 22.15 10.97 -10.09
CA CYS B 359 22.53 9.58 -10.26
C CYS B 359 21.35 8.68 -10.52
N ILE B 360 20.17 9.11 -10.10
CA ILE B 360 18.98 8.30 -10.32
C ILE B 360 18.71 8.12 -11.80
N SER B 361 18.93 9.18 -12.57
CA SER B 361 18.71 9.16 -14.00
C SER B 361 19.94 8.82 -14.80
N ARG B 362 21.13 9.15 -14.29
CA ARG B 362 22.36 8.87 -15.00
C ARG B 362 22.63 7.42 -15.36
N TYR B 363 22.38 6.51 -14.42
CA TYR B 363 22.64 5.11 -14.67
C TYR B 363 21.46 4.28 -15.16
N SER B 364 20.30 4.91 -15.26
CA SER B 364 19.11 4.20 -15.71
C SER B 364 18.73 4.72 -17.09
N ALA B 365 19.66 5.41 -17.73
CA ALA B 365 19.40 5.97 -19.04
C ALA B 365 18.09 6.73 -19.03
N GLY B 366 17.99 7.67 -18.08
CA GLY B 366 16.82 8.52 -17.98
C GLY B 366 17.39 9.88 -18.33
N SER B 367 16.71 10.93 -17.92
CA SER B 367 17.23 12.25 -18.20
C SER B 367 16.63 13.21 -17.19
N VAL B 368 17.46 14.12 -16.71
CA VAL B 368 17.02 15.09 -15.72
C VAL B 368 16.64 16.44 -16.32
N TYR B 369 15.54 16.99 -15.81
CA TYR B 369 15.02 18.26 -16.24
C TYR B 369 15.06 19.16 -15.03
N TYR B 370 15.68 20.33 -15.17
CA TYR B 370 15.80 21.27 -14.06
C TYR B 370 15.02 22.54 -14.29
N TYR B 371 14.44 23.06 -13.21
CA TYR B 371 13.65 24.29 -13.25
C TYR B 371 13.91 25.02 -11.95
N PRO B 372 14.90 25.91 -11.97
CA PRO B 372 15.28 26.70 -10.81
C PRO B 372 14.18 27.64 -10.33
N SER B 373 13.86 27.55 -9.05
CA SER B 373 12.82 28.35 -8.42
C SER B 373 11.53 28.35 -9.23
N TYR B 374 10.99 27.16 -9.43
CA TYR B 374 9.77 27.03 -10.18
C TYR B 374 8.63 27.54 -9.31
N HIS B 375 7.80 28.43 -9.87
CA HIS B 375 6.64 28.98 -9.15
C HIS B 375 5.56 29.44 -10.12
N HIS B 376 4.35 28.88 -9.98
CA HIS B 376 3.24 29.21 -10.86
C HIS B 376 2.95 30.69 -11.05
N GLN B 377 3.33 31.50 -10.06
CA GLN B 377 3.10 32.94 -10.12
C GLN B 377 4.40 33.72 -10.19
N HIS B 378 5.36 33.37 -9.36
CA HIS B 378 6.63 34.08 -9.29
C HIS B 378 7.71 33.88 -10.38
N ASN B 379 7.44 33.00 -11.35
CA ASN B 379 8.42 32.78 -12.41
C ASN B 379 7.76 32.35 -13.70
N PRO B 380 6.92 33.21 -14.25
CA PRO B 380 6.19 32.94 -15.50
C PRO B 380 7.06 32.35 -16.62
N VAL B 381 8.38 32.40 -16.46
CA VAL B 381 9.26 31.85 -17.48
C VAL B 381 9.42 30.34 -17.34
N GLN B 382 9.98 29.90 -16.21
CA GLN B 382 10.20 28.47 -15.98
C GLN B 382 8.93 27.73 -16.26
N VAL B 383 7.82 28.34 -15.87
CA VAL B 383 6.49 27.75 -16.08
C VAL B 383 6.29 27.31 -17.52
N GLN B 384 6.52 28.22 -18.45
CA GLN B 384 6.34 27.89 -19.85
C GLN B 384 7.41 26.91 -20.26
N LYS B 385 8.66 27.19 -19.89
CA LYS B 385 9.75 26.28 -20.23
C LYS B 385 9.25 24.86 -19.96
N LEU B 386 8.77 24.65 -18.74
CA LEU B 386 8.28 23.35 -18.34
C LEU B 386 7.14 22.91 -19.24
N GLN B 387 6.15 23.78 -19.39
CA GLN B 387 4.99 23.49 -20.21
C GLN B 387 5.46 22.83 -21.49
N LYS B 388 6.42 23.50 -22.10
CA LYS B 388 7.00 23.10 -23.36
C LYS B 388 7.97 21.92 -23.35
N GLU B 389 8.70 21.71 -22.26
CA GLU B 389 9.62 20.58 -22.21
C GLU B 389 8.84 19.34 -21.87
N LEU B 390 7.70 19.51 -21.22
CA LEU B 390 6.84 18.39 -20.89
C LEU B 390 6.19 17.97 -22.20
N GLN B 391 5.68 18.96 -22.93
CA GLN B 391 5.04 18.73 -24.23
C GLN B 391 5.92 17.76 -25.02
N ARG B 392 7.21 18.04 -25.02
CA ARG B 392 8.17 17.21 -25.73
C ARG B 392 8.17 15.84 -25.09
N TYR B 393 8.73 15.78 -23.88
CA TYR B 393 8.83 14.55 -23.09
C TYR B 393 7.61 13.66 -23.22
N LEU B 394 6.44 14.25 -23.35
CA LEU B 394 5.23 13.45 -23.42
C LEU B 394 4.87 12.90 -24.79
N THR B 395 5.04 13.68 -25.85
CA THR B 395 4.67 13.23 -27.20
C THR B 395 5.74 12.59 -28.07
N ARG B 396 6.99 12.59 -27.61
CA ARG B 396 8.11 12.02 -28.38
C ARG B 396 8.16 10.51 -28.34
N LYS B 397 8.68 9.92 -29.41
CA LYS B 397 8.80 8.46 -29.51
C LYS B 397 9.66 7.88 -28.38
N ILE B 398 9.52 6.59 -28.13
CA ILE B 398 10.28 5.95 -27.07
C ILE B 398 10.54 4.45 -27.29
N GLY B 399 11.72 4.00 -26.89
CA GLY B 399 12.04 2.60 -27.02
C GLY B 399 12.09 1.96 -25.65
N PHE B 400 11.74 0.68 -25.58
CA PHE B 400 11.73 -0.03 -24.31
C PHE B 400 12.70 -1.20 -24.24
N GLU B 401 13.19 -1.48 -23.04
CA GLU B 401 14.14 -2.57 -22.84
C GLU B 401 15.22 -2.69 -23.90
N ALA B 402 15.66 -1.54 -24.41
CA ALA B 402 16.69 -1.51 -25.46
C ALA B 402 18.10 -1.58 -24.94
N VAL B 403 19.03 -1.76 -25.88
CA VAL B 403 20.45 -1.79 -25.59
C VAL B 403 21.17 -1.36 -26.86
N MET B 404 22.39 -0.92 -26.68
CA MET B 404 23.19 -0.46 -27.79
C MET B 404 24.59 -1.01 -27.67
N ARG B 405 25.19 -1.27 -28.83
CA ARG B 405 26.55 -1.71 -28.92
C ARG B 405 27.13 -0.83 -30.02
N ILE B 406 28.41 -0.47 -29.89
CA ILE B 406 29.11 0.34 -30.87
C ILE B 406 30.35 -0.49 -31.27
N ARG B 407 30.53 -0.70 -32.56
CA ARG B 407 31.69 -1.46 -33.02
C ARG B 407 32.55 -0.59 -33.88
N CYS B 408 33.83 -0.94 -33.95
CA CYS B 408 34.75 -0.20 -34.77
C CYS B 408 35.84 -1.13 -35.26
N THR B 409 36.28 -0.88 -36.50
CA THR B 409 37.32 -1.64 -37.17
C THR B 409 38.46 -2.15 -36.27
N LYS B 410 38.98 -3.33 -36.55
CA LYS B 410 40.08 -3.88 -35.73
C LYS B 410 41.27 -2.94 -35.65
N GLY B 411 41.79 -2.76 -34.44
CA GLY B 411 42.92 -1.88 -34.25
C GLY B 411 42.45 -0.71 -33.42
N LEU B 412 41.18 -0.38 -33.59
CA LEU B 412 40.53 0.71 -32.88
C LEU B 412 39.75 0.17 -31.69
N SER B 413 39.84 0.86 -30.54
CA SER B 413 39.15 0.39 -29.35
C SER B 413 38.47 1.49 -28.54
N ILE B 414 37.19 1.32 -28.22
CA ILE B 414 36.48 2.31 -27.39
C ILE B 414 36.89 1.93 -25.99
N HIS B 415 37.38 2.89 -25.20
CA HIS B 415 37.83 2.58 -23.83
C HIS B 415 37.14 3.39 -22.77
N THR B 416 36.17 4.20 -23.18
CA THR B 416 35.45 5.04 -22.25
C THR B 416 34.16 5.53 -22.87
N PHE B 417 33.09 5.54 -22.07
CA PHE B 417 31.78 5.97 -22.57
C PHE B 417 31.25 7.21 -21.89
N HIS B 418 30.36 7.92 -22.57
CA HIS B 418 29.78 9.13 -22.03
C HIS B 418 28.31 9.19 -22.35
N GLY B 419 27.47 9.17 -21.32
CA GLY B 419 26.04 9.23 -21.52
C GLY B 419 25.25 8.53 -20.44
N ASN B 420 23.94 8.74 -20.41
CA ASN B 420 23.11 8.11 -19.39
C ASN B 420 22.71 6.70 -19.82
N PHE B 421 23.48 5.73 -19.33
CA PHE B 421 23.29 4.32 -19.66
C PHE B 421 24.12 3.54 -18.66
N PHE B 422 24.06 2.21 -18.75
CA PHE B 422 24.83 1.37 -17.86
C PHE B 422 25.63 0.42 -18.72
N VAL B 423 26.94 0.48 -18.54
CA VAL B 423 27.86 -0.33 -19.34
C VAL B 423 28.03 -1.72 -18.75
N ARG B 424 27.28 -2.71 -19.22
CA ARG B 424 27.42 -4.10 -18.78
C ARG B 424 28.85 -4.48 -19.25
N SER B 425 28.95 -5.68 -19.82
CA SER B 425 30.30 -6.19 -20.29
C SER B 425 30.79 -5.35 -21.52
N THR B 426 31.99 -4.71 -21.48
CA THR B 426 32.40 -3.73 -22.55
C THR B 426 31.27 -3.53 -23.63
N ASP B 427 30.91 -2.28 -23.81
CA ASP B 427 29.89 -1.83 -24.86
C ASP B 427 28.54 -2.45 -25.08
N LEU B 428 27.94 -2.92 -24.00
CA LEU B 428 26.61 -3.40 -24.05
C LEU B 428 26.06 -2.43 -23.17
N LEU B 429 25.65 -1.35 -23.77
CA LEU B 429 25.13 -0.29 -23.01
C LEU B 429 23.68 -0.59 -22.80
N SER B 430 23.28 -0.69 -21.54
CA SER B 430 21.91 -0.96 -21.23
C SER B 430 21.16 0.37 -21.24
N LEU B 431 20.06 0.43 -22.00
CA LEU B 431 19.24 1.64 -22.08
C LEU B 431 17.79 1.42 -21.64
N PRO B 432 17.54 1.25 -20.32
CA PRO B 432 16.18 1.04 -19.81
C PRO B 432 15.10 1.73 -20.67
N ASN B 433 15.42 2.93 -21.15
CA ASN B 433 14.56 3.74 -22.01
C ASN B 433 15.49 4.43 -23.00
N VAL B 434 15.00 4.74 -24.18
CA VAL B 434 15.84 5.41 -25.16
C VAL B 434 15.05 6.58 -25.75
N ASN B 435 15.57 7.80 -25.63
CA ASN B 435 14.85 8.92 -26.22
C ASN B 435 15.59 9.46 -27.42
N PRO B 436 14.86 10.20 -28.24
CA PRO B 436 15.35 10.82 -29.47
C PRO B 436 15.96 12.18 -29.18
N ASP B 437 16.42 12.35 -27.94
CA ASP B 437 17.02 13.61 -27.52
C ASP B 437 18.29 13.31 -26.74
N ALA B 438 18.51 12.02 -26.51
CA ALA B 438 19.67 11.50 -25.80
C ALA B 438 20.91 11.57 -26.66
N GLY B 439 22.00 12.07 -26.12
CA GLY B 439 23.23 12.14 -26.89
C GLY B 439 24.21 11.19 -26.25
N TYR B 440 25.29 10.85 -26.96
CA TYR B 440 26.31 9.96 -26.42
C TYR B 440 27.65 10.28 -27.05
N ALA B 441 28.72 9.91 -26.34
CA ALA B 441 30.09 10.12 -26.78
C ALA B 441 30.97 8.97 -26.32
N VAL B 442 32.02 8.73 -27.09
CA VAL B 442 32.94 7.65 -26.77
C VAL B 442 34.37 8.04 -27.10
N GLN B 443 35.32 7.45 -26.39
CA GLN B 443 36.73 7.73 -26.60
C GLN B 443 37.47 6.46 -26.96
N MET B 444 38.16 6.51 -28.09
CA MET B 444 38.91 5.37 -28.59
C MET B 444 40.40 5.65 -28.71
N SER B 445 41.16 4.58 -28.91
CA SER B 445 42.61 4.64 -29.05
C SER B 445 43.04 3.59 -30.06
N VAL B 446 44.27 3.70 -30.55
CA VAL B 446 44.79 2.76 -31.51
C VAL B 446 45.52 1.63 -30.78
N GLU B 447 44.84 0.50 -30.63
CA GLU B 447 45.42 -0.65 -29.95
C GLU B 447 46.42 -1.32 -30.89
N GLU B 448 46.12 -1.30 -32.19
CA GLU B 448 46.99 -1.90 -33.19
C GLU B 448 47.10 -0.93 -34.35
N SER B 449 48.30 -0.82 -34.92
CA SER B 449 48.52 0.12 -36.02
C SER B 449 47.70 -0.19 -37.25
N LEU B 450 47.12 0.87 -37.80
CA LEU B 450 46.29 0.73 -38.96
C LEU B 450 47.09 0.71 -40.24
N THR B 451 48.28 0.13 -40.15
CA THR B 451 49.17 -0.01 -41.30
C THR B 451 48.44 -0.83 -42.35
N ASP B 452 47.73 -1.86 -41.91
CA ASP B 452 46.98 -2.72 -42.82
C ASP B 452 46.11 -1.94 -43.79
N THR B 453 44.95 -1.53 -43.29
CA THR B 453 43.95 -0.81 -44.07
C THR B 453 44.12 0.68 -44.22
N GLN B 454 43.26 1.23 -45.07
CA GLN B 454 43.23 2.65 -45.38
C GLN B 454 41.82 3.18 -45.11
N LEU B 455 41.01 2.32 -44.49
CA LEU B 455 39.64 2.67 -44.14
C LEU B 455 39.15 1.92 -42.92
N VAL B 456 38.55 2.66 -42.01
CA VAL B 456 38.02 2.10 -40.79
C VAL B 456 36.58 2.59 -40.64
N SER B 457 35.71 1.74 -40.16
CA SER B 457 34.32 2.12 -39.98
C SER B 457 33.85 1.86 -38.56
N PHE B 458 32.74 2.48 -38.20
CA PHE B 458 32.16 2.35 -36.87
C PHE B 458 30.69 2.02 -37.02
N GLN B 459 30.21 1.06 -36.26
CA GLN B 459 28.80 0.73 -36.38
C GLN B 459 28.08 0.60 -35.04
N SER B 460 26.96 1.30 -34.90
CA SER B 460 26.19 1.24 -33.68
C SER B 460 24.82 0.69 -33.99
N ALA B 461 24.44 -0.32 -33.23
CA ALA B 461 23.13 -0.92 -33.41
C ALA B 461 22.28 -0.65 -32.16
N LEU B 462 21.05 -0.22 -32.39
CA LEU B 462 20.15 0.06 -31.30
C LEU B 462 19.08 -1.01 -31.25
N LEU B 463 19.22 -1.92 -30.32
CA LEU B 463 18.25 -2.99 -30.19
C LEU B 463 17.15 -2.60 -29.23
N TYR B 464 15.91 -2.55 -29.68
CA TYR B 464 14.86 -2.12 -28.76
C TYR B 464 13.45 -2.62 -29.04
N THR B 465 12.51 -2.13 -28.24
CA THR B 465 11.10 -2.50 -28.37
C THR B 465 10.25 -1.24 -28.57
N SER B 466 9.59 -1.13 -29.72
CA SER B 466 8.78 0.04 -29.98
C SER B 466 7.56 0.12 -29.09
N SER B 467 6.97 1.31 -29.02
CA SER B 467 5.80 1.55 -28.20
C SER B 467 4.67 0.68 -28.72
N LYS B 468 4.85 0.16 -29.93
CA LYS B 468 3.86 -0.70 -30.56
C LYS B 468 4.19 -2.18 -30.35
N GLY B 469 5.08 -2.46 -29.40
CA GLY B 469 5.42 -3.85 -29.12
C GLY B 469 6.24 -4.59 -30.18
N GLU B 470 6.92 -3.87 -31.06
CA GLU B 470 7.75 -4.50 -32.08
C GLU B 470 9.23 -4.43 -31.69
N ARG B 471 9.95 -5.54 -31.84
CA ARG B 471 11.39 -5.54 -31.54
C ARG B 471 12.09 -5.05 -32.78
N ARG B 472 13.00 -4.10 -32.61
CA ARG B 472 13.71 -3.52 -33.74
C ARG B 472 15.10 -3.07 -33.43
N ILE B 473 15.96 -3.18 -34.44
CA ILE B 473 17.34 -2.76 -34.35
C ILE B 473 17.53 -1.52 -35.24
N ARG B 474 18.30 -0.55 -34.76
CA ARG B 474 18.57 0.65 -35.56
C ARG B 474 20.07 0.80 -35.65
N VAL B 475 20.56 0.60 -36.86
CA VAL B 475 21.98 0.68 -37.08
C VAL B 475 22.36 1.86 -37.94
N HIS B 476 23.53 2.40 -37.64
CA HIS B 476 24.12 3.53 -38.35
C HIS B 476 25.51 2.99 -38.60
N THR B 477 26.11 3.34 -39.73
CA THR B 477 27.46 2.88 -39.98
C THR B 477 28.22 4.03 -40.59
N LEU B 478 29.47 4.20 -40.14
CA LEU B 478 30.32 5.29 -40.61
C LEU B 478 31.71 4.80 -41.03
N CYS B 479 32.12 5.28 -42.20
CA CYS B 479 33.40 4.93 -42.78
C CYS B 479 34.28 6.17 -42.91
N LEU B 480 35.52 6.06 -42.46
CA LEU B 480 36.47 7.18 -42.53
C LEU B 480 37.83 6.70 -43.06
N PRO B 481 38.70 7.65 -43.41
CA PRO B 481 40.04 7.34 -43.93
C PRO B 481 41.16 7.41 -42.91
N VAL B 482 42.14 6.52 -43.04
CA VAL B 482 43.29 6.51 -42.16
C VAL B 482 44.43 7.36 -42.78
N VAL B 483 45.11 8.15 -41.97
CA VAL B 483 46.19 8.96 -42.50
C VAL B 483 47.43 8.72 -41.66
N SER B 484 48.59 9.13 -42.15
CA SER B 484 49.81 8.89 -41.40
C SER B 484 50.70 10.08 -41.15
N THR B 485 50.21 11.29 -41.38
CA THR B 485 51.02 12.50 -41.13
C THR B 485 50.25 13.53 -40.30
N LEU B 486 50.92 14.14 -39.32
CA LEU B 486 50.26 15.13 -38.49
C LEU B 486 49.33 16.03 -39.27
N ASN B 487 49.92 16.90 -40.10
CA ASN B 487 49.15 17.82 -40.90
C ASN B 487 47.83 17.21 -41.38
N ASP B 488 47.85 15.94 -41.74
CA ASP B 488 46.62 15.29 -42.16
C ASP B 488 45.63 15.26 -41.01
N VAL B 489 46.04 14.61 -39.92
CA VAL B 489 45.20 14.52 -38.74
C VAL B 489 44.56 15.87 -38.48
N PHE B 490 45.38 16.93 -38.59
CA PHE B 490 44.96 18.32 -38.40
C PHE B 490 44.01 18.86 -39.47
N LEU B 491 44.22 18.49 -40.72
CA LEU B 491 43.39 18.99 -41.81
C LEU B 491 41.93 18.57 -41.74
N GLY B 492 41.68 17.41 -41.12
CA GLY B 492 40.32 16.93 -41.02
C GLY B 492 39.75 16.96 -39.62
N ALA B 493 40.33 17.81 -38.77
CA ALA B 493 39.87 17.95 -37.40
C ALA B 493 38.51 18.65 -37.37
N ASP B 494 37.65 18.21 -36.46
CA ASP B 494 36.31 18.78 -36.28
C ASP B 494 36.31 19.47 -34.93
N VAL B 495 36.64 20.76 -34.92
CA VAL B 495 36.69 21.50 -33.66
C VAL B 495 35.46 21.28 -32.77
N GLN B 496 34.27 21.54 -33.31
CA GLN B 496 33.06 21.38 -32.54
C GLN B 496 33.06 20.12 -31.71
N ALA B 497 33.23 18.98 -32.39
CA ALA B 497 33.25 17.67 -31.75
C ALA B 497 34.41 17.48 -30.76
N ILE B 498 35.57 18.02 -31.08
CA ILE B 498 36.70 17.93 -30.17
C ILE B 498 36.24 18.59 -28.91
N SER B 499 35.60 19.74 -29.08
CA SER B 499 35.13 20.53 -27.97
C SER B 499 34.14 19.78 -27.10
N GLY B 500 33.07 19.31 -27.71
CA GLY B 500 32.09 18.58 -26.94
C GLY B 500 32.63 17.29 -26.30
N LEU B 501 33.61 16.67 -26.94
CA LEU B 501 34.16 15.45 -26.38
C LEU B 501 34.99 15.80 -25.14
N LEU B 502 35.76 16.89 -25.25
CA LEU B 502 36.59 17.33 -24.14
C LEU B 502 35.65 17.66 -23.00
N ALA B 503 34.56 18.33 -23.30
CA ALA B 503 33.59 18.68 -22.28
C ALA B 503 33.27 17.46 -21.40
N ASN B 504 32.82 16.38 -22.03
CA ASN B 504 32.47 15.18 -21.29
C ASN B 504 33.62 14.60 -20.50
N MET B 505 34.83 14.75 -21.01
CA MET B 505 36.00 14.21 -20.35
C MET B 505 36.28 15.08 -19.12
N ALA B 506 36.01 16.38 -19.27
CA ALA B 506 36.19 17.37 -18.22
C ALA B 506 35.19 17.04 -17.11
N VAL B 507 33.90 16.98 -17.45
CA VAL B 507 32.90 16.64 -16.46
C VAL B 507 33.44 15.51 -15.62
N ASP B 508 33.75 14.39 -16.26
CA ASP B 508 34.31 13.22 -15.58
C ASP B 508 35.56 13.62 -14.82
N ARG B 509 36.40 14.41 -15.48
CA ARG B 509 37.63 14.88 -14.87
C ARG B 509 37.34 15.50 -13.49
N SER B 510 36.35 16.38 -13.43
CA SER B 510 35.97 17.05 -12.19
C SER B 510 35.51 16.08 -11.09
N MET B 511 34.62 15.14 -11.41
CA MET B 511 34.12 14.19 -10.43
C MET B 511 35.26 13.30 -9.94
N THR B 512 36.15 12.94 -10.87
CA THR B 512 37.28 12.07 -10.58
C THR B 512 38.35 12.76 -9.76
N ALA B 513 38.52 14.06 -9.99
CA ALA B 513 39.50 14.86 -9.28
C ALA B 513 38.90 16.16 -8.75
N SER B 514 39.00 17.24 -9.52
CA SER B 514 38.44 18.53 -9.13
C SER B 514 38.13 19.44 -10.31
N LEU B 515 37.34 20.47 -10.05
CA LEU B 515 36.95 21.44 -11.06
C LEU B 515 38.20 22.15 -11.61
N SER B 516 39.22 22.24 -10.76
CA SER B 516 40.46 22.88 -11.16
C SER B 516 41.04 22.05 -12.30
N ASP B 517 41.46 20.83 -11.99
CA ASP B 517 42.03 19.96 -13.01
C ASP B 517 41.13 19.92 -14.23
N ALA B 518 39.84 19.81 -14.01
CA ALA B 518 38.92 19.80 -15.13
C ALA B 518 39.25 21.03 -15.98
N ARG B 519 39.13 22.20 -15.38
CA ARG B 519 39.42 23.44 -16.09
C ARG B 519 40.75 23.40 -16.81
N ASP B 520 41.82 23.15 -16.05
CA ASP B 520 43.17 23.09 -16.62
C ASP B 520 43.27 22.19 -17.85
N ALA B 521 42.96 20.92 -17.69
CA ALA B 521 43.03 19.98 -18.82
C ALA B 521 42.36 20.54 -20.08
N LEU B 522 41.38 21.41 -19.90
CA LEU B 522 40.68 22.04 -21.01
C LEU B 522 41.60 23.09 -21.64
N VAL B 523 42.35 23.80 -20.82
CA VAL B 523 43.26 24.79 -21.32
C VAL B 523 44.45 24.07 -21.97
N ASN B 524 44.85 22.92 -21.42
CA ASN B 524 45.96 22.17 -21.98
C ASN B 524 45.67 21.49 -23.32
N ALA B 525 44.41 21.23 -23.60
CA ALA B 525 44.06 20.62 -24.87
C ALA B 525 44.43 21.59 -25.98
N VAL B 526 44.13 22.87 -25.77
CA VAL B 526 44.41 23.91 -26.75
C VAL B 526 45.91 24.11 -26.89
N ILE B 527 46.58 24.33 -25.77
CA ILE B 527 48.01 24.55 -25.78
C ILE B 527 48.80 23.36 -26.33
N ASP B 528 48.70 22.21 -25.68
CA ASP B 528 49.43 21.03 -26.12
C ASP B 528 49.16 20.72 -27.58
N SER B 529 48.03 21.18 -28.07
CA SER B 529 47.66 20.95 -29.46
C SER B 529 48.44 21.89 -30.37
N LEU B 530 48.03 23.16 -30.38
CA LEU B 530 48.70 24.18 -31.20
C LEU B 530 50.21 24.20 -30.99
N SER B 531 50.63 23.78 -29.81
CA SER B 531 52.04 23.76 -29.49
C SER B 531 52.67 22.64 -30.27
N ALA B 532 51.88 21.63 -30.58
CA ALA B 532 52.38 20.48 -31.31
C ALA B 532 52.39 20.83 -32.76
N TYR B 533 51.41 21.62 -33.16
CA TYR B 533 51.29 22.02 -34.55
C TYR B 533 52.48 22.85 -34.98
N ARG B 534 52.97 23.67 -34.06
CA ARG B 534 54.10 24.55 -34.30
C ARG B 534 55.43 23.82 -34.44
N SER B 535 55.72 22.90 -33.53
CA SER B 535 56.95 22.17 -33.63
C SER B 535 56.87 21.33 -34.89
N SER B 536 55.90 21.65 -35.74
CA SER B 536 55.72 20.93 -37.00
C SER B 536 55.27 21.82 -38.18
N VAL B 537 55.78 23.04 -38.24
CA VAL B 537 55.50 24.01 -39.32
C VAL B 537 56.65 25.00 -39.50
N PRO B 543 56.36 34.27 -34.81
CA PRO B 543 55.71 35.46 -34.23
C PRO B 543 54.38 35.19 -33.52
N GLY B 544 53.27 35.44 -34.21
CA GLY B 544 51.95 35.23 -33.63
C GLY B 544 51.52 33.80 -33.30
N LEU B 545 50.22 33.63 -33.09
CA LEU B 545 49.64 32.33 -32.76
C LEU B 545 49.17 31.66 -34.05
N MET B 546 49.99 30.76 -34.58
CA MET B 546 49.71 30.07 -35.84
C MET B 546 49.04 28.71 -35.70
N VAL B 547 47.84 28.59 -36.27
CA VAL B 547 47.06 27.34 -36.21
C VAL B 547 46.38 26.99 -37.54
N PRO B 548 46.17 25.69 -37.78
CA PRO B 548 45.53 25.21 -39.01
C PRO B 548 44.09 25.65 -39.09
N PHE B 549 43.69 26.13 -40.27
CA PHE B 549 42.33 26.62 -40.55
C PHE B 549 41.23 25.93 -39.76
N SER B 550 41.37 24.62 -39.56
CA SER B 550 40.35 23.90 -38.82
C SER B 550 40.30 24.22 -37.33
N LEU B 551 41.44 24.52 -36.70
CA LEU B 551 41.45 24.82 -35.27
C LEU B 551 41.35 26.30 -34.86
N ARG B 552 41.01 27.14 -35.85
CA ARG B 552 40.88 28.58 -35.64
C ARG B 552 39.81 28.87 -34.61
N LEU B 553 38.90 27.94 -34.42
CA LEU B 553 37.84 28.15 -33.44
C LEU B 553 37.99 27.20 -32.29
N PHE B 554 39.19 26.70 -32.07
CA PHE B 554 39.43 25.76 -31.00
C PHE B 554 39.58 26.48 -29.66
N PRO B 555 40.36 27.57 -29.62
CA PRO B 555 40.51 28.27 -28.35
C PRO B 555 39.22 29.00 -28.05
N LEU B 556 38.55 29.49 -29.10
CA LEU B 556 37.31 30.20 -28.87
C LEU B 556 36.25 29.33 -28.23
N PHE B 557 36.23 28.05 -28.55
CA PHE B 557 35.21 27.19 -28.00
C PHE B 557 35.53 26.67 -26.61
N VAL B 558 36.82 26.44 -26.34
CA VAL B 558 37.24 25.95 -25.02
C VAL B 558 37.03 27.07 -24.01
N LEU B 559 37.32 28.30 -24.40
CA LEU B 559 37.14 29.44 -23.51
C LEU B 559 35.68 29.44 -23.09
N ALA B 560 34.78 29.55 -24.07
CA ALA B 560 33.33 29.55 -23.84
C ALA B 560 32.96 28.30 -23.03
N LEU B 561 33.80 27.30 -23.14
CA LEU B 561 33.61 26.06 -22.46
C LEU B 561 33.93 26.32 -20.99
N LEU B 562 34.99 27.09 -20.77
CA LEU B 562 35.41 27.42 -19.42
C LEU B 562 34.57 28.49 -18.76
N LYS B 563 33.75 29.19 -19.55
CA LYS B 563 32.89 30.23 -18.98
C LYS B 563 31.44 29.76 -18.81
N GLN B 564 31.12 28.60 -19.39
CA GLN B 564 29.79 28.01 -19.27
C GLN B 564 29.58 27.62 -17.80
N LYS B 565 28.32 27.42 -17.43
CA LYS B 565 27.96 27.10 -16.06
C LYS B 565 28.43 25.75 -15.57
N SER B 566 29.15 25.01 -16.41
CA SER B 566 29.63 23.70 -16.01
C SER B 566 31.04 23.80 -15.48
N PHE B 567 31.80 24.79 -15.96
CA PHE B 567 33.19 24.94 -15.52
C PHE B 567 33.60 26.30 -14.99
N GLN B 568 32.84 27.34 -15.33
CA GLN B 568 33.12 28.70 -14.88
C GLN B 568 33.47 28.71 -13.39
N THR B 569 34.22 29.72 -12.93
CA THR B 569 34.57 29.78 -11.51
C THR B 569 34.27 31.07 -10.77
N GLY B 570 34.71 32.19 -11.30
CA GLY B 570 34.50 33.46 -10.61
C GLY B 570 33.06 33.95 -10.45
N THR B 571 32.09 33.12 -10.79
CA THR B 571 30.69 33.52 -10.69
C THR B 571 30.02 33.12 -9.38
N ASN B 572 28.80 33.63 -9.19
CA ASN B 572 28.00 33.38 -7.99
C ASN B 572 27.12 32.17 -8.26
N ALA B 573 27.60 31.27 -9.12
CA ALA B 573 26.88 30.06 -9.51
C ALA B 573 26.63 29.07 -8.38
N ARG B 574 25.36 28.71 -8.23
CA ARG B 574 24.90 27.78 -7.21
C ARG B 574 25.17 26.33 -7.57
N LEU B 575 25.41 25.50 -6.56
CA LEU B 575 25.71 24.10 -6.78
C LEU B 575 24.78 23.38 -7.74
N ASP B 576 23.53 23.19 -7.36
CA ASP B 576 22.59 22.49 -8.20
C ASP B 576 22.65 22.85 -9.68
N GLU B 577 22.96 24.11 -9.99
CA GLU B 577 23.06 24.58 -11.37
C GLU B 577 24.26 23.99 -12.09
N ARG B 578 25.42 24.08 -11.45
CA ARG B 578 26.65 23.58 -12.03
C ARG B 578 26.44 22.13 -12.42
N ILE B 579 25.97 21.35 -11.44
CA ILE B 579 25.69 19.93 -11.63
C ILE B 579 24.79 19.65 -12.85
N PHE B 580 23.65 20.33 -12.93
CA PHE B 580 22.72 20.16 -14.05
C PHE B 580 23.42 20.50 -15.36
N ALA B 581 24.30 21.48 -15.32
CA ALA B 581 25.04 21.91 -16.50
C ALA B 581 25.88 20.77 -17.03
N MET B 582 26.56 20.05 -16.13
CA MET B 582 27.43 18.92 -16.51
C MET B 582 26.57 17.70 -16.85
N CYS B 583 25.32 17.71 -16.40
CA CYS B 583 24.40 16.63 -16.70
C CYS B 583 24.03 16.76 -18.16
N GLN B 584 23.90 18.00 -18.60
CA GLN B 584 23.54 18.34 -19.97
C GLN B 584 24.68 18.06 -20.94
N VAL B 585 25.90 18.37 -20.51
CA VAL B 585 27.07 18.12 -21.35
C VAL B 585 27.03 16.63 -21.63
N LYS B 586 26.88 15.87 -20.55
CA LYS B 586 26.83 14.42 -20.60
C LYS B 586 25.73 13.77 -21.43
N ASN B 587 24.51 14.31 -21.40
CA ASN B 587 23.39 13.70 -22.11
C ASN B 587 22.86 14.51 -23.30
N GLN B 588 23.67 15.43 -23.82
CA GLN B 588 23.22 16.22 -24.95
C GLN B 588 24.02 16.06 -26.24
N PRO B 589 23.30 15.97 -27.38
CA PRO B 589 23.83 15.83 -28.75
C PRO B 589 24.63 17.08 -29.15
N LEU B 590 25.88 16.88 -29.55
CA LEU B 590 26.80 17.95 -29.92
C LEU B 590 26.13 19.25 -30.32
N VAL B 591 25.18 19.16 -31.23
CA VAL B 591 24.51 20.34 -31.71
C VAL B 591 23.96 21.27 -30.63
N TYR B 592 23.29 20.70 -29.62
CA TYR B 592 22.73 21.54 -28.57
C TYR B 592 23.75 21.91 -27.48
N LEU B 593 24.89 21.23 -27.48
CA LEU B 593 25.94 21.54 -26.52
C LEU B 593 26.61 22.79 -27.05
N MET B 594 26.59 22.94 -28.36
CA MET B 594 27.19 24.09 -28.99
C MET B 594 26.28 25.28 -28.76
N LEU B 595 25.03 25.16 -29.18
CA LEU B 595 24.08 26.25 -28.99
C LEU B 595 24.23 26.82 -27.57
N THR B 596 24.13 25.90 -26.61
CA THR B 596 24.25 26.20 -25.21
C THR B 596 25.58 26.91 -24.92
N THR B 597 26.68 26.18 -25.09
CA THR B 597 28.00 26.73 -24.84
C THR B 597 28.31 28.02 -25.60
N HIS B 598 27.94 28.08 -26.87
CA HIS B 598 28.20 29.26 -27.69
C HIS B 598 26.94 29.74 -28.40
N PRO B 599 26.08 30.47 -27.68
CA PRO B 599 24.84 30.99 -28.25
C PRO B 599 25.10 31.69 -29.57
N SER B 600 24.08 31.79 -30.41
CA SER B 600 24.25 32.46 -31.68
C SER B 600 23.59 33.83 -31.53
N LEU B 601 24.36 34.88 -31.80
CA LEU B 601 23.87 36.24 -31.67
C LEU B 601 23.56 36.92 -33.00
N TYR B 602 22.29 37.23 -33.22
CA TYR B 602 21.83 37.89 -34.44
C TYR B 602 21.18 39.24 -34.13
N ARG B 603 21.53 40.29 -34.86
CA ARG B 603 20.90 41.58 -34.63
C ARG B 603 19.58 41.51 -35.42
N VAL B 604 18.48 41.77 -34.75
CA VAL B 604 17.17 41.64 -35.37
C VAL B 604 16.26 42.87 -35.61
N ASP B 605 16.70 44.06 -35.24
CA ASP B 605 15.85 45.24 -35.43
C ASP B 605 15.87 45.79 -36.85
N ASN B 606 16.54 45.08 -37.77
CA ASN B 606 16.66 45.55 -39.15
C ASN B 606 16.74 44.46 -40.21
N LEU B 607 15.99 43.38 -40.03
CA LEU B 607 16.01 42.25 -40.96
C LEU B 607 15.53 42.58 -42.38
N SER B 608 16.12 41.89 -43.39
CA SER B 608 15.79 42.15 -44.80
C SER B 608 15.52 41.01 -45.80
N ASP B 609 15.83 41.26 -47.08
CA ASP B 609 15.58 40.31 -48.17
C ASP B 609 16.67 39.40 -48.73
N GLU B 610 17.75 39.18 -47.99
CA GLU B 610 18.79 38.27 -48.47
C GLU B 610 18.44 36.93 -47.86
N GLY B 611 17.22 36.90 -47.33
CA GLY B 611 16.69 35.74 -46.65
C GLY B 611 16.59 34.49 -47.48
N ALA B 612 16.01 33.47 -46.88
CA ALA B 612 15.82 32.18 -47.54
C ALA B 612 14.40 32.24 -48.09
N LEU B 613 14.07 33.33 -48.78
CA LEU B 613 12.73 33.47 -49.34
C LEU B 613 12.52 32.42 -50.41
N ASN B 614 12.81 31.19 -50.05
CA ASN B 614 12.62 30.07 -50.96
C ASN B 614 11.33 29.39 -50.56
N ILE B 615 11.26 29.05 -49.28
CA ILE B 615 10.12 28.35 -48.74
C ILE B 615 8.80 28.94 -49.15
N SER B 616 8.43 28.63 -50.39
CA SER B 616 7.20 29.08 -51.01
C SER B 616 6.77 30.51 -50.69
N ASP B 617 5.74 30.65 -49.87
CA ASP B 617 5.19 31.95 -49.51
C ASP B 617 5.92 32.72 -48.43
N ARG B 618 6.76 32.05 -47.66
CA ARG B 618 7.50 32.69 -46.58
C ARG B 618 8.93 33.02 -47.02
N THR B 619 9.42 34.19 -46.65
CA THR B 619 10.77 34.58 -47.02
C THR B 619 11.87 34.12 -46.03
N ILE B 620 11.80 34.55 -44.77
CA ILE B 620 12.79 34.13 -43.79
C ILE B 620 14.14 34.80 -43.90
N PRO B 621 14.33 35.91 -43.18
CA PRO B 621 15.61 36.61 -43.25
C PRO B 621 16.76 35.74 -42.77
N GLN B 622 17.96 36.03 -43.24
CA GLN B 622 19.13 35.27 -42.83
C GLN B 622 20.18 36.24 -42.29
N PRO B 623 19.86 36.93 -41.18
CA PRO B 623 20.86 37.85 -40.66
C PRO B 623 22.12 37.06 -40.38
N PRO B 624 23.26 37.75 -40.19
CA PRO B 624 24.55 37.11 -39.92
C PRO B 624 24.85 36.90 -38.46
N ILE B 625 25.57 35.82 -38.21
CA ILE B 625 25.99 35.45 -36.88
C ILE B 625 27.10 36.37 -36.39
N LEU B 626 26.89 36.93 -35.21
CA LEU B 626 27.86 37.82 -34.59
C LEU B 626 28.63 37.02 -33.56
N GLN B 627 29.82 37.51 -33.22
CA GLN B 627 30.64 36.85 -32.24
C GLN B 627 30.12 37.27 -30.87
N LEU B 628 30.49 36.53 -29.84
CA LEU B 628 29.98 36.82 -28.51
C LEU B 628 30.66 37.95 -27.72
N SER B 629 30.29 39.18 -28.03
CA SER B 629 30.86 40.32 -27.35
C SER B 629 29.93 41.51 -27.36
N VAL B 630 30.07 42.35 -26.32
CA VAL B 630 29.27 43.54 -26.17
C VAL B 630 29.71 44.57 -27.20
N GLU B 631 30.92 44.40 -27.72
CA GLU B 631 31.45 45.32 -28.72
C GLU B 631 30.60 45.26 -29.99
N LYS B 632 29.82 44.19 -30.11
CA LYS B 632 28.98 44.00 -31.28
C LYS B 632 27.57 44.51 -31.09
N LEU B 633 27.10 44.57 -29.85
CA LEU B 633 25.75 45.06 -29.60
C LEU B 633 25.65 46.52 -30.01
N SER B 634 24.51 47.14 -29.72
CA SER B 634 24.32 48.54 -30.07
C SER B 634 23.07 49.07 -29.42
N ARG B 635 23.24 50.09 -28.58
CA ARG B 635 22.13 50.72 -27.88
C ARG B 635 21.07 51.16 -28.88
N ASP B 636 21.48 51.38 -30.12
CA ASP B 636 20.57 51.82 -31.17
C ASP B 636 19.66 50.71 -31.69
N GLY B 637 19.80 49.48 -31.18
CA GLY B 637 18.97 48.38 -31.68
C GLY B 637 18.59 47.21 -30.78
N ALA B 638 18.26 46.07 -31.40
CA ALA B 638 17.84 44.85 -30.69
C ALA B 638 18.61 43.63 -31.18
N PHE B 639 19.00 42.75 -30.26
CA PHE B 639 19.74 41.57 -30.67
C PHE B 639 19.20 40.29 -30.08
N LEU B 640 18.87 39.32 -30.94
CA LEU B 640 18.37 38.05 -30.47
C LEU B 640 19.59 37.16 -30.21
N MET B 641 19.48 36.30 -29.22
CA MET B 641 20.56 35.38 -28.92
C MET B 641 19.92 34.01 -28.90
N ASP B 642 20.40 33.12 -29.75
CA ASP B 642 19.86 31.77 -29.77
C ASP B 642 20.76 30.90 -28.91
N ALA B 643 20.18 30.32 -27.86
CA ALA B 643 20.92 29.44 -26.95
C ALA B 643 20.39 28.01 -27.03
N GLY B 644 19.70 27.71 -28.13
CA GLY B 644 19.17 26.38 -28.35
C GLY B 644 17.94 25.98 -27.55
N SER B 645 17.98 26.22 -26.24
CA SER B 645 16.84 25.88 -25.40
C SER B 645 15.92 27.08 -25.27
N VAL B 646 16.51 28.27 -25.21
CA VAL B 646 15.75 29.51 -25.10
C VAL B 646 16.26 30.58 -26.05
N LEU B 647 15.39 31.52 -26.39
CA LEU B 647 15.77 32.62 -27.27
C LEU B 647 15.59 33.89 -26.46
N MET B 648 16.68 34.63 -26.30
CA MET B 648 16.64 35.87 -25.54
C MET B 648 16.85 37.10 -26.41
N LEU B 649 15.82 37.94 -26.47
CA LEU B 649 15.86 39.16 -27.26
C LEU B 649 16.24 40.37 -26.41
N TRP B 650 17.50 40.75 -26.47
CA TRP B 650 17.99 41.91 -25.73
C TRP B 650 17.62 43.13 -26.54
N VAL B 651 17.24 44.20 -25.86
CA VAL B 651 16.85 45.43 -26.53
C VAL B 651 17.62 46.65 -26.01
N GLY B 652 18.01 47.52 -26.94
CA GLY B 652 18.75 48.71 -26.57
C GLY B 652 17.88 49.82 -25.99
N LYS B 653 18.48 50.63 -25.13
CA LYS B 653 17.78 51.74 -24.51
C LYS B 653 17.39 52.77 -25.57
N ASN B 654 18.31 53.01 -26.50
CA ASN B 654 18.09 53.97 -27.57
C ASN B 654 17.69 53.24 -28.84
N CYS B 655 16.65 52.44 -28.74
CA CYS B 655 16.18 51.69 -29.89
C CYS B 655 15.42 52.61 -30.83
N THR B 656 15.03 52.07 -31.98
CA THR B 656 14.29 52.85 -32.96
C THR B 656 12.79 52.80 -32.64
N GLN B 657 12.10 53.92 -32.76
CA GLN B 657 10.67 53.93 -32.47
C GLN B 657 10.00 52.81 -33.26
N ASN B 658 10.22 52.81 -34.56
CA ASN B 658 9.64 51.79 -35.44
C ASN B 658 9.63 50.40 -34.82
N PHE B 659 10.73 50.01 -34.20
CA PHE B 659 10.82 48.67 -33.62
C PHE B 659 9.88 48.45 -32.45
N LEU B 660 9.74 49.44 -31.59
CA LEU B 660 8.86 49.32 -30.44
C LEU B 660 7.40 49.26 -30.90
N SER B 661 7.02 50.19 -31.77
CA SER B 661 5.66 50.26 -32.27
C SER B 661 5.23 49.17 -33.25
N GLN B 662 6.04 48.91 -34.27
CA GLN B 662 5.67 47.92 -35.29
C GLN B 662 6.17 46.50 -35.06
N VAL B 663 7.05 46.30 -34.10
CA VAL B 663 7.51 44.94 -33.81
C VAL B 663 7.13 44.57 -32.40
N LEU B 664 7.42 45.45 -31.44
CA LEU B 664 7.10 45.20 -30.03
C LEU B 664 5.67 45.54 -29.60
N GLY B 665 5.02 46.45 -30.31
CA GLY B 665 3.65 46.81 -29.97
C GLY B 665 3.53 47.76 -28.80
N VAL B 666 4.58 48.55 -28.60
CA VAL B 666 4.66 49.52 -27.51
C VAL B 666 5.01 50.90 -28.06
N GLN B 667 4.78 51.95 -27.27
CA GLN B 667 5.09 53.30 -27.73
C GLN B 667 6.47 53.82 -27.34
N ASN B 668 7.12 53.19 -26.37
CA ASN B 668 8.44 53.63 -25.93
C ASN B 668 9.13 52.64 -25.00
N TYR B 669 10.44 52.52 -25.18
CA TYR B 669 11.27 51.61 -24.41
C TYR B 669 10.79 51.38 -22.99
N ALA B 670 10.41 52.46 -22.31
CA ALA B 670 9.95 52.39 -20.93
C ALA B 670 8.74 51.50 -20.66
N SER B 671 7.85 51.37 -21.63
CA SER B 671 6.68 50.53 -21.42
C SER B 671 6.73 49.15 -22.09
N ILE B 672 7.92 48.53 -22.09
CA ILE B 672 8.13 47.18 -22.64
C ILE B 672 7.94 46.26 -21.44
N PRO B 673 6.73 45.73 -21.23
CA PRO B 673 6.41 44.84 -20.10
C PRO B 673 7.59 44.10 -19.52
N GLN B 674 7.76 44.17 -18.20
CA GLN B 674 8.90 43.52 -17.55
C GLN B 674 9.11 42.09 -18.05
N PRO B 675 8.39 41.10 -17.50
CA PRO B 675 8.70 39.81 -18.10
C PRO B 675 7.82 39.75 -19.35
N MET B 676 8.46 39.60 -20.50
CA MET B 676 7.72 39.49 -21.75
C MET B 676 8.02 38.06 -22.21
N THR B 677 7.00 37.23 -22.22
CA THR B 677 7.15 35.83 -22.61
C THR B 677 7.19 35.52 -24.11
N ASP B 678 6.73 36.44 -24.94
CA ASP B 678 6.71 36.21 -26.39
C ASP B 678 6.26 37.48 -27.09
N LEU B 679 6.73 37.69 -28.31
CA LEU B 679 6.36 38.89 -29.08
C LEU B 679 4.91 38.78 -29.50
N PRO B 680 4.32 39.89 -29.94
CA PRO B 680 2.93 39.82 -30.38
C PRO B 680 2.94 39.63 -31.89
N GLU B 681 1.86 39.11 -32.44
CA GLU B 681 1.82 38.91 -33.90
C GLU B 681 1.00 40.03 -34.52
N LEU B 682 1.68 41.17 -34.69
CA LEU B 682 1.11 42.39 -35.24
C LEU B 682 1.12 42.41 -36.78
N ASP B 683 0.15 43.12 -37.37
CA ASP B 683 0.06 43.25 -38.83
C ASP B 683 1.03 44.31 -39.32
N THR B 684 2.31 43.97 -39.31
CA THR B 684 3.35 44.87 -39.76
C THR B 684 4.40 43.99 -40.41
N PRO B 685 5.01 44.46 -41.52
CA PRO B 685 6.04 43.69 -42.24
C PRO B 685 7.27 43.42 -41.39
N GLU B 686 7.48 44.30 -40.41
CA GLU B 686 8.58 44.19 -39.46
C GLU B 686 8.30 43.01 -38.54
N SER B 687 7.02 42.85 -38.19
CA SER B 687 6.58 41.76 -37.33
C SER B 687 6.77 40.48 -38.12
N ALA B 688 6.11 40.41 -39.27
CA ALA B 688 6.21 39.25 -40.16
C ALA B 688 7.64 38.80 -40.26
N ARG B 689 8.56 39.74 -40.49
CA ARG B 689 9.97 39.38 -40.60
C ARG B 689 10.60 38.74 -39.37
N ILE B 690 10.40 39.33 -38.21
CA ILE B 690 10.97 38.82 -36.96
C ILE B 690 10.32 37.50 -36.56
N ILE B 691 8.99 37.42 -36.72
CA ILE B 691 8.25 36.20 -36.40
C ILE B 691 8.66 35.14 -37.42
N ALA B 692 8.94 35.58 -38.64
CA ALA B 692 9.36 34.72 -39.73
C ALA B 692 10.70 34.08 -39.41
N PHE B 693 11.61 34.90 -38.89
CA PHE B 693 12.93 34.42 -38.52
C PHE B 693 12.78 33.50 -37.31
N ILE B 694 12.22 33.99 -36.22
CA ILE B 694 12.08 33.16 -35.05
C ILE B 694 11.46 31.79 -35.37
N SER B 695 10.37 31.77 -36.15
CA SER B 695 9.70 30.51 -36.49
C SER B 695 10.61 29.50 -37.15
N TRP B 696 11.49 29.97 -38.04
CA TRP B 696 12.43 29.10 -38.74
C TRP B 696 13.42 28.48 -37.76
N LEU B 697 13.82 29.24 -36.76
CA LEU B 697 14.77 28.75 -35.74
C LEU B 697 14.23 27.54 -34.94
N ARG B 698 13.02 27.67 -34.39
CA ARG B 698 12.44 26.60 -33.60
C ARG B 698 12.03 25.40 -34.46
N GLU B 699 11.92 25.61 -35.76
CA GLU B 699 11.55 24.53 -36.68
C GLU B 699 12.76 23.65 -36.90
N GLN B 700 13.91 24.14 -36.45
CA GLN B 700 15.20 23.45 -36.58
C GLN B 700 15.45 22.63 -35.32
N ARG B 701 14.37 22.24 -34.65
CA ARG B 701 14.48 21.48 -33.42
C ARG B 701 13.10 21.04 -32.96
N PRO B 702 13.07 19.94 -32.16
CA PRO B 702 11.83 19.39 -31.62
C PRO B 702 11.44 20.04 -30.28
N PHE B 703 12.45 20.41 -29.49
CA PHE B 703 12.28 21.06 -28.18
C PHE B 703 11.96 22.56 -28.35
N PHE B 704 10.69 22.91 -28.56
CA PHE B 704 10.26 24.30 -28.74
C PHE B 704 11.00 25.23 -27.79
N PRO B 705 11.81 26.14 -28.33
CA PRO B 705 12.52 27.01 -27.39
C PRO B 705 11.70 28.26 -27.06
N ILE B 706 11.58 28.57 -25.78
CA ILE B 706 10.83 29.76 -25.40
C ILE B 706 11.67 30.94 -25.82
N LEU B 707 11.04 32.10 -25.85
CA LEU B 707 11.72 33.35 -26.18
C LEU B 707 11.22 34.41 -25.24
N TYR B 708 12.15 35.25 -24.77
CA TYR B 708 11.74 36.34 -23.91
C TYR B 708 12.60 37.56 -24.18
N VAL B 709 11.93 38.71 -24.27
CA VAL B 709 12.56 40.00 -24.55
C VAL B 709 12.88 40.71 -23.25
N ILE B 710 12.40 40.14 -22.14
CA ILE B 710 12.62 40.69 -20.80
C ILE B 710 14.02 41.29 -20.73
N ALA B 711 14.87 40.82 -21.64
CA ALA B 711 16.22 41.32 -21.73
C ALA B 711 16.11 42.80 -22.09
N ASP B 712 15.85 43.61 -21.08
CA ASP B 712 15.76 45.05 -21.21
C ASP B 712 17.14 45.39 -20.72
N GLU B 713 17.51 46.66 -20.67
CA GLU B 713 18.84 47.01 -20.20
C GLU B 713 18.81 47.24 -18.70
N SER B 714 17.73 46.78 -18.07
CA SER B 714 17.53 46.95 -16.63
C SER B 714 16.40 46.07 -16.08
N PRO B 715 16.30 44.80 -16.55
CA PRO B 715 15.24 43.93 -16.06
C PRO B 715 15.80 42.99 -15.01
N MET B 716 17.08 43.18 -14.71
CA MET B 716 17.76 42.35 -13.73
C MET B 716 17.62 40.90 -14.12
N LYS B 717 17.58 40.67 -15.43
CA LYS B 717 17.49 39.33 -15.97
C LYS B 717 18.45 39.32 -17.14
N ALA B 718 19.38 40.28 -17.08
CA ALA B 718 20.40 40.43 -18.09
C ALA B 718 21.49 39.40 -17.85
N ASN B 719 21.11 38.12 -17.89
CA ASN B 719 22.07 37.05 -17.74
C ASN B 719 22.46 36.75 -19.19
N PHE B 720 21.87 37.55 -20.07
CA PHE B 720 22.10 37.53 -21.52
C PHE B 720 23.60 37.79 -21.68
N LEU B 721 24.07 38.81 -20.97
CA LEU B 721 25.47 39.24 -20.97
C LEU B 721 26.43 38.13 -20.56
N GLN B 722 25.94 37.20 -19.76
CA GLN B 722 26.76 36.09 -19.31
C GLN B 722 27.25 35.29 -20.51
N ASN B 723 26.61 35.51 -21.67
CA ASN B 723 26.99 34.77 -22.88
C ASN B 723 28.00 35.44 -23.80
N MET B 724 28.38 36.68 -23.51
CA MET B 724 29.38 37.37 -24.32
C MET B 724 30.72 36.78 -23.90
N ILE B 725 30.88 35.49 -24.15
CA ILE B 725 32.08 34.77 -23.75
C ILE B 725 33.39 35.40 -24.16
N GLU B 726 33.34 36.37 -25.06
CA GLU B 726 34.55 37.02 -25.56
C GLU B 726 35.10 38.24 -24.81
N ASP B 727 34.35 38.76 -23.86
CA ASP B 727 34.81 39.90 -23.11
C ASP B 727 35.45 39.46 -21.81
N ARG B 728 36.13 40.37 -21.13
CA ARG B 728 36.79 40.03 -19.88
C ARG B 728 35.84 40.25 -18.70
N THR B 729 36.10 39.57 -17.59
CA THR B 729 35.26 39.74 -16.41
C THR B 729 36.18 39.83 -15.20
N GLU B 730 35.68 40.38 -14.11
CA GLU B 730 36.52 40.50 -12.92
C GLU B 730 37.12 39.17 -12.57
N SER B 731 36.49 38.09 -13.05
CA SER B 731 36.96 36.74 -12.73
C SER B 731 37.33 35.79 -13.89
N ALA B 732 37.41 36.31 -15.11
CA ALA B 732 37.76 35.50 -16.28
C ALA B 732 38.51 36.33 -17.30
N LEU B 733 39.27 35.68 -18.18
CA LEU B 733 40.01 36.41 -19.20
C LEU B 733 39.11 36.73 -20.38
N SER B 734 39.59 37.60 -21.25
CA SER B 734 38.84 37.96 -22.44
C SER B 734 39.35 37.02 -23.53
N TYR B 735 38.82 37.12 -24.75
CA TYR B 735 39.29 36.24 -25.81
C TYR B 735 40.75 36.58 -26.10
N TYR B 736 41.04 37.85 -26.38
CA TYR B 736 42.40 38.26 -26.66
C TYR B 736 43.25 37.86 -25.45
N GLU B 737 42.74 38.09 -24.24
CA GLU B 737 43.46 37.74 -23.03
C GLU B 737 43.78 36.26 -23.01
N PHE B 738 42.86 35.45 -23.53
CA PHE B 738 43.03 34.01 -23.59
C PHE B 738 44.06 33.70 -24.66
N LEU B 739 43.82 34.20 -25.87
CA LEU B 739 44.76 33.99 -26.96
C LEU B 739 46.14 34.36 -26.44
N LEU B 740 46.24 35.54 -25.85
CA LEU B 740 47.50 36.04 -25.33
C LEU B 740 48.20 35.03 -24.42
N HIS B 741 47.41 34.43 -23.53
CA HIS B 741 47.92 33.43 -22.57
C HIS B 741 48.40 32.19 -23.32
N ILE B 742 47.53 31.63 -24.16
CA ILE B 742 47.90 30.46 -24.93
C ILE B 742 49.23 30.67 -25.62
N GLN B 743 49.34 31.69 -26.47
CA GLN B 743 50.58 31.95 -27.18
C GLN B 743 51.78 31.94 -26.24
N GLN B 744 51.61 32.49 -25.04
CA GLN B 744 52.71 32.53 -24.07
C GLN B 744 53.18 31.14 -23.66
N GLN B 745 52.27 30.18 -23.71
CA GLN B 745 52.58 28.81 -23.34
C GLN B 745 52.98 27.98 -24.56
N VAL B 746 52.39 28.31 -25.70
CA VAL B 746 52.67 27.60 -26.93
C VAL B 746 54.15 27.62 -27.27
N ASN B 747 54.81 28.75 -27.04
CA ASN B 747 56.22 28.87 -27.35
C ASN B 747 57.15 29.05 -26.15
N LYS B 748 56.64 28.79 -24.96
CA LYS B 748 57.44 28.92 -23.74
C LYS B 748 58.86 28.39 -23.97
N MET C 1 0.42 -23.60 -9.79
CA MET C 1 -0.86 -22.85 -9.91
C MET C 1 -0.59 -21.36 -10.07
N VAL C 2 0.32 -21.03 -10.98
CA VAL C 2 0.68 -19.64 -11.24
C VAL C 2 0.55 -19.33 -12.74
N LEU C 3 1.66 -19.04 -13.41
CA LEU C 3 1.56 -18.69 -14.81
C LEU C 3 2.80 -18.75 -15.72
N LEU C 4 2.49 -18.59 -17.01
CA LEU C 4 3.37 -18.56 -18.18
C LEU C 4 2.51 -19.10 -19.32
N THR C 5 2.16 -18.25 -20.25
CA THR C 5 1.30 -18.64 -21.36
C THR C 5 1.88 -18.24 -22.70
N MET C 6 2.01 -19.20 -23.61
CA MET C 6 2.56 -18.92 -24.93
C MET C 6 1.80 -19.53 -26.09
N ILE C 7 1.54 -18.72 -27.12
CA ILE C 7 0.82 -19.16 -28.30
C ILE C 7 1.78 -19.12 -29.47
N ALA C 8 2.08 -20.26 -30.06
CA ALA C 8 2.99 -20.25 -31.19
C ALA C 8 2.53 -21.07 -32.38
N ARG C 9 2.80 -20.56 -33.58
CA ARG C 9 2.47 -21.25 -34.83
C ARG C 9 3.41 -22.47 -34.86
N VAL C 10 2.86 -23.68 -35.00
CA VAL C 10 3.63 -24.92 -34.97
C VAL C 10 4.79 -25.15 -35.95
N ALA C 11 4.61 -24.82 -37.22
CA ALA C 11 5.67 -24.99 -38.22
C ALA C 11 7.06 -24.54 -37.73
N ASP C 12 7.32 -23.24 -37.81
CA ASP C 12 8.59 -22.69 -37.37
C ASP C 12 8.73 -22.46 -35.85
N GLY C 13 7.62 -22.45 -35.15
CA GLY C 13 7.67 -22.23 -33.72
C GLY C 13 7.69 -20.72 -33.53
N LEU C 14 7.13 -20.02 -34.51
CA LEU C 14 7.08 -18.57 -34.45
C LEU C 14 6.18 -18.17 -33.31
N PRO C 15 6.69 -17.33 -32.39
CA PRO C 15 5.90 -16.87 -31.25
C PRO C 15 4.78 -15.97 -31.76
N LEU C 16 3.60 -16.10 -31.16
CA LEU C 16 2.46 -15.29 -31.57
C LEU C 16 1.97 -14.35 -30.46
N ALA C 17 1.68 -14.92 -29.29
CA ALA C 17 1.22 -14.15 -28.16
C ALA C 17 1.56 -14.86 -26.86
N ALA C 18 2.12 -14.11 -25.92
CA ALA C 18 2.48 -14.66 -24.62
C ALA C 18 2.25 -13.63 -23.51
N SER C 19 2.19 -14.11 -22.28
CA SER C 19 1.99 -13.24 -21.14
C SER C 19 2.81 -13.77 -19.98
N MET C 20 3.47 -12.88 -19.27
CA MET C 20 4.31 -13.26 -18.15
C MET C 20 4.44 -12.15 -17.10
N GLN C 21 4.43 -12.55 -15.83
CA GLN C 21 4.55 -11.62 -14.71
C GLN C 21 5.27 -12.33 -13.57
N GLU C 22 6.46 -11.85 -13.21
CA GLU C 22 7.20 -12.47 -12.11
C GLU C 22 6.84 -11.85 -10.76
N ASP C 23 7.32 -10.63 -10.52
CA ASP C 23 7.05 -9.93 -9.27
C ASP C 23 5.60 -9.47 -9.21
N ASP C 29 13.14 -19.45 -12.17
CA ASP C 29 12.82 -18.22 -12.90
C ASP C 29 12.21 -18.46 -14.27
N LEU C 30 11.79 -17.36 -14.89
CA LEU C 30 11.17 -17.40 -16.21
C LEU C 30 12.19 -17.81 -17.27
N GLN C 31 13.46 -17.52 -16.99
CA GLN C 31 14.54 -17.81 -17.92
C GLN C 31 14.65 -19.28 -18.35
N GLN C 32 14.66 -20.20 -17.38
CA GLN C 32 14.78 -21.62 -17.65
C GLN C 32 13.51 -22.20 -18.28
N TYR C 33 12.37 -21.89 -17.71
CA TYR C 33 11.11 -22.40 -18.20
C TYR C 33 10.59 -21.72 -19.46
N GLN C 34 11.33 -20.74 -19.97
CA GLN C 34 10.90 -20.08 -21.18
C GLN C 34 11.54 -20.79 -22.37
N SER C 35 12.78 -21.22 -22.19
CA SER C 35 13.48 -21.92 -23.26
C SER C 35 12.73 -23.22 -23.54
N GLN C 36 12.54 -24.04 -22.51
CA GLN C 36 11.84 -25.31 -22.66
C GLN C 36 10.55 -25.12 -23.42
N ALA C 37 9.92 -23.98 -23.27
CA ALA C 37 8.68 -23.73 -23.99
C ALA C 37 9.01 -23.58 -25.48
N LYS C 38 10.03 -22.77 -25.75
CA LYS C 38 10.47 -22.53 -27.12
C LYS C 38 11.05 -23.80 -27.72
N GLN C 39 11.58 -24.66 -26.85
CA GLN C 39 12.13 -25.94 -27.26
C GLN C 39 10.97 -26.75 -27.80
N LEU C 40 10.00 -26.97 -26.94
CA LEU C 40 8.82 -27.72 -27.30
C LEU C 40 8.37 -27.21 -28.65
N PHE C 41 8.02 -25.92 -28.70
CA PHE C 41 7.56 -25.27 -29.93
C PHE C 41 8.31 -25.66 -31.21
N ARG C 42 9.63 -25.61 -31.15
CA ARG C 42 10.46 -25.95 -32.30
C ARG C 42 10.21 -27.40 -32.70
N LYS C 43 10.18 -28.28 -31.71
CA LYS C 43 9.98 -29.71 -31.88
C LYS C 43 8.62 -30.16 -32.42
N LEU C 44 7.54 -29.54 -31.93
CA LEU C 44 6.18 -29.93 -32.35
C LEU C 44 6.03 -29.84 -33.85
N ASN C 45 5.32 -30.82 -34.41
CA ASN C 45 5.09 -30.91 -35.85
C ASN C 45 3.72 -31.48 -36.20
N GLU C 46 3.59 -31.99 -37.43
CA GLU C 46 2.33 -32.55 -37.93
C GLU C 46 2.02 -33.98 -37.47
N GLN C 47 2.86 -34.50 -36.59
CA GLN C 47 2.70 -35.85 -36.07
C GLN C 47 2.58 -35.81 -34.55
N SER C 48 2.66 -34.60 -34.01
CA SER C 48 2.58 -34.40 -32.57
C SER C 48 1.18 -34.53 -31.99
N PRO C 49 1.08 -34.95 -30.72
CA PRO C 49 -0.16 -35.15 -29.97
C PRO C 49 -0.92 -33.85 -29.80
N THR C 50 -2.13 -33.82 -30.32
CA THR C 50 -2.99 -32.64 -30.28
C THR C 50 -3.40 -32.10 -28.90
N ARG C 51 -3.00 -32.79 -27.84
CA ARG C 51 -3.31 -32.39 -26.46
C ARG C 51 -2.28 -33.12 -25.60
N CYS C 52 -1.58 -32.40 -24.75
CA CYS C 52 -0.57 -33.07 -23.94
C CYS C 52 -0.26 -32.37 -22.62
N THR C 53 0.33 -33.13 -21.71
CA THR C 53 0.73 -32.62 -20.42
C THR C 53 2.14 -33.16 -20.19
N LEU C 54 3.07 -32.28 -19.87
CA LEU C 54 4.43 -32.71 -19.63
C LEU C 54 4.76 -32.46 -18.17
N GLU C 55 5.59 -33.33 -17.59
CA GLU C 55 5.96 -33.21 -16.19
C GLU C 55 7.41 -32.76 -16.06
N ALA C 56 7.63 -31.55 -15.52
CA ALA C 56 8.98 -31.02 -15.39
C ALA C 56 9.41 -30.82 -13.94
N GLY C 57 9.12 -31.82 -13.10
CA GLY C 57 9.49 -31.72 -11.70
C GLY C 57 8.44 -31.00 -10.89
N ALA C 58 8.80 -29.83 -10.36
CA ALA C 58 7.86 -29.04 -9.56
C ALA C 58 6.81 -28.39 -10.47
N MET C 59 7.13 -28.36 -11.77
CA MET C 59 6.24 -27.76 -12.78
C MET C 59 5.55 -28.79 -13.68
N THR C 60 4.66 -28.29 -14.52
CA THR C 60 3.90 -29.15 -15.42
C THR C 60 3.37 -28.37 -16.62
N PHE C 61 3.89 -28.67 -17.80
CA PHE C 61 3.43 -28.00 -19.00
C PHE C 61 2.08 -28.57 -19.44
N HIS C 62 1.33 -27.77 -20.18
CA HIS C 62 0.02 -28.16 -20.69
C HIS C 62 -0.23 -27.46 -22.01
N TYR C 63 -0.26 -28.21 -23.11
CA TYR C 63 -0.49 -27.58 -24.40
C TYR C 63 -1.48 -28.31 -25.28
N ILE C 64 -2.11 -27.54 -26.15
CA ILE C 64 -3.05 -28.10 -27.09
C ILE C 64 -2.80 -27.39 -28.41
N ILE C 65 -3.03 -28.11 -29.50
CA ILE C 65 -2.79 -27.58 -30.85
C ILE C 65 -4.07 -27.56 -31.69
N GLU C 66 -4.28 -26.48 -32.43
CA GLU C 66 -5.47 -26.36 -33.25
C GLU C 66 -5.18 -25.44 -34.43
N GLN C 67 -5.46 -25.91 -35.65
CA GLN C 67 -5.21 -25.10 -36.84
C GLN C 67 -3.73 -24.70 -36.90
N GLY C 68 -2.85 -25.62 -36.52
CA GLY C 68 -1.42 -25.35 -36.57
C GLY C 68 -0.92 -24.26 -35.63
N VAL C 69 -1.69 -23.96 -34.59
CA VAL C 69 -1.33 -22.95 -33.59
C VAL C 69 -1.30 -23.59 -32.22
N CYS C 70 -0.16 -23.51 -31.55
CA CYS C 70 -0.05 -24.11 -30.23
C CYS C 70 -0.34 -23.20 -29.05
N TYR C 71 -1.14 -23.69 -28.12
CA TYR C 71 -1.46 -22.94 -26.94
C TYR C 71 -0.74 -23.73 -25.85
N LEU C 72 0.28 -23.11 -25.28
CA LEU C 72 1.10 -23.73 -24.25
C LEU C 72 0.91 -23.01 -22.91
N VAL C 73 0.96 -23.76 -21.82
CA VAL C 73 0.82 -23.18 -20.49
C VAL C 73 1.73 -23.88 -19.52
N LEU C 74 2.22 -23.11 -18.56
CA LEU C 74 3.11 -23.61 -17.53
C LEU C 74 2.51 -23.20 -16.19
N CYS C 75 2.68 -24.07 -15.19
CA CYS C 75 2.15 -23.82 -13.86
C CYS C 75 2.70 -24.88 -12.92
N GLU C 76 2.36 -24.81 -11.64
CA GLU C 76 2.85 -25.80 -10.69
C GLU C 76 2.09 -27.10 -10.90
N ALA C 77 2.80 -28.22 -10.77
CA ALA C 77 2.21 -29.55 -10.95
C ALA C 77 0.89 -29.67 -10.21
N ALA C 78 0.83 -29.05 -9.03
CA ALA C 78 -0.35 -29.09 -8.20
C ALA C 78 -1.57 -28.51 -8.91
N PHE C 79 -1.36 -27.53 -9.79
CA PHE C 79 -2.48 -26.90 -10.48
C PHE C 79 -3.38 -27.89 -11.20
N PRO C 80 -4.70 -27.74 -11.04
CA PRO C 80 -5.74 -28.59 -11.65
C PRO C 80 -5.56 -28.87 -13.13
N LYS C 81 -5.00 -30.04 -13.43
CA LYS C 81 -4.77 -30.47 -14.79
C LYS C 81 -6.06 -30.26 -15.57
N LYS C 82 -7.18 -30.34 -14.86
CA LYS C 82 -8.48 -30.14 -15.46
C LYS C 82 -8.70 -28.69 -15.89
N LEU C 83 -8.22 -27.77 -15.05
CA LEU C 83 -8.34 -26.35 -15.29
C LEU C 83 -7.36 -25.77 -16.30
N ALA C 84 -6.17 -26.39 -16.40
CA ALA C 84 -5.15 -25.93 -17.34
C ALA C 84 -5.64 -26.05 -18.78
N PHE C 85 -6.39 -27.10 -19.08
CA PHE C 85 -6.91 -27.32 -20.41
C PHE C 85 -8.13 -26.46 -20.75
N ALA C 86 -8.97 -26.21 -19.75
CA ALA C 86 -10.15 -25.38 -19.98
C ALA C 86 -9.67 -23.97 -20.24
N TYR C 87 -8.49 -23.65 -19.71
CA TYR C 87 -7.88 -22.34 -19.86
C TYR C 87 -7.41 -22.10 -21.29
N LEU C 88 -6.73 -23.09 -21.85
CA LEU C 88 -6.23 -23.01 -23.21
C LEU C 88 -7.41 -22.96 -24.17
N GLU C 89 -8.37 -23.87 -23.98
CA GLU C 89 -9.55 -23.93 -24.82
C GLU C 89 -10.24 -22.58 -24.94
N ASP C 90 -10.33 -21.84 -23.85
CA ASP C 90 -10.96 -20.52 -23.89
C ASP C 90 -10.11 -19.60 -24.77
N LEU C 91 -8.80 -19.75 -24.67
CA LEU C 91 -7.87 -18.95 -25.46
C LEU C 91 -8.05 -19.27 -26.95
N HIS C 92 -7.93 -20.55 -27.29
CA HIS C 92 -8.10 -20.99 -28.67
C HIS C 92 -9.29 -20.25 -29.28
N SER C 93 -10.48 -20.66 -28.88
CA SER C 93 -11.74 -20.09 -29.35
C SER C 93 -11.65 -18.60 -29.68
N GLU C 94 -11.09 -17.83 -28.76
CA GLU C 94 -10.98 -16.42 -28.98
C GLU C 94 -9.97 -16.13 -30.09
N PHE C 95 -8.75 -16.63 -29.93
CA PHE C 95 -7.69 -16.39 -30.91
C PHE C 95 -8.09 -16.74 -32.34
N ASP C 96 -8.62 -17.94 -32.53
CA ASP C 96 -9.02 -18.38 -33.86
C ASP C 96 -10.15 -17.51 -34.40
N GLU C 97 -11.00 -17.02 -33.51
CA GLU C 97 -12.11 -16.19 -33.93
C GLU C 97 -11.67 -14.80 -34.35
N GLN C 98 -10.54 -14.36 -33.83
CA GLN C 98 -10.05 -13.02 -34.17
C GLN C 98 -8.96 -12.98 -35.23
N HIS C 99 -7.91 -13.78 -35.02
CA HIS C 99 -6.77 -13.80 -35.93
C HIS C 99 -6.49 -15.15 -36.57
N GLY C 100 -7.38 -16.11 -36.36
CA GLY C 100 -7.19 -17.44 -36.91
C GLY C 100 -6.91 -17.50 -38.40
N LYS C 101 -7.48 -16.58 -39.16
CA LYS C 101 -7.31 -16.59 -40.61
C LYS C 101 -6.14 -15.78 -41.16
N LYS C 102 -5.36 -15.16 -40.28
CA LYS C 102 -4.22 -14.36 -40.73
C LYS C 102 -2.91 -15.00 -40.27
N VAL C 103 -3.02 -15.91 -39.30
CA VAL C 103 -1.87 -16.63 -38.73
C VAL C 103 -0.87 -17.22 -39.73
N PRO C 104 -1.36 -17.83 -40.82
CA PRO C 104 -0.46 -18.44 -41.80
C PRO C 104 0.25 -17.48 -42.78
N THR C 105 0.00 -16.18 -42.65
CA THR C 105 0.62 -15.23 -43.55
C THR C 105 1.69 -14.34 -42.90
N VAL C 106 1.58 -14.14 -41.58
CA VAL C 106 2.54 -13.30 -40.84
C VAL C 106 3.97 -13.85 -40.82
N SER C 107 4.90 -13.00 -40.39
CA SER C 107 6.30 -13.37 -40.33
C SER C 107 7.10 -12.79 -39.16
N ARG C 108 6.60 -11.72 -38.56
CA ARG C 108 7.28 -11.06 -37.42
C ARG C 108 6.95 -11.73 -36.10
N PRO C 109 7.92 -11.79 -35.18
CA PRO C 109 7.62 -12.43 -33.89
C PRO C 109 6.45 -11.71 -33.21
N TYR C 110 5.80 -12.41 -32.30
CA TYR C 110 4.67 -11.87 -31.55
C TYR C 110 3.78 -10.89 -32.32
N SER C 111 3.41 -11.24 -33.56
CA SER C 111 2.57 -10.35 -34.37
C SER C 111 1.22 -10.00 -33.76
N PHE C 112 0.85 -10.67 -32.68
CA PHE C 112 -0.40 -10.41 -31.98
C PHE C 112 -0.13 -10.24 -30.50
N ILE C 113 0.62 -9.21 -30.12
CA ILE C 113 0.92 -8.96 -28.72
C ILE C 113 -0.30 -8.36 -28.04
N GLU C 114 -1.12 -7.65 -28.82
CA GLU C 114 -2.32 -7.04 -28.29
C GLU C 114 -3.30 -8.10 -27.75
N PHE C 115 -2.94 -9.39 -27.90
CA PHE C 115 -3.75 -10.50 -27.40
C PHE C 115 -3.32 -10.62 -25.94
N ASP C 116 -2.31 -9.84 -25.60
CA ASP C 116 -1.73 -9.74 -24.26
C ASP C 116 -2.92 -9.54 -23.31
N THR C 117 -3.76 -8.57 -23.67
CA THR C 117 -4.97 -8.20 -22.95
C THR C 117 -5.82 -9.41 -22.56
N PHE C 118 -6.56 -9.94 -23.53
CA PHE C 118 -7.45 -11.07 -23.31
C PHE C 118 -6.82 -12.19 -22.51
N ILE C 119 -5.52 -12.41 -22.69
CA ILE C 119 -4.81 -13.46 -21.97
C ILE C 119 -4.81 -13.19 -20.47
N GLN C 120 -4.64 -11.92 -20.10
CA GLN C 120 -4.59 -11.50 -18.69
C GLN C 120 -5.93 -11.29 -17.98
N LYS C 121 -7.00 -11.03 -18.73
CA LYS C 121 -8.31 -10.85 -18.11
C LYS C 121 -8.93 -12.23 -17.94
N THR C 122 -8.36 -13.20 -18.66
CA THR C 122 -8.81 -14.58 -18.64
C THR C 122 -8.00 -15.42 -17.66
N LYS C 123 -6.68 -15.24 -17.68
CA LYS C 123 -5.84 -16.00 -16.78
C LYS C 123 -6.33 -15.92 -15.34
N LYS C 124 -6.78 -14.72 -14.95
CA LYS C 124 -7.27 -14.48 -13.58
C LYS C 124 -8.54 -15.24 -13.21
N LEU C 125 -9.42 -15.46 -14.19
CA LEU C 125 -10.65 -16.16 -13.92
C LEU C 125 -10.32 -17.61 -13.53
N TYR C 126 -9.07 -18.00 -13.71
CA TYR C 126 -8.67 -19.37 -13.37
C TYR C 126 -7.70 -19.49 -12.19
N ILE C 127 -7.00 -18.41 -11.87
CA ILE C 127 -6.03 -18.41 -10.76
C ILE C 127 -6.64 -17.83 -9.49
N ASP C 128 -7.86 -18.24 -9.19
CA ASP C 128 -8.55 -17.76 -8.01
C ASP C 128 -9.72 -18.68 -7.70
N SER C 129 -9.53 -19.57 -6.74
CA SER C 129 -10.55 -20.56 -6.37
C SER C 129 -11.93 -20.02 -5.98
N ARG C 130 -12.07 -18.70 -5.97
CA ARG C 130 -13.35 -18.10 -5.62
C ARG C 130 -14.08 -17.45 -6.81
N ILE C 148 -5.61 -36.61 -24.41
CA ILE C 148 -4.56 -36.20 -23.48
C ILE C 148 -3.53 -37.31 -23.30
N MET C 149 -2.30 -36.92 -22.94
CA MET C 149 -1.23 -37.87 -22.75
C MET C 149 -0.26 -37.26 -21.74
N VAL C 150 0.49 -38.10 -21.04
CA VAL C 150 1.45 -37.61 -20.06
C VAL C 150 2.86 -38.11 -20.26
N ALA C 151 3.82 -37.21 -20.18
CA ALA C 151 5.22 -37.59 -20.36
C ALA C 151 6.16 -36.60 -19.68
N ASN C 152 7.36 -37.09 -19.36
CA ASN C 152 8.37 -36.27 -18.71
C ASN C 152 8.96 -35.35 -19.77
N ILE C 153 8.64 -34.07 -19.70
CA ILE C 153 9.16 -33.14 -20.70
C ILE C 153 10.64 -33.38 -21.02
N GLU C 154 11.41 -33.75 -19.99
CA GLU C 154 12.85 -34.01 -20.16
C GLU C 154 13.06 -34.90 -21.38
N GLU C 155 12.11 -35.81 -21.58
CA GLU C 155 12.14 -36.77 -22.68
C GLU C 155 11.95 -36.12 -24.05
N VAL C 156 10.74 -35.64 -24.33
CA VAL C 156 10.42 -35.02 -25.61
C VAL C 156 11.56 -34.12 -26.08
N LEU C 157 12.22 -33.48 -25.14
CA LEU C 157 13.32 -32.58 -25.44
C LEU C 157 14.62 -33.34 -25.66
N ALA D 4 23.97 -8.81 -26.43
CA ALA D 4 24.26 -10.24 -26.80
C ALA D 4 23.08 -10.80 -27.60
N CYS D 5 22.15 -9.87 -27.87
CA CYS D 5 20.93 -10.04 -28.72
C CYS D 5 21.39 -9.35 -30.01
N GLU D 6 22.33 -8.42 -29.90
CA GLU D 6 22.85 -7.76 -31.08
C GLU D 6 23.90 -8.70 -31.66
N GLU D 7 24.91 -9.04 -30.86
CA GLU D 7 26.01 -9.92 -31.32
C GLU D 7 25.50 -11.33 -31.57
N GLU D 8 24.41 -11.72 -30.91
CA GLU D 8 23.83 -13.05 -31.12
C GLU D 8 24.88 -14.17 -31.34
N ASN D 9 26.03 -14.04 -30.67
CA ASN D 9 27.14 -15.00 -30.80
C ASN D 9 26.99 -16.29 -29.99
#